data_2PV1
# 
_entry.id   2PV1 
# 
_audit_conform.dict_name       mmcif_pdbx.dic 
_audit_conform.dict_version    5.377 
_audit_conform.dict_location   http://mmcif.pdb.org/dictionaries/ascii/mmcif_pdbx.dic 
# 
loop_
_database_2.database_id 
_database_2.database_code 
_database_2.pdbx_database_accession 
_database_2.pdbx_DOI 
PDB   2PV1         pdb_00002pv1 10.2210/pdb2pv1/pdb 
RCSB  RCSB042803   ?            ?                   
WWPDB D_1000042803 ?            ?                   
# 
_pdbx_database_status.entry_id                        2PV1 
_pdbx_database_status.deposit_site                    RCSB 
_pdbx_database_status.process_site                    RCSB 
_pdbx_database_status.recvd_initial_deposition_date   2007-05-09 
_pdbx_database_status.status_code                     REL 
_pdbx_database_status.status_code_sf                  REL 
_pdbx_database_status.status_code_mr                  ? 
_pdbx_database_status.SG_entry                        ? 
_pdbx_database_status.pdb_format_compatible           Y 
_pdbx_database_status.status_code_cs                  ? 
_pdbx_database_status.methods_development_category    ? 
_pdbx_database_status.status_code_nmr_data            ? 
# 
loop_
_audit_author.name 
_audit_author.pdbx_ordinal 
'Xu, X.'      1 
'McKay, D.B.' 2 
# 
loop_
_citation.id 
_citation.title 
_citation.journal_abbrev 
_citation.journal_volume 
_citation.page_first 
_citation.page_last 
_citation.year 
_citation.journal_id_ASTM 
_citation.country 
_citation.journal_id_ISSN 
_citation.journal_id_CSD 
_citation.book_publisher 
_citation.pdbx_database_id_PubMed 
_citation.pdbx_database_id_DOI 
primary 
;The Periplasmic Bacterial Molecular Chaperone SurA Adapts its Structure to Bind Peptides in Different Conformations to Assert a Sequence Preference for Aromatic Residues.
;
J.Mol.Biol. 373 367  381  2007 JMOBAK UK 0022-2836 0070 ? 17825319 10.1016/j.jmb.2007.07.069       
1       'Crystallographic structure of SurA, a molecular chaperone that facilitates folding of outer membrane porins' Structure   
10  1489 1498 2002 STRUE6 UK 0969-2126 2005 ? 12429090 '10.1016/S0969-2126(02)00877-8' 
# 
loop_
_citation_author.citation_id 
_citation_author.name 
_citation_author.ordinal 
_citation_author.identifier_ORCID 
primary 'Xu, X.'      1 ? 
primary 'Wang, S.'    2 ? 
primary 'Hu, Y.X.'    3 ? 
primary 'McKay, D.B.' 4 ? 
1       'Bitto, E.'   5 ? 
1       'McKay, D.B.' 6 ? 
# 
_cell.entry_id           2PV1 
_cell.length_a           51.886 
_cell.length_b           98.820 
_cell.length_c           41.053 
_cell.angle_alpha        90.00 
_cell.angle_beta         90.00 
_cell.angle_gamma        90.00 
_cell.Z_PDB              8 
_cell.pdbx_unique_axis   ? 
_cell.length_a_esd       ? 
_cell.length_b_esd       ? 
_cell.length_c_esd       ? 
_cell.angle_alpha_esd    ? 
_cell.angle_beta_esd     ? 
_cell.angle_gamma_esd    ? 
# 
_symmetry.entry_id                         2PV1 
_symmetry.space_group_name_H-M             'C 2 2 2' 
_symmetry.pdbx_full_space_group_name_H-M   ? 
_symmetry.cell_setting                     ? 
_symmetry.Int_Tables_number                21 
_symmetry.space_group_name_Hall            ? 
# 
loop_
_entity.id 
_entity.type 
_entity.src_method 
_entity.pdbx_description 
_entity.formula_weight 
_entity.pdbx_number_of_molecules 
_entity.pdbx_ec 
_entity.pdbx_mutation 
_entity.pdbx_fragment 
_entity.details 
1 polymer man 'Chaperone surA'                10977.320 1   5.2.1.8 ? 'PpiC 1' ? 
2 polymer syn 'Glycosyl transferase, group 1' 920.019   1   ?       ? ?        ? 
3 water   nat water                           18.015    132 ?       ? ?        ? 
# 
_entity_name_com.entity_id   1 
_entity_name_com.name        'Peptidyl-prolyl cis-trans isomerase surA, PPIase surA, Rotamase surA, Survival protein A' 
# 
loop_
_entity_poly.entity_id 
_entity_poly.type 
_entity_poly.nstd_linkage 
_entity_poly.nstd_monomer 
_entity_poly.pdbx_seq_one_letter_code 
_entity_poly.pdbx_seq_one_letter_code_can 
_entity_poly.pdbx_strand_id 
_entity_poly.pdbx_target_identifier 
1 'polypeptide(L)' no no 
;TELNLSHILIPLPENPTSDQVNEAESQARAIVDQARNGADFGKLAIAHSADQQALNGGQMGWGRIQELPGIFAQALSTAK
KGDIVGPIRSGVGFHILKVNDLR
;
;TELNLSHILIPLPENPTSDQVNEAESQARAIVDQARNGADFGKLAIAHSADQQALNGGQMGWGRIQELPGIFAQALSTAK
KGDIVGPIRSGVGFHILKVNDLR
;
A ? 
2 'polypeptide(L)' no no WEYIPNV WEYIPNV B ? 
# 
loop_
_entity_poly_seq.entity_id 
_entity_poly_seq.num 
_entity_poly_seq.mon_id 
_entity_poly_seq.hetero 
1 1   THR n 
1 2   GLU n 
1 3   LEU n 
1 4   ASN n 
1 5   LEU n 
1 6   SER n 
1 7   HIS n 
1 8   ILE n 
1 9   LEU n 
1 10  ILE n 
1 11  PRO n 
1 12  LEU n 
1 13  PRO n 
1 14  GLU n 
1 15  ASN n 
1 16  PRO n 
1 17  THR n 
1 18  SER n 
1 19  ASP n 
1 20  GLN n 
1 21  VAL n 
1 22  ASN n 
1 23  GLU n 
1 24  ALA n 
1 25  GLU n 
1 26  SER n 
1 27  GLN n 
1 28  ALA n 
1 29  ARG n 
1 30  ALA n 
1 31  ILE n 
1 32  VAL n 
1 33  ASP n 
1 34  GLN n 
1 35  ALA n 
1 36  ARG n 
1 37  ASN n 
1 38  GLY n 
1 39  ALA n 
1 40  ASP n 
1 41  PHE n 
1 42  GLY n 
1 43  LYS n 
1 44  LEU n 
1 45  ALA n 
1 46  ILE n 
1 47  ALA n 
1 48  HIS n 
1 49  SER n 
1 50  ALA n 
1 51  ASP n 
1 52  GLN n 
1 53  GLN n 
1 54  ALA n 
1 55  LEU n 
1 56  ASN n 
1 57  GLY n 
1 58  GLY n 
1 59  GLN n 
1 60  MET n 
1 61  GLY n 
1 62  TRP n 
1 63  GLY n 
1 64  ARG n 
1 65  ILE n 
1 66  GLN n 
1 67  GLU n 
1 68  LEU n 
1 69  PRO n 
1 70  GLY n 
1 71  ILE n 
1 72  PHE n 
1 73  ALA n 
1 74  GLN n 
1 75  ALA n 
1 76  LEU n 
1 77  SER n 
1 78  THR n 
1 79  ALA n 
1 80  LYS n 
1 81  LYS n 
1 82  GLY n 
1 83  ASP n 
1 84  ILE n 
1 85  VAL n 
1 86  GLY n 
1 87  PRO n 
1 88  ILE n 
1 89  ARG n 
1 90  SER n 
1 91  GLY n 
1 92  VAL n 
1 93  GLY n 
1 94  PHE n 
1 95  HIS n 
1 96  ILE n 
1 97  LEU n 
1 98  LYS n 
1 99  VAL n 
1 100 ASN n 
1 101 ASP n 
1 102 LEU n 
1 103 ARG n 
2 1   TRP n 
2 2   GLU n 
2 3   TYR n 
2 4   ILE n 
2 5   PRO n 
2 6   ASN n 
2 7   VAL n 
# 
_entity_src_gen.entity_id                          1 
_entity_src_gen.pdbx_src_id                        1 
_entity_src_gen.pdbx_alt_source_flag               sample 
_entity_src_gen.pdbx_seq_type                      ? 
_entity_src_gen.pdbx_beg_seq_num                   ? 
_entity_src_gen.pdbx_end_seq_num                   ? 
_entity_src_gen.gene_src_common_name               ? 
_entity_src_gen.gene_src_genus                     Escherichia 
_entity_src_gen.pdbx_gene_src_gene                 surA 
_entity_src_gen.gene_src_species                   ? 
_entity_src_gen.gene_src_strain                    'K-12 EMG2' 
_entity_src_gen.gene_src_tissue                    ? 
_entity_src_gen.gene_src_tissue_fraction           ? 
_entity_src_gen.gene_src_details                   ? 
_entity_src_gen.pdbx_gene_src_fragment             ? 
_entity_src_gen.pdbx_gene_src_scientific_name      'Escherichia coli' 
_entity_src_gen.pdbx_gene_src_ncbi_taxonomy_id     562 
_entity_src_gen.pdbx_gene_src_variant              ? 
_entity_src_gen.pdbx_gene_src_cell_line            ? 
_entity_src_gen.pdbx_gene_src_atcc                 ? 
_entity_src_gen.pdbx_gene_src_organ                ? 
_entity_src_gen.pdbx_gene_src_organelle            ? 
_entity_src_gen.pdbx_gene_src_cell                 ? 
_entity_src_gen.pdbx_gene_src_cellular_location    ? 
_entity_src_gen.host_org_common_name               ? 
_entity_src_gen.pdbx_host_org_scientific_name      'Escherichia coli BL21(DE3)' 
_entity_src_gen.pdbx_host_org_ncbi_taxonomy_id     469008 
_entity_src_gen.host_org_genus                     Escherichia 
_entity_src_gen.pdbx_host_org_gene                 ? 
_entity_src_gen.pdbx_host_org_organ                ? 
_entity_src_gen.host_org_species                   'Escherichia coli' 
_entity_src_gen.pdbx_host_org_tissue               ? 
_entity_src_gen.pdbx_host_org_tissue_fraction      ? 
_entity_src_gen.pdbx_host_org_strain               'BL21 (DE3)' 
_entity_src_gen.pdbx_host_org_variant              ? 
_entity_src_gen.pdbx_host_org_cell_line            ? 
_entity_src_gen.pdbx_host_org_atcc                 ? 
_entity_src_gen.pdbx_host_org_culture_collection   ? 
_entity_src_gen.pdbx_host_org_cell                 ? 
_entity_src_gen.pdbx_host_org_organelle            ? 
_entity_src_gen.pdbx_host_org_cellular_location    ? 
_entity_src_gen.pdbx_host_org_vector_type          plasmid 
_entity_src_gen.pdbx_host_org_vector               ? 
_entity_src_gen.host_org_details                   ? 
_entity_src_gen.expression_system_id               ? 
_entity_src_gen.plasmid_name                       pTYB1 
_entity_src_gen.plasmid_details                    ? 
_entity_src_gen.pdbx_description                   ? 
# 
loop_
_struct_ref.id 
_struct_ref.db_name 
_struct_ref.db_code 
_struct_ref.pdbx_db_accession 
_struct_ref.entity_id 
_struct_ref.pdbx_seq_one_letter_code 
_struct_ref.pdbx_align_begin 
_struct_ref.pdbx_db_isoform 
1 UNP SURA_ECOLI   P0ABZ6 1 
;TELNLSHILIPLPENPTSDQVNEAESQARAIVDQARNGADFGKLAIAHSADQQALNGGQMGWGRIQELPGIFAQALSTAK
KGDIVGPIRSGVGFHILKVNDLR
;
172 ? 
2 UNP Q2RHX9_MOOTA Q2RHX9 2 WEYIPN 171 ? 
# 
loop_
_struct_ref_seq.align_id 
_struct_ref_seq.ref_id 
_struct_ref_seq.pdbx_PDB_id_code 
_struct_ref_seq.pdbx_strand_id 
_struct_ref_seq.seq_align_beg 
_struct_ref_seq.pdbx_seq_align_beg_ins_code 
_struct_ref_seq.seq_align_end 
_struct_ref_seq.pdbx_seq_align_end_ins_code 
_struct_ref_seq.pdbx_db_accession 
_struct_ref_seq.db_align_beg 
_struct_ref_seq.pdbx_db_align_beg_ins_code 
_struct_ref_seq.db_align_end 
_struct_ref_seq.pdbx_db_align_end_ins_code 
_struct_ref_seq.pdbx_auth_seq_align_beg 
_struct_ref_seq.pdbx_auth_seq_align_end 
1 1 2PV1 A 1 ? 103 ? P0ABZ6 172 ? 274 ? 172 274 
2 2 2PV1 B 1 ? 5   ? Q2RHX9 171 ? 175 ? 1   5   
# 
loop_
_chem_comp.id 
_chem_comp.type 
_chem_comp.mon_nstd_flag 
_chem_comp.name 
_chem_comp.pdbx_synonyms 
_chem_comp.formula 
_chem_comp.formula_weight 
ALA 'L-peptide linking' y ALANINE         ? 'C3 H7 N O2'     89.093  
ARG 'L-peptide linking' y ARGININE        ? 'C6 H15 N4 O2 1' 175.209 
ASN 'L-peptide linking' y ASPARAGINE      ? 'C4 H8 N2 O3'    132.118 
ASP 'L-peptide linking' y 'ASPARTIC ACID' ? 'C4 H7 N O4'     133.103 
GLN 'L-peptide linking' y GLUTAMINE       ? 'C5 H10 N2 O3'   146.144 
GLU 'L-peptide linking' y 'GLUTAMIC ACID' ? 'C5 H9 N O4'     147.129 
GLY 'peptide linking'   y GLYCINE         ? 'C2 H5 N O2'     75.067  
HIS 'L-peptide linking' y HISTIDINE       ? 'C6 H10 N3 O2 1' 156.162 
HOH non-polymer         . WATER           ? 'H2 O'           18.015  
ILE 'L-peptide linking' y ISOLEUCINE      ? 'C6 H13 N O2'    131.173 
LEU 'L-peptide linking' y LEUCINE         ? 'C6 H13 N O2'    131.173 
LYS 'L-peptide linking' y LYSINE          ? 'C6 H15 N2 O2 1' 147.195 
MET 'L-peptide linking' y METHIONINE      ? 'C5 H11 N O2 S'  149.211 
PHE 'L-peptide linking' y PHENYLALANINE   ? 'C9 H11 N O2'    165.189 
PRO 'L-peptide linking' y PROLINE         ? 'C5 H9 N O2'     115.130 
SER 'L-peptide linking' y SERINE          ? 'C3 H7 N O3'     105.093 
THR 'L-peptide linking' y THREONINE       ? 'C4 H9 N O3'     119.119 
TRP 'L-peptide linking' y TRYPTOPHAN      ? 'C11 H12 N2 O2'  204.225 
TYR 'L-peptide linking' y TYROSINE        ? 'C9 H11 N O3'    181.189 
VAL 'L-peptide linking' y VALINE          ? 'C5 H11 N O2'    117.146 
# 
_exptl.crystals_number   1 
_exptl.entry_id          2PV1 
_exptl.method            'X-RAY DIFFRACTION' 
# 
_exptl_crystal.id                    1 
_exptl_crystal.density_Matthews      2.21 
_exptl_crystal.density_meas          ? 
_exptl_crystal.density_percent_sol   44.36 
_exptl_crystal.description           ? 
_exptl_crystal.F_000                 ? 
_exptl_crystal.preparation           ? 
# 
_exptl_crystal_grow.crystal_id      1 
_exptl_crystal_grow.method          'VAPOR DIFFUSION, SITTING DROP' 
_exptl_crystal_grow.pH              6.5 
_exptl_crystal_grow.temp            298 
_exptl_crystal_grow.temp_details    ? 
_exptl_crystal_grow.pdbx_details    
;25~28% polyethylene glycol monomethylether 5000, 0.2 M ammonium sulfate, 0.1 M MES buffer, pH 6.5, VAPOR DIFFUSION, SITTING DROP, temperature 298K
;
_exptl_crystal_grow.pdbx_pH_range   . 
# 
_diffrn.id                     1 
_diffrn.ambient_temp           100 
_diffrn.ambient_temp_details   ? 
_diffrn.crystal_id             1 
# 
_diffrn_detector.diffrn_id              1 
_diffrn_detector.detector               CCD 
_diffrn_detector.type                   'MARMOSAIC 325 mm CCD' 
_diffrn_detector.pdbx_collection_date   2007-02-07 
_diffrn_detector.details                ? 
# 
_diffrn_radiation.diffrn_id                        1 
_diffrn_radiation.wavelength_id                    1 
_diffrn_radiation.pdbx_diffrn_protocol             'SINGLE WAVELENGTH' 
_diffrn_radiation.monochromator                    ? 
_diffrn_radiation.pdbx_monochromatic_or_laue_m_l   M 
_diffrn_radiation.pdbx_scattering_type             x-ray 
# 
_diffrn_radiation_wavelength.id           1 
_diffrn_radiation_wavelength.wavelength   1.0 
_diffrn_radiation_wavelength.wt           1.0 
# 
_diffrn_source.diffrn_id                   1 
_diffrn_source.source                      SYNCHROTRON 
_diffrn_source.type                        'SSRL BEAMLINE BL9-2' 
_diffrn_source.pdbx_wavelength             ? 
_diffrn_source.pdbx_wavelength_list        1.0 
_diffrn_source.pdbx_synchrotron_site       SSRL 
_diffrn_source.pdbx_synchrotron_beamline   BL9-2 
# 
_reflns.entry_id                     2PV1 
_reflns.d_resolution_high            1.290 
_reflns.d_resolution_low             50.000 
_reflns.number_obs                   26586 
_reflns.pdbx_Rmerge_I_obs            ? 
_reflns.pdbx_netI_over_sigmaI        39.700 
_reflns.pdbx_chi_squared             2.508 
_reflns.pdbx_redundancy              4.500 
_reflns.percent_possible_obs         98.400 
_reflns.observed_criterion_sigma_F   ? 
_reflns.observed_criterion_sigma_I   ? 
_reflns.number_all                   ? 
_reflns.pdbx_Rsym_value              0.034 
_reflns.B_iso_Wilson_estimate        ? 
_reflns.R_free_details               ? 
_reflns.limit_h_max                  ? 
_reflns.limit_h_min                  ? 
_reflns.limit_k_max                  ? 
_reflns.limit_k_min                  ? 
_reflns.limit_l_max                  ? 
_reflns.limit_l_min                  ? 
_reflns.observed_criterion_F_max     ? 
_reflns.observed_criterion_F_min     ? 
_reflns.pdbx_scaling_rejects         ? 
_reflns.pdbx_diffrn_id               1 
_reflns.pdbx_ordinal                 1 
# 
_reflns_shell.d_res_high             1.29 
_reflns_shell.d_res_low              1.34 
_reflns_shell.number_measured_obs    ? 
_reflns_shell.number_measured_all    ? 
_reflns_shell.number_unique_obs      ? 
_reflns_shell.Rmerge_I_obs           ? 
_reflns_shell.meanI_over_sigI_obs    ? 
_reflns_shell.pdbx_Rsym_value        0.126 
_reflns_shell.pdbx_chi_squared       2.009 
_reflns_shell.pdbx_redundancy        3.50 
_reflns_shell.percent_possible_obs   ? 
_reflns_shell.number_unique_all      2504 
_reflns_shell.percent_possible_all   93.80 
_reflns_shell.pdbx_diffrn_id         ? 
_reflns_shell.pdbx_ordinal           1 
# 
_refine.entry_id                                 2PV1 
_refine.ls_d_res_high                            1.300 
_refine.ls_d_res_low                             41.05 
_refine.pdbx_ls_sigma_F                          0.00 
_refine.ls_percent_reflns_obs                    97.900 
_refine.ls_number_reflns_obs                     25854 
_refine.ls_R_factor_R_work                       0.226 
_refine.ls_R_factor_R_free                       0.243 
_refine.ls_percent_reflns_R_free                 9.700 
_refine.ls_number_reflns_R_free                  2552 
_refine.B_iso_mean                               19.142 
_refine.solvent_model_param_bsol                 44.380 
_refine.aniso_B[1][1]                            -0.554 
_refine.aniso_B[2][2]                            -0.670 
_refine.aniso_B[3][3]                            1.225 
_refine.aniso_B[1][2]                            0.000 
_refine.aniso_B[1][3]                            0.000 
_refine.aniso_B[2][3]                            0.000 
_refine.pdbx_ls_sigma_I                          ? 
_refine.ls_number_reflns_all                     ? 
_refine.ls_R_factor_all                          ? 
_refine.ls_R_factor_obs                          ? 
_refine.ls_redundancy_reflns_obs                 ? 
_refine.pdbx_data_cutoff_high_absF               ? 
_refine.pdbx_data_cutoff_low_absF                ? 
_refine.ls_number_parameters                     ? 
_refine.ls_number_restraints                     ? 
_refine.ls_R_factor_R_free_error                 ? 
_refine.ls_R_factor_R_free_error_details         ? 
_refine.pdbx_method_to_determine_struct          'MOLECULAR REPLACEMENT' 
_refine.pdbx_starting_model                      'PDB ENTRY 1M5Y' 
_refine.pdbx_ls_cross_valid_method               THROUGHOUT 
_refine.pdbx_R_Free_selection_details            Random 
_refine.pdbx_stereochem_target_val_spec_case     ? 
_refine.pdbx_stereochemistry_target_values       ? 
_refine.solvent_model_details                    ? 
_refine.solvent_model_param_ksol                 ? 
_refine.occupancy_max                            ? 
_refine.occupancy_min                            ? 
_refine.pdbx_isotropic_thermal_model             ? 
_refine.details                                  ? 
_refine.B_iso_min                                ? 
_refine.B_iso_max                                ? 
_refine.correlation_coeff_Fo_to_Fc               ? 
_refine.correlation_coeff_Fo_to_Fc_free          ? 
_refine.pdbx_solvent_vdw_probe_radii             ? 
_refine.pdbx_solvent_ion_probe_radii             ? 
_refine.pdbx_solvent_shrinkage_radii             ? 
_refine.overall_SU_R_Cruickshank_DPI             ? 
_refine.overall_SU_R_free                        ? 
_refine.overall_SU_ML                            ? 
_refine.overall_SU_B                             ? 
_refine.pdbx_overall_ESU_R_Free                  ? 
_refine.pdbx_data_cutoff_high_rms_absF           ? 
_refine.pdbx_overall_ESU_R                       ? 
_refine.ls_wR_factor_R_free                      ? 
_refine.ls_wR_factor_R_work                      ? 
_refine.overall_FOM_free_R_set                   ? 
_refine.overall_FOM_work_R_set                   ? 
_refine.pdbx_refine_id                           'X-RAY DIFFRACTION' 
_refine.pdbx_diffrn_id                           1 
_refine.pdbx_TLS_residual_ADP_flag               ? 
_refine.pdbx_overall_phase_error                 ? 
_refine.pdbx_overall_SU_R_free_Cruickshank_DPI   ? 
_refine.pdbx_overall_SU_R_Blow_DPI               ? 
_refine.pdbx_overall_SU_R_free_Blow_DPI          ? 
# 
_refine_analyze.entry_id                        2PV1 
_refine_analyze.Luzzati_coordinate_error_obs    0.17 
_refine_analyze.Luzzati_sigma_a_obs             0.08 
_refine_analyze.Luzzati_d_res_low_obs           5.0 
_refine_analyze.Luzzati_coordinate_error_free   0.19 
_refine_analyze.Luzzati_sigma_a_free            0.12 
_refine_analyze.Luzzati_d_res_low_free          ? 
_refine_analyze.number_disordered_residues      ? 
_refine_analyze.occupancy_sum_non_hydrogen      ? 
_refine_analyze.occupancy_sum_hydrogen          ? 
_refine_analyze.pdbx_Luzzati_d_res_high_obs     ? 
_refine_analyze.pdbx_refine_id                  'X-RAY DIFFRACTION' 
# 
_refine_hist.pdbx_refine_id                   'X-RAY DIFFRACTION' 
_refine_hist.cycle_id                         LAST 
_refine_hist.pdbx_number_atoms_protein        839 
_refine_hist.pdbx_number_atoms_nucleic_acid   0 
_refine_hist.pdbx_number_atoms_ligand         0 
_refine_hist.number_atoms_solvent             132 
_refine_hist.number_atoms_total               971 
_refine_hist.d_res_high                       1.300 
_refine_hist.d_res_low                        41.05 
# 
loop_
_refine_ls_restr.type 
_refine_ls_restr.number 
_refine_ls_restr.dev_ideal 
_refine_ls_restr.dev_ideal_target 
_refine_ls_restr.weight 
_refine_ls_restr.pdbx_refine_id 
_refine_ls_restr.pdbx_restraint_function 
c_bond_d           ? 0.009 ? ? 'X-RAY DIFFRACTION' ? 
c_angle_d          ? 1.58  ? ? 'X-RAY DIFFRACTION' ? 
c_dihedral_angle_d ? 23.6  ? ? 'X-RAY DIFFRACTION' ? 
c_improper_angle_d ? 1.06  ? ? 'X-RAY DIFFRACTION' ? 
# 
_refine_ls_shell.d_res_high                       1.30 
_refine_ls_shell.d_res_low                        1.38 
_refine_ls_shell.number_reflns_obs                3770 
_refine_ls_shell.number_reflns_R_free             419 
_refine_ls_shell.R_factor_R_work                  0.250 
_refine_ls_shell.R_factor_R_free                  0.293 
_refine_ls_shell.R_factor_R_free_error            0.014 
_refine_ls_shell.percent_reflns_obs               96.7 
_refine_ls_shell.percent_reflns_R_free            ? 
_refine_ls_shell.pdbx_total_number_of_bins_used   ? 
_refine_ls_shell.number_reflns_R_work             ? 
_refine_ls_shell.redundancy_reflns_obs            ? 
_refine_ls_shell.number_reflns_all                ? 
_refine_ls_shell.R_factor_all                     ? 
_refine_ls_shell.pdbx_refine_id                   'X-RAY DIFFRACTION' 
# 
loop_
_pdbx_xplor_file.serial_no 
_pdbx_xplor_file.param_file 
_pdbx_xplor_file.topol_file 
_pdbx_xplor_file.pdbx_refine_id 
1 CNS_TOPPAR:protein_rep.param ? 'X-RAY DIFFRACTION' 
2 CNS_TOPPAR:water_rep.param   ? 'X-RAY DIFFRACTION' 
# 
_struct.entry_id                  2PV1 
_struct.title                     
'Crystallographic Structure of SurA first peptidyl-prolyl isomerase domain complexed with peptide WEYIPNV' 
_struct.pdbx_model_details        ? 
_struct.pdbx_CASP_flag            ? 
_struct.pdbx_model_type_details   ? 
# 
_struct_keywords.entry_id        2PV1 
_struct_keywords.pdbx_keywords   ISOMERASE 
_struct_keywords.text            'Survival protein A, Peptidyl-prolyl cis-trans isomerase domain, Complex, Isomerase' 
# 
loop_
_struct_asym.id 
_struct_asym.pdbx_blank_PDB_chainid_flag 
_struct_asym.pdbx_modified 
_struct_asym.entity_id 
_struct_asym.details 
A N N 1 ? 
B N N 2 ? 
C N N 3 ? 
D N N 3 ? 
# 
_struct_biol.id        1 
_struct_biol.details   ? 
# 
loop_
_struct_conf.conf_type_id 
_struct_conf.id 
_struct_conf.pdbx_PDB_helix_id 
_struct_conf.beg_label_comp_id 
_struct_conf.beg_label_asym_id 
_struct_conf.beg_label_seq_id 
_struct_conf.pdbx_beg_PDB_ins_code 
_struct_conf.end_label_comp_id 
_struct_conf.end_label_asym_id 
_struct_conf.end_label_seq_id 
_struct_conf.pdbx_end_PDB_ins_code 
_struct_conf.beg_auth_comp_id 
_struct_conf.beg_auth_asym_id 
_struct_conf.beg_auth_seq_id 
_struct_conf.end_auth_comp_id 
_struct_conf.end_auth_asym_id 
_struct_conf.end_auth_seq_id 
_struct_conf.pdbx_PDB_helix_class 
_struct_conf.details 
_struct_conf.pdbx_PDB_helix_length 
HELX_P HELX_P1 1 THR A 17 ? ASN A 37 ? THR A 188 ASN A 208 1 ? 21 
HELX_P HELX_P2 2 ASP A 40 ? SER A 49 ? ASP A 211 SER A 220 1 ? 10 
HELX_P HELX_P3 3 GLN A 53 ? GLY A 57 ? GLN A 224 GLY A 228 5 ? 5  
HELX_P HELX_P4 4 ARG A 64 ? LEU A 68 ? ARG A 235 LEU A 239 5 ? 5  
HELX_P HELX_P5 5 PRO A 69 ? LEU A 76 ? PRO A 240 LEU A 247 1 ? 8  
# 
_struct_conf_type.id          HELX_P 
_struct_conf_type.criteria    ? 
_struct_conf_type.reference   ? 
# 
_struct_mon_prot_cis.pdbx_id                1 
_struct_mon_prot_cis.label_comp_id          GLY 
_struct_mon_prot_cis.label_seq_id           86 
_struct_mon_prot_cis.label_asym_id          A 
_struct_mon_prot_cis.label_alt_id           . 
_struct_mon_prot_cis.pdbx_PDB_ins_code      ? 
_struct_mon_prot_cis.auth_comp_id           GLY 
_struct_mon_prot_cis.auth_seq_id            257 
_struct_mon_prot_cis.auth_asym_id           A 
_struct_mon_prot_cis.pdbx_label_comp_id_2   PRO 
_struct_mon_prot_cis.pdbx_label_seq_id_2    87 
_struct_mon_prot_cis.pdbx_label_asym_id_2   A 
_struct_mon_prot_cis.pdbx_PDB_ins_code_2    ? 
_struct_mon_prot_cis.pdbx_auth_comp_id_2    PRO 
_struct_mon_prot_cis.pdbx_auth_seq_id_2     258 
_struct_mon_prot_cis.pdbx_auth_asym_id_2    A 
_struct_mon_prot_cis.pdbx_PDB_model_num     1 
_struct_mon_prot_cis.pdbx_omega_angle       0.29 
# 
_struct_sheet.id               A 
_struct_sheet.type             ? 
_struct_sheet.number_strands   4 
_struct_sheet.details          ? 
# 
loop_
_struct_sheet_order.sheet_id 
_struct_sheet_order.range_id_1 
_struct_sheet_order.range_id_2 
_struct_sheet_order.offset 
_struct_sheet_order.sense 
A 1 2 ? anti-parallel 
A 2 3 ? anti-parallel 
A 3 4 ? anti-parallel 
# 
loop_
_struct_sheet_range.sheet_id 
_struct_sheet_range.id 
_struct_sheet_range.beg_label_comp_id 
_struct_sheet_range.beg_label_asym_id 
_struct_sheet_range.beg_label_seq_id 
_struct_sheet_range.pdbx_beg_PDB_ins_code 
_struct_sheet_range.end_label_comp_id 
_struct_sheet_range.end_label_asym_id 
_struct_sheet_range.end_label_seq_id 
_struct_sheet_range.pdbx_end_PDB_ins_code 
_struct_sheet_range.beg_auth_comp_id 
_struct_sheet_range.beg_auth_asym_id 
_struct_sheet_range.beg_auth_seq_id 
_struct_sheet_range.end_auth_comp_id 
_struct_sheet_range.end_auth_asym_id 
_struct_sheet_range.end_auth_seq_id 
A 1 GLN A 59 ? GLY A 63  ? GLN A 230 GLY A 234 
A 2 GLU A 2  ? PRO A 11  ? GLU A 173 PRO A 182 
A 3 GLY A 93 ? ARG A 103 ? GLY A 264 ARG A 274 
A 4 ILE A 84 ? SER A 90  ? ILE A 255 SER A 261 
# 
loop_
_pdbx_struct_sheet_hbond.sheet_id 
_pdbx_struct_sheet_hbond.range_id_1 
_pdbx_struct_sheet_hbond.range_id_2 
_pdbx_struct_sheet_hbond.range_1_label_atom_id 
_pdbx_struct_sheet_hbond.range_1_label_comp_id 
_pdbx_struct_sheet_hbond.range_1_label_asym_id 
_pdbx_struct_sheet_hbond.range_1_label_seq_id 
_pdbx_struct_sheet_hbond.range_1_PDB_ins_code 
_pdbx_struct_sheet_hbond.range_1_auth_atom_id 
_pdbx_struct_sheet_hbond.range_1_auth_comp_id 
_pdbx_struct_sheet_hbond.range_1_auth_asym_id 
_pdbx_struct_sheet_hbond.range_1_auth_seq_id 
_pdbx_struct_sheet_hbond.range_2_label_atom_id 
_pdbx_struct_sheet_hbond.range_2_label_comp_id 
_pdbx_struct_sheet_hbond.range_2_label_asym_id 
_pdbx_struct_sheet_hbond.range_2_label_seq_id 
_pdbx_struct_sheet_hbond.range_2_PDB_ins_code 
_pdbx_struct_sheet_hbond.range_2_auth_atom_id 
_pdbx_struct_sheet_hbond.range_2_auth_comp_id 
_pdbx_struct_sheet_hbond.range_2_auth_asym_id 
_pdbx_struct_sheet_hbond.range_2_auth_seq_id 
A 1 2 O MET A 60 ? O MET A 231 N LEU A 5   ? N LEU A 176 
A 2 3 N ASN A 4  ? N ASN A 175 O ASP A 101 ? O ASP A 272 
A 3 4 O LEU A 97 ? O LEU A 268 N VAL A 85  ? N VAL A 256 
# 
_atom_sites.entry_id                    2PV1 
_atom_sites.fract_transf_matrix[1][1]   -0.00245711 
_atom_sites.fract_transf_matrix[1][2]   0.00842360 
_atom_sites.fract_transf_matrix[1][3]   0.01715967 
_atom_sites.fract_transf_matrix[2][1]   -0.00475726 
_atom_sites.fract_transf_matrix[2][2]   -0.00826776 
_atom_sites.fract_transf_matrix[2][3]   0.00337741 
_atom_sites.fract_transf_matrix[3][1]   0.02127370 
_atom_sites.fract_transf_matrix[3][2]   -0.00915967 
_atom_sites.fract_transf_matrix[3][3]   0.00754263 
_atom_sites.fract_transf_vector[1]      0.204177 
_atom_sites.fract_transf_vector[2]      -0.114327 
_atom_sites.fract_transf_vector[3]      -0.264152 
# 
loop_
_atom_type.symbol 
C 
N 
O 
S 
# 
loop_
_atom_site.group_PDB 
_atom_site.id 
_atom_site.type_symbol 
_atom_site.label_atom_id 
_atom_site.label_alt_id 
_atom_site.label_comp_id 
_atom_site.label_asym_id 
_atom_site.label_entity_id 
_atom_site.label_seq_id 
_atom_site.pdbx_PDB_ins_code 
_atom_site.Cartn_x 
_atom_site.Cartn_y 
_atom_site.Cartn_z 
_atom_site.occupancy 
_atom_site.B_iso_or_equiv 
_atom_site.pdbx_formal_charge 
_atom_site.auth_seq_id 
_atom_site.auth_comp_id 
_atom_site.auth_asym_id 
_atom_site.auth_atom_id 
_atom_site.pdbx_PDB_model_num 
ATOM   1   N N   . THR A 1 1   ? -7.497  15.288  10.621  1.00 30.41 ? 172 THR A N   1 
ATOM   2   C CA  . THR A 1 1   ? -6.290  16.094  10.271  1.00 30.28 ? 172 THR A CA  1 
ATOM   3   C C   . THR A 1 1   ? -5.112  15.236  9.823   1.00 26.64 ? 172 THR A C   1 
ATOM   4   O O   . THR A 1 1   ? -4.434  15.586  8.863   1.00 29.12 ? 172 THR A O   1 
ATOM   5   C CB  . THR A 1 1   ? -5.854  16.968  11.439  1.00 32.12 ? 172 THR A CB  1 
ATOM   6   O OG1 . THR A 1 1   ? -6.908  17.888  11.751  1.00 34.40 ? 172 THR A OG1 1 
ATOM   7   C CG2 . THR A 1 1   ? -4.602  17.748  11.077  1.00 31.67 ? 172 THR A CG2 1 
ATOM   8   N N   . GLU A 1 2   ? -4.854  14.128  10.522  1.00 23.31 ? 173 GLU A N   1 
ATOM   9   C CA  . GLU A 1 2   ? -3.773  13.214  10.128  1.00 19.65 ? 173 GLU A CA  1 
ATOM   10  C C   . GLU A 1 2   ? -4.321  11.807  9.988   1.00 16.96 ? 173 GLU A C   1 
ATOM   11  O O   . GLU A 1 2   ? -5.339  11.453  10.607  1.00 16.95 ? 173 GLU A O   1 
ATOM   12  C CB  . GLU A 1 2   ? -2.636  13.181  11.154  1.00 21.85 ? 173 GLU A CB  1 
ATOM   13  C CG  . GLU A 1 2   ? -1.775  14.438  11.167  1.00 24.58 ? 173 GLU A CG  1 
ATOM   14  C CD  . GLU A 1 2   ? -0.476  14.252  11.915  1.00 26.20 ? 173 GLU A CD  1 
ATOM   15  O OE1 . GLU A 1 2   ? -0.468  13.549  12.944  1.00 30.70 ? 173 GLU A OE1 1 
ATOM   16  O OE2 . GLU A 1 2   ? 0.547   14.827  11.480  1.00 33.86 ? 173 GLU A OE2 1 
ATOM   17  N N   . LEU A 1 3   ? -3.631  10.999  9.184   1.00 16.44 ? 174 LEU A N   1 
ATOM   18  C CA  . LEU A 1 3   ? -4.008  9.604   8.977   1.00 15.49 ? 174 LEU A CA  1 
ATOM   19  C C   . LEU A 1 3   ? -2.869  8.715   9.429   1.00 13.94 ? 174 LEU A C   1 
ATOM   20  O O   . LEU A 1 3   ? -1.700  9.114   9.418   1.00 15.38 ? 174 LEU A O   1 
ATOM   21  C CB  . LEU A 1 3   ? -4.274  9.309   7.496   1.00 16.58 ? 174 LEU A CB  1 
ATOM   22  C CG  . LEU A 1 3   ? -5.648  9.642   6.921   1.00 20.95 ? 174 LEU A CG  1 
ATOM   23  C CD1 . LEU A 1 3   ? -5.930  11.120  7.064   1.00 26.70 ? 174 LEU A CD1 1 
ATOM   24  C CD2 . LEU A 1 3   ? -5.716  9.198   5.474   1.00 22.62 ? 174 LEU A CD2 1 
ATOM   25  N N   . ASN A 1 4   ? -3.220  7.508   9.839   1.00 14.73 ? 175 ASN A N   1 
ATOM   26  C CA  . ASN A 1 4   ? -2.222  6.514   10.206  1.00 15.20 ? 175 ASN A CA  1 
ATOM   27  C C   . ASN A 1 4   ? -2.367  5.437   9.124   1.00 11.92 ? 175 ASN A C   1 
ATOM   28  O O   . ASN A 1 4   ? -3.467  4.893   8.926   1.00 13.52 ? 175 ASN A O   1 
ATOM   29  C CB  . ASN A 1 4   ? -2.506  5.942   11.578  1.00 14.69 ? 175 ASN A CB  1 
ATOM   30  C CG  . ASN A 1 4   ? -1.425  5.003   12.030  1.00 16.08 ? 175 ASN A CG  1 
ATOM   31  O OD1 . ASN A 1 4   ? -1.212  3.948   11.420  1.00 14.48 ? 175 ASN A OD1 1 
ATOM   32  N ND2 . ASN A 1 4   ? -0.712  5.378   13.089  1.00 17.58 ? 175 ASN A ND2 1 
ATOM   33  N N   . LEU A 1 5   ? -1.279  5.153   8.421   1.00 12.50 ? 176 LEU A N   1 
ATOM   34  C CA  . LEU A 1 5   ? -1.300  4.206   7.302   1.00 12.05 ? 176 LEU A CA  1 
ATOM   35  C C   . LEU A 1 5   ? -0.304  3.087   7.381   1.00 11.83 ? 176 LEU A C   1 
ATOM   36  O O   . LEU A 1 5   ? 0.707   3.179   8.091   1.00 13.66 ? 176 LEU A O   1 
ATOM   37  C CB  . LEU A 1 5   ? -0.973  4.931   5.994   1.00 12.74 ? 176 LEU A CB  1 
ATOM   38  C CG  . LEU A 1 5   ? -1.804  6.141   5.611   1.00 12.42 ? 176 LEU A CG  1 
ATOM   39  C CD1 . LEU A 1 5   ? -1.211  6.764   4.346   1.00 15.36 ? 176 LEU A CD1 1 
ATOM   40  C CD2 . LEU A 1 5   ? -3.250  5.722   5.393   1.00 14.36 ? 176 LEU A CD2 1 
ATOM   41  N N   . SER A 1 6   ? -0.607  2.030   6.636   1.00 12.26 ? 177 SER A N   1 
ATOM   42  C CA  . SER A 1 6   ? 0.326   0.920   6.427   1.00 11.48 ? 177 SER A CA  1 
ATOM   43  C C   . SER A 1 6   ? 0.352   0.674   4.926   1.00 11.18 ? 177 SER A C   1 
ATOM   44  O O   . SER A 1 6   ? -0.621  0.961   4.226   1.00 11.95 ? 177 SER A O   1 
ATOM   45  C CB  . SER A 1 6   ? -0.077  -0.321  7.194   1.00 13.74 ? 177 SER A CB  1 
ATOM   46  O OG  . SER A 1 6   ? 0.115   -0.089  8.582   1.00 12.94 ? 177 SER A OG  1 
ATOM   47  N N   . HIS A 1 7   ? 1.460   0.107   4.447   1.00 11.66 ? 178 HIS A N   1 
ATOM   48  C CA  . HIS A 1 7   ? 1.738   -0.078  3.029   1.00 12.33 ? 178 HIS A CA  1 
ATOM   49  C C   . HIS A 1 7   ? 2.249   -1.461  2.681   1.00 13.20 ? 178 HIS A C   1 
ATOM   50  O O   . HIS A 1 7   ? 2.899   -2.110  3.497   1.00 13.17 ? 178 HIS A O   1 
ATOM   51  C CB  . HIS A 1 7   ? 2.808   0.983   2.657   1.00 13.76 ? 178 HIS A CB  1 
ATOM   52  C CG  . HIS A 1 7   ? 3.372   0.872   1.273   1.00 12.82 ? 178 HIS A CG  1 
ATOM   53  N ND1 . HIS A 1 7   ? 4.574   0.237   1.009   1.00 15.07 ? 178 HIS A ND1 1 
ATOM   54  C CD2 . HIS A 1 7   ? 2.945   1.370   0.087   1.00 13.05 ? 178 HIS A CD2 1 
ATOM   55  C CE1 . HIS A 1 7   ? 4.848   0.351   -0.276  1.00 14.41 ? 178 HIS A CE1 1 
ATOM   56  N NE2 . HIS A 1 7   ? 3.879   1.032   -0.861  1.00 14.79 ? 178 HIS A NE2 1 
ATOM   57  N N   . ILE A 1 8   ? 1.916   -1.899  1.479   1.00 11.57 ? 179 ILE A N   1 
ATOM   58  C CA  . ILE A 1 8   ? 2.398   -3.143  0.909   1.00 11.84 ? 179 ILE A CA  1 
ATOM   59  C C   . ILE A 1 8   ? 2.841   -2.849  -0.523  1.00 12.26 ? 179 ILE A C   1 
ATOM   60  O O   . ILE A 1 8   ? 2.190   -2.094  -1.269  1.00 12.84 ? 179 ILE A O   1 
ATOM   61  C CB  . ILE A 1 8   ? 1.298   -4.243  0.871   1.00 11.92 ? 179 ILE A CB  1 
ATOM   62  C CG1 . ILE A 1 8   ? 1.058   -4.766  2.270   1.00 12.58 ? 179 ILE A CG1 1 
ATOM   63  C CG2 . ILE A 1 8   ? 1.743   -5.423  -0.046  1.00 12.46 ? 179 ILE A CG2 1 
ATOM   64  C CD1 . ILE A 1 8   ? -0.131  -5.740  2.408   1.00 11.90 ? 179 ILE A CD1 1 
ATOM   65  N N   . LEU A 1 9   ? 3.999   -3.397  -0.894  1.00 14.57 ? 180 LEU A N   1 
ATOM   66  C CA  . LEU A 1 9   ? 4.494   -3.265  -2.255  1.00 14.32 ? 180 LEU A CA  1 
ATOM   67  C C   . LEU A 1 9   ? 4.615   -4.630  -2.896  1.00 13.92 ? 180 LEU A C   1 
ATOM   68  O O   . LEU A 1 9   ? 5.216   -5.532  -2.307  1.00 13.86 ? 180 LEU A O   1 
ATOM   69  C CB  . LEU A 1 9   ? 5.895   -2.639  -2.301  1.00 15.57 ? 180 LEU A CB  1 
ATOM   70  C CG  . LEU A 1 9   ? 6.560   -2.662  -3.697  1.00 14.96 ? 180 LEU A CG  1 
ATOM   71  C CD1 . LEU A 1 9   ? 5.805   -1.736  -4.658  1.00 16.75 ? 180 LEU A CD1 1 
ATOM   72  C CD2 . LEU A 1 9   ? 8.052   -2.233  -3.585  1.00 17.10 ? 180 LEU A CD2 1 
ATOM   73  N N   . ILE A 1 10  ? 4.016   -4.783  -4.073  1.00 13.78 ? 181 ILE A N   1 
ATOM   74  C CA  . ILE A 1 10  ? 4.166   -6.009  -4.877  1.00 14.31 ? 181 ILE A CA  1 
ATOM   75  C C   . ILE A 1 10  ? 5.069   -5.422  -5.985  1.00 17.92 ? 181 ILE A C   1 
ATOM   76  O O   . ILE A 1 10  ? 4.629   -4.667  -6.829  1.00 16.79 ? 181 ILE A O   1 
ATOM   77  C CB  . ILE A 1 10  ? 2.814   -6.500  -5.418  1.00 13.80 ? 181 ILE A CB  1 
ATOM   78  C CG1 . ILE A 1 10  ? 1.881   -6.829  -4.248  1.00 15.85 ? 181 ILE A CG1 1 
ATOM   79  C CG2 . ILE A 1 10  ? 3.037   -7.747  -6.309  1.00 18.40 ? 181 ILE A CG2 1 
ATOM   80  C CD1 . ILE A 1 10  ? 2.463   -7.795  -3.226  1.00 16.03 ? 181 ILE A CD1 1 
ATOM   81  N N   . PRO A 1 11  ? 6.375   -5.773  -5.973  1.00 18.13 ? 182 PRO A N   1 
ATOM   82  C CA  . PRO A 1 11  ? 7.371   -5.273  -6.922  1.00 20.39 ? 182 PRO A CA  1 
ATOM   83  C C   . PRO A 1 11  ? 7.322   -5.595  -8.395  1.00 19.11 ? 182 PRO A C   1 
ATOM   84  O O   . PRO A 1 11  ? 6.851   -6.645  -8.789  1.00 20.34 ? 182 PRO A O   1 
ATOM   85  C CB  . PRO A 1 11  ? 8.675   -5.753  -6.305  1.00 20.19 ? 182 PRO A CB  1 
ATOM   86  C CG  . PRO A 1 11  ? 8.307   -7.109  -5.847  1.00 18.00 ? 182 PRO A CG  1 
ATOM   87  C CD  . PRO A 1 11  ? 6.956   -6.847  -5.144  1.00 19.43 ? 182 PRO A CD  1 
ATOM   88  N N   . LEU A 1 12  ? 7.806   -4.641  -9.186  1.00 19.82 ? 183 LEU A N   1 
ATOM   89  C CA  . LEU A 1 12  ? 7.950   -4.761  -10.637 1.00 20.69 ? 183 LEU A CA  1 
ATOM   90  C C   . LEU A 1 12  ? 9.273   -4.078  -10.982 1.00 23.94 ? 183 LEU A C   1 
ATOM   91  O O   . LEU A 1 12  ? 9.590   -3.000  -10.469 1.00 22.48 ? 183 LEU A O   1 
ATOM   92  C CB  . LEU A 1 12  ? 6.844   -4.042  -11.411 1.00 20.75 ? 183 LEU A CB  1 
ATOM   93  C CG  . LEU A 1 12  ? 5.458   -4.691  -11.521 1.00 20.58 ? 183 LEU A CG  1 
ATOM   94  C CD1 . LEU A 1 12  ? 4.542   -3.821  -12.350 1.00 23.04 ? 183 LEU A CD1 1 
ATOM   95  C CD2 . LEU A 1 12  ? 5.591   -6.059  -12.161 1.00 22.74 ? 183 LEU A CD2 1 
ATOM   96  N N   . PRO A 1 13  ? 10.069  -4.701  -11.856 1.00 25.10 ? 184 PRO A N   1 
ATOM   97  C CA  . PRO A 1 13  ? 11.350  -4.107  -12.247 1.00 24.80 ? 184 PRO A CA  1 
ATOM   98  C C   . PRO A 1 13  ? 11.111  -3.039  -13.305 1.00 25.90 ? 184 PRO A C   1 
ATOM   99  O O   . PRO A 1 13  ? 9.976   -2.828  -13.735 1.00 26.10 ? 184 PRO A O   1 
ATOM   100 C CB  . PRO A 1 13  ? 12.125  -5.303  -12.789 1.00 26.89 ? 184 PRO A CB  1 
ATOM   101 C CG  . PRO A 1 13  ? 11.045  -6.104  -13.455 1.00 24.57 ? 184 PRO A CG  1 
ATOM   102 C CD  . PRO A 1 13  ? 9.896   -6.042  -12.446 1.00 25.12 ? 184 PRO A CD  1 
ATOM   103 N N   . GLU A 1 14  ? 12.168  -2.346  -13.719 1.00 29.17 ? 185 GLU A N   1 
ATOM   104 C CA  . GLU A 1 14  ? 12.008  -1.330  -14.746 1.00 32.35 ? 185 GLU A CA  1 
ATOM   105 C C   . GLU A 1 14  ? 11.672  -2.054  -16.041 1.00 29.01 ? 185 GLU A C   1 
ATOM   106 O O   . GLU A 1 14  ? 12.093  -3.195  -16.250 1.00 32.74 ? 185 GLU A O   1 
ATOM   107 C CB  . GLU A 1 14  ? 13.297  -0.516  -14.939 1.00 32.38 ? 185 GLU A CB  1 
ATOM   108 C CG  . GLU A 1 14  ? 13.093  0.704   -15.837 1.00 37.11 ? 185 GLU A CG  1 
ATOM   109 C CD  . GLU A 1 14  ? 14.375  1.472   -16.119 1.00 38.20 ? 185 GLU A CD  1 
ATOM   110 O OE1 . GLU A 1 14  ? 15.265  0.925   -16.805 1.00 40.38 ? 185 GLU A OE1 1 
ATOM   111 O OE2 . GLU A 1 14  ? 14.488  2.626   -15.655 1.00 39.15 ? 185 GLU A OE2 1 
ATOM   112 N N   . ASN A 1 15  ? 10.911  -1.390  -16.901 1.00 31.28 ? 186 ASN A N   1 
ATOM   113 C CA  . ASN A 1 15  ? 10.518  -1.960  -18.184 1.00 30.20 ? 186 ASN A CA  1 
ATOM   114 C C   . ASN A 1 15  ? 9.999   -3.380  -18.024 1.00 29.45 ? 186 ASN A C   1 
ATOM   115 O O   . ASN A 1 15  ? 10.494  -4.314  -18.651 1.00 29.06 ? 186 ASN A O   1 
ATOM   116 C CB  . ASN A 1 15  ? 11.708  -1.944  -19.147 1.00 32.44 ? 186 ASN A CB  1 
ATOM   117 C CG  . ASN A 1 15  ? 12.198  -0.542  -19.430 1.00 34.30 ? 186 ASN A CG  1 
ATOM   118 O OD1 . ASN A 1 15  ? 11.406  0.350   -19.739 1.00 37.44 ? 186 ASN A OD1 1 
ATOM   119 N ND2 . ASN A 1 15  ? 13.510  -0.339  -19.333 1.00 34.34 ? 186 ASN A ND2 1 
ATOM   120 N N   . PRO A 1 16  ? 8.977   -3.561  -17.178 1.00 27.19 ? 187 PRO A N   1 
ATOM   121 C CA  . PRO A 1 16  ? 8.424   -4.897  -16.965 1.00 25.60 ? 187 PRO A CA  1 
ATOM   122 C C   . PRO A 1 16  ? 7.674   -5.425  -18.181 1.00 24.40 ? 187 PRO A C   1 
ATOM   123 O O   . PRO A 1 16  ? 7.069   -4.665  -18.938 1.00 25.65 ? 187 PRO A O   1 
ATOM   124 C CB  . PRO A 1 16  ? 7.483   -4.685  -15.788 1.00 24.30 ? 187 PRO A CB  1 
ATOM   125 C CG  . PRO A 1 16  ? 6.922   -3.323  -16.107 1.00 26.32 ? 187 PRO A CG  1 
ATOM   126 C CD  . PRO A 1 16  ? 8.178   -2.544  -16.469 1.00 27.21 ? 187 PRO A CD  1 
ATOM   127 N N   . THR A 1 17  ? 7.711   -6.738  -18.352 1.00 23.46 ? 188 THR A N   1 
ATOM   128 C CA  . THR A 1 17  ? 6.991   -7.363  -19.448 1.00 23.49 ? 188 THR A CA  1 
ATOM   129 C C   . THR A 1 17  ? 5.535   -7.512  -19.037 1.00 22.65 ? 188 THR A C   1 
ATOM   130 O O   . THR A 1 17  ? 5.203   -7.397  -17.853 1.00 20.44 ? 188 THR A O   1 
ATOM   131 C CB  . THR A 1 17  ? 7.499   -8.769  -19.740 1.00 23.83 ? 188 THR A CB  1 
ATOM   132 O OG1 . THR A 1 17  ? 7.196   -9.622  -18.630 1.00 23.06 ? 188 THR A OG1 1 
ATOM   133 C CG2 . THR A 1 17  ? 8.997   -8.747  -19.982 1.00 25.34 ? 188 THR A CG2 1 
ATOM   134 N N   . SER A 1 18  ? 4.685   -7.794  -20.014 1.00 20.73 ? 189 SER A N   1 
ATOM   135 C CA  . SER A 1 18  ? 3.258   -7.971  -19.792 1.00 18.54 ? 189 SER A CA  1 
ATOM   136 C C   . SER A 1 18  ? 3.000   -9.084  -18.790 1.00 17.38 ? 189 SER A C   1 
ATOM   137 O O   . SER A 1 18  ? 2.099   -8.985  -17.950 1.00 17.71 ? 189 SER A O   1 
ATOM   138 C CB  . SER A 1 18  ? 2.578   -8.317  -21.120 1.00 20.39 ? 189 SER A CB  1 
ATOM   139 O OG  . SER A 1 18  ? 1.173   -8.419  -20.963 1.00 27.37 ? 189 SER A OG  1 
ATOM   140 N N   . ASP A 1 19  ? 3.781   -10.152 -18.888 1.00 20.00 ? 190 ASP A N   1 
ATOM   141 C CA  . ASP A 1 19  ? 3.627   -11.268 -17.963 1.00 20.00 ? 190 ASP A CA  1 
ATOM   142 C C   . ASP A 1 19  ? 3.920   -10.839 -16.529 1.00 20.00 ? 190 ASP A C   1 
ATOM   143 O O   . ASP A 1 19  ? 3.180   -11.201 -15.602 1.00 17.36 ? 190 ASP A O   1 
ATOM   144 C CB  . ASP A 1 19  ? 4.541   -12.428 -18.363 1.00 20.00 ? 190 ASP A CB  1 
ATOM   145 C CG  . ASP A 1 19  ? 4.066   -13.139 -19.615 1.00 20.00 ? 190 ASP A CG  1 
ATOM   146 O OD1 . ASP A 1 19  ? 2.915   -12.900 -20.034 1.00 20.00 ? 190 ASP A OD1 1 
ATOM   147 O OD2 . ASP A 1 19  ? 4.775   -13.952 -20.245 1.00 20.00 ? 190 ASP A OD2 1 
ATOM   148 N N   . GLN A 1 20  ? 4.972   -10.039 -16.338 1.00 19.10 ? 191 GLN A N   1 
ATOM   149 C CA  . GLN A 1 20  ? 5.343   -9.583  -14.998 1.00 17.68 ? 191 GLN A CA  1 
ATOM   150 C C   . GLN A 1 20  ? 4.238   -8.671  -14.441 1.00 19.48 ? 191 GLN A C   1 
ATOM   151 O O   . GLN A 1 20  ? 3.819   -8.816  -13.287 1.00 18.62 ? 191 GLN A O   1 
ATOM   152 C CB  . GLN A 1 20  ? 6.694   -8.844  -15.033 1.00 20.17 ? 191 GLN A CB  1 
ATOM   153 C CG  . GLN A 1 20  ? 7.901   -9.727  -15.403 1.00 22.91 ? 191 GLN A CG  1 
ATOM   154 C CD  . GLN A 1 20  ? 9.194   -8.933  -15.553 1.00 15.69 ? 191 GLN A CD  1 
ATOM   155 O OE1 . GLN A 1 20  ? 9.241   -7.919  -16.257 1.00 23.44 ? 191 GLN A OE1 1 
ATOM   156 N NE2 . GLN A 1 20  ? 10.252  -9.405  -14.901 1.00 22.62 ? 191 GLN A NE2 1 
ATOM   157 N N   . VAL A 1 21  ? 3.749   -7.756  -15.272 1.00 17.49 ? 192 VAL A N   1 
ATOM   158 C CA  . VAL A 1 21  ? 2.693   -6.845  -14.859 1.00 16.35 ? 192 VAL A CA  1 
ATOM   159 C C   . VAL A 1 21  ? 1.440   -7.608  -14.463 1.00 14.05 ? 192 VAL A C   1 
ATOM   160 O O   . VAL A 1 21  ? 0.865   -7.366  -13.391 1.00 15.58 ? 192 VAL A O   1 
ATOM   161 C CB  . VAL A 1 21  ? 2.357   -5.873  -15.992 1.00 18.31 ? 192 VAL A CB  1 
ATOM   162 C CG1 . VAL A 1 21  ? 1.194   -4.972  -15.584 1.00 17.43 ? 192 VAL A CG1 1 
ATOM   163 C CG2 . VAL A 1 21  ? 3.591   -5.030  -16.314 1.00 20.79 ? 192 VAL A CG2 1 
ATOM   164 N N   . ASN A 1 22  ? 0.989   -8.523  -15.314 1.00 13.32 ? 193 ASN A N   1 
ATOM   165 C CA  . ASN A 1 22  ? -0.224  -9.267  -14.998 1.00 15.82 ? 193 ASN A CA  1 
ATOM   166 C C   . ASN A 1 22  ? -0.122  -10.064 -13.715 1.00 18.14 ? 193 ASN A C   1 
ATOM   167 O O   . ASN A 1 22  ? -1.092  -10.104 -12.939 1.00 15.84 ? 193 ASN A O   1 
ATOM   168 C CB  . ASN A 1 22  ? -0.613  -10.194 -16.157 1.00 18.34 ? 193 ASN A CB  1 
ATOM   169 C CG  . ASN A 1 22  ? -1.017  -9.433  -17.394 1.00 17.21 ? 193 ASN A CG  1 
ATOM   170 O OD1 . ASN A 1 22  ? -1.239  -8.225  -17.348 1.00 18.37 ? 193 ASN A OD1 1 
ATOM   171 N ND2 . ASN A 1 22  ? -1.123  -10.141 -18.514 1.00 18.55 ? 193 ASN A ND2 1 
ATOM   172 N N   . GLU A 1 23  ? 1.049   -10.648 -13.460 1.00 16.96 ? 194 GLU A N   1 
ATOM   173 C CA  . GLU A 1 23  ? 1.215   -11.431 -12.243 1.00 19.01 ? 194 GLU A CA  1 
ATOM   174 C C   . GLU A 1 23  ? 1.148   -10.535 -11.016 1.00 16.59 ? 194 GLU A C   1 
ATOM   175 O O   . GLU A 1 23  ? 0.451   -10.848 -10.055 1.00 16.61 ? 194 GLU A O   1 
ATOM   176 C CB  . GLU A 1 23  ? 2.555   -12.160 -12.256 1.00 21.45 ? 194 GLU A CB  1 
ATOM   177 C CG  . GLU A 1 23  ? 2.776   -13.057 -11.058 1.00 26.81 ? 194 GLU A CG  1 
ATOM   178 C CD  . GLU A 1 23  ? 4.058   -13.843 -11.191 1.00 29.63 ? 194 GLU A CD  1 
ATOM   179 O OE1 . GLU A 1 23  ? 5.140   -13.215 -11.210 1.00 33.03 ? 194 GLU A OE1 1 
ATOM   180 O OE2 . GLU A 1 23  ? 3.986   -15.084 -11.291 1.00 36.01 ? 194 GLU A OE2 1 
ATOM   181 N N   . ALA A 1 24  ? 1.890   -9.446  -11.045 1.00 17.52 ? 195 ALA A N   1 
ATOM   182 C CA  . ALA A 1 24  ? 1.907   -8.535  -9.908  1.00 14.16 ? 195 ALA A CA  1 
ATOM   183 C C   . ALA A 1 24  ? 0.539   -7.901  -9.653  1.00 14.26 ? 195 ALA A C   1 
ATOM   184 O O   . ALA A 1 24  ? 0.105   -7.786  -8.498  1.00 14.38 ? 195 ALA A O   1 
ATOM   185 C CB  . ALA A 1 24  ? 2.949   -7.472  -10.141 1.00 16.59 ? 195 ALA A CB  1 
ATOM   186 N N   . GLU A 1 25  ? -0.163  -7.519  -10.711 1.00 13.48 ? 196 GLU A N   1 
ATOM   187 C CA  . GLU A 1 25  ? -1.468  -6.885  -10.511 1.00 13.13 ? 196 GLU A CA  1 
ATOM   188 C C   . GLU A 1 25  ? -2.447  -7.885  -9.901  1.00 13.20 ? 196 GLU A C   1 
ATOM   189 O O   . GLU A 1 25  ? -3.237  -7.544  -9.022  1.00 13.14 ? 196 GLU A O   1 
ATOM   190 C CB  . GLU A 1 25  ? -2.004  -6.335  -11.835 1.00 13.17 ? 196 GLU A CB  1 
ATOM   191 C CG  . GLU A 1 25  ? -3.301  -5.542  -11.660 1.00 16.12 ? 196 GLU A CG  1 
ATOM   192 C CD  . GLU A 1 25  ? -3.716  -4.778  -12.874 1.00 21.26 ? 196 GLU A CD  1 
ATOM   193 O OE1 . GLU A 1 25  ? -3.056  -4.884  -13.931 1.00 22.25 ? 196 GLU A OE1 1 
ATOM   194 O OE2 . GLU A 1 25  ? -4.723  -4.052  -12.765 1.00 23.55 ? 196 GLU A OE2 1 
ATOM   195 N N   . SER A 1 26  ? -2.390  -9.125  -10.378 1.00 14.58 ? 197 SER A N   1 
ATOM   196 C CA  . SER A 1 26  ? -3.275  -10.165 -9.867  1.00 15.56 ? 197 SER A CA  1 
ATOM   197 C C   . SER A 1 26  ? -3.002  -10.384 -8.379  1.00 13.00 ? 197 SER A C   1 
ATOM   198 O O   . SER A 1 26  ? -3.933  -10.456 -7.566  1.00 13.58 ? 197 SER A O   1 
ATOM   199 C CB  . SER A 1 26  ? -3.032  -11.449 -10.656 1.00 16.67 ? 197 SER A CB  1 
ATOM   200 O OG  . SER A 1 26  ? -3.621  -12.549 -10.003 1.00 21.04 ? 197 SER A OG  1 
ATOM   201 N N   . GLN A 1 27  ? -1.736  -10.472 -8.009  1.00 13.26 ? 198 GLN A N   1 
ATOM   202 C CA  . GLN A 1 27  ? -1.419  -10.674 -6.607  1.00 16.01 ? 198 GLN A CA  1 
ATOM   203 C C   . GLN A 1 27  ? -1.854  -9.458  -5.791  1.00 13.70 ? 198 GLN A C   1 
ATOM   204 O O   . GLN A 1 27  ? -2.428  -9.619  -4.715  1.00 13.35 ? 198 GLN A O   1 
ATOM   205 C CB  . GLN A 1 27  ? 0.082   -10.922 -6.402  1.00 17.82 ? 198 GLN A CB  1 
ATOM   206 C CG  . GLN A 1 27  ? 0.485   -10.884 -4.935  1.00 25.80 ? 198 GLN A CG  1 
ATOM   207 C CD  . GLN A 1 27  ? 1.818   -11.543 -4.637  1.00 25.68 ? 198 GLN A CD  1 
ATOM   208 O OE1 . GLN A 1 27  ? 2.799   -11.380 -5.378  1.00 24.23 ? 198 GLN A OE1 1 
ATOM   209 N NE2 . GLN A 1 27  ? 1.867   -12.277 -3.526  1.00 25.91 ? 198 GLN A NE2 1 
ATOM   210 N N   . ALA A 1 28  ? -1.613  -8.256  -6.303  1.00 12.98 ? 199 ALA A N   1 
ATOM   211 C CA  . ALA A 1 28  ? -2.007  -7.063  -5.555  1.00 12.07 ? 199 ALA A CA  1 
ATOM   212 C C   . ALA A 1 28  ? -3.509  -6.986  -5.367  1.00 10.17 ? 199 ALA A C   1 
ATOM   213 O O   . ALA A 1 28  ? -3.984  -6.636  -4.286  1.00 11.47 ? 199 ALA A O   1 
ATOM   214 C CB  . ALA A 1 28  ? -1.494  -5.828  -6.253  1.00 14.20 ? 199 ALA A CB  1 
ATOM   215 N N   . ARG A 1 29  ? -4.278  -7.294  -6.417  1.00 10.55 ? 200 ARG A N   1 
ATOM   216 C CA  . ARG A 1 29  ? -5.743  -7.237  -6.287  1.00 10.92 ? 200 ARG A CA  1 
ATOM   217 C C   . ARG A 1 29  ? -6.269  -8.286  -5.315  1.00 10.82 ? 200 ARG A C   1 
ATOM   218 O O   . ARG A 1 29  ? -7.236  -8.039  -4.577  1.00 11.78 ? 200 ARG A O   1 
ATOM   219 C CB  . ARG A 1 29  ? -6.434  -7.372  -7.642  1.00 11.24 ? 200 ARG A CB  1 
ATOM   220 C CG  . ARG A 1 29  ? -6.190  -6.141  -8.514  1.00 14.17 ? 200 ARG A CG  1 
ATOM   221 C CD  . ARG A 1 29  ? -6.925  -6.166  -9.846  1.00 15.47 ? 200 ARG A CD  1 
ATOM   222 N NE  . ARG A 1 29  ? -6.695  -4.913  -10.556 1.00 23.56 ? 200 ARG A NE  1 
ATOM   223 C CZ  . ARG A 1 29  ? -7.352  -3.784  -10.310 1.00 21.64 ? 200 ARG A CZ  1 
ATOM   224 N NH1 . ARG A 1 29  ? -8.299  -3.756  -9.384  1.00 18.49 ? 200 ARG A NH1 1 
ATOM   225 N NH2 . ARG A 1 29  ? -7.032  -2.668  -10.962 1.00 27.15 ? 200 ARG A NH2 1 
ATOM   226 N N   . ALA A 1 30  ? -5.625  -9.450  -5.295  1.00 12.20 ? 201 ALA A N   1 
ATOM   227 C CA  . ALA A 1 30  ? -6.044  -10.487 -4.353  1.00 11.79 ? 201 ALA A CA  1 
ATOM   228 C C   . ALA A 1 30  ? -5.780  -10.033 -2.916  1.00 11.60 ? 201 ALA A C   1 
ATOM   229 O O   . ALA A 1 30  ? -6.588  -10.288 -2.029  1.00 12.25 ? 201 ALA A O   1 
ATOM   230 C CB  . ALA A 1 30  ? -5.309  -11.797 -4.622  1.00 13.50 ? 201 ALA A CB  1 
ATOM   231 N N   . ILE A 1 31  ? -4.644  -9.383  -2.684  1.00 12.45 ? 202 ILE A N   1 
ATOM   232 C CA  . ILE A 1 31  ? -4.327  -8.883  -1.343  1.00 10.69 ? 202 ILE A CA  1 
ATOM   233 C C   . ILE A 1 31  ? -5.340  -7.801  -0.942  1.00 10.64 ? 202 ILE A C   1 
ATOM   234 O O   . ILE A 1 31  ? -5.802  -7.779  0.198   1.00 9.82  ? 202 ILE A O   1 
ATOM   235 C CB  . ILE A 1 31  ? -2.868  -8.386  -1.282  1.00 12.59 ? 202 ILE A CB  1 
ATOM   236 C CG1 . ILE A 1 31  ? -1.928  -9.605  -1.373  1.00 15.25 ? 202 ILE A CG1 1 
ATOM   237 C CG2 . ILE A 1 31  ? -2.595  -7.665  0.031   1.00 15.34 ? 202 ILE A CG2 1 
ATOM   238 C CD1 . ILE A 1 31  ? -0.451  -9.253  -1.600  1.00 19.36 ? 202 ILE A CD1 1 
ATOM   239 N N   . VAL A 1 32  ? -5.688  -6.914  -1.868  1.00 10.21 ? 203 VAL A N   1 
ATOM   240 C CA  . VAL A 1 32  ? -6.710  -5.912  -1.553  1.00 10.24 ? 203 VAL A CA  1 
ATOM   241 C C   . VAL A 1 32  ? -7.998  -6.612  -1.115  1.00 8.99  ? 203 VAL A C   1 
ATOM   242 O O   . VAL A 1 32  ? -8.603  -6.269  -0.105  1.00 10.47 ? 203 VAL A O   1 
ATOM   243 C CB  . VAL A 1 32  ? -6.977  -4.989  -2.773  1.00 10.32 ? 203 VAL A CB  1 
ATOM   244 C CG1 . VAL A 1 32  ? -8.190  -4.094  -2.475  1.00 12.52 ? 203 VAL A CG1 1 
ATOM   245 C CG2 . VAL A 1 32  ? -5.744  -4.083  -3.033  1.00 11.57 ? 203 VAL A CG2 1 
ATOM   246 N N   . ASP A 1 33  ? -8.426  -7.625  -1.880  1.00 10.29 ? 204 ASP A N   1 
ATOM   247 C CA  . ASP A 1 33  ? -9.667  -8.336  -1.521  1.00 10.99 ? 204 ASP A CA  1 
ATOM   248 C C   . ASP A 1 33  ? -9.559  -8.986  -0.155  1.00 10.67 ? 204 ASP A C   1 
ATOM   249 O O   . ASP A 1 33  ? -10.488 -8.940  0.636   1.00 11.40 ? 204 ASP A O   1 
ATOM   250 C CB  . ASP A 1 33  ? -10.049 -9.403  -2.552  1.00 15.16 ? 204 ASP A CB  1 
ATOM   251 C CG  . ASP A 1 33  ? -10.518 -8.817  -3.865  1.00 15.33 ? 204 ASP A CG  1 
ATOM   252 O OD1 . ASP A 1 33  ? -10.940 -7.658  -3.868  1.00 17.24 ? 204 ASP A OD1 1 
ATOM   253 O OD2 . ASP A 1 33  ? -10.460 -9.564  -4.871  1.00 19.92 ? 204 ASP A OD2 1 
ATOM   254 N N   . GLN A 1 34  ? -8.434  -9.629  0.131   1.00 10.06 ? 205 GLN A N   1 
ATOM   255 C CA  . GLN A 1 34  ? -8.283  -10.255 1.441   1.00 9.96  ? 205 GLN A CA  1 
ATOM   256 C C   . GLN A 1 34  ? -8.354  -9.237  2.564   1.00 8.31  ? 205 GLN A C   1 
ATOM   257 O O   . GLN A 1 34  ? -8.987  -9.465  3.579   1.00 10.06 ? 205 GLN A O   1 
ATOM   258 C CB  . GLN A 1 34  ? -6.944  -11.008 1.531   1.00 9.96  ? 205 GLN A CB  1 
ATOM   259 C CG  . GLN A 1 34  ? -6.844  -12.242 0.643   1.00 14.86 ? 205 GLN A CG  1 
ATOM   260 C CD  . GLN A 1 34  ? -5.455  -12.840 0.719   1.00 15.13 ? 205 GLN A CD  1 
ATOM   261 O OE1 . GLN A 1 34  ? -5.165  -13.645 1.602   1.00 19.59 ? 205 GLN A OE1 1 
ATOM   262 N NE2 . GLN A 1 34  ? -4.564  -12.405 -0.170  1.00 22.35 ? 205 GLN A NE2 1 
ATOM   263 N N   . ALA A 1 35  ? -7.683  -8.100  2.357   1.00 9.86  ? 206 ALA A N   1 
ATOM   264 C CA  . ALA A 1 35  ? -7.642  -7.035  3.367   1.00 9.15  ? 206 ALA A CA  1 
ATOM   265 C C   . ALA A 1 35  ? -9.029  -6.416  3.572   1.00 10.94 ? 206 ALA A C   1 
ATOM   266 O O   . ALA A 1 35  ? -9.332  -5.970  4.668   1.00 12.57 ? 206 ALA A O   1 
ATOM   267 C CB  . ALA A 1 35  ? -6.620  -5.982  2.959   1.00 10.94 ? 206 ALA A CB  1 
ATOM   268 N N   . ARG A 1 36  ? -9.848  -6.396  2.521   1.00 9.81  ? 207 ARG A N   1 
ATOM   269 C CA  . ARG A 1 36  ? -11.201 -5.840  2.653   1.00 10.50 ? 207 ARG A CA  1 
ATOM   270 C C   . ARG A 1 36  ? -12.147 -6.857  3.248   1.00 11.42 ? 207 ARG A C   1 
ATOM   271 O O   . ARG A 1 36  ? -13.298 -6.527  3.538   1.00 12.97 ? 207 ARG A O   1 
ATOM   272 C CB  . ARG A 1 36  ? -11.726 -5.378  1.300   1.00 12.68 ? 207 ARG A CB  1 
ATOM   273 C CG  . ARG A 1 36  ? -11.073 -4.093  0.801   1.00 10.60 ? 207 ARG A CG  1 
ATOM   274 C CD  . ARG A 1 36  ? -11.693 -3.627  -0.508  1.00 10.29 ? 207 ARG A CD  1 
ATOM   275 N NE  . ARG A 1 36  ? -11.057 -2.394  -0.955  1.00 11.12 ? 207 ARG A NE  1 
ATOM   276 C CZ  . ARG A 1 36  ? -10.966 -2.034  -2.220  1.00 10.41 ? 207 ARG A CZ  1 
ATOM   277 N NH1 . ARG A 1 36  ? -11.500 -2.796  -3.156  1.00 11.73 ? 207 ARG A NH1 1 
ATOM   278 N NH2 . ARG A 1 36  ? -10.278 -0.944  -2.559  1.00 13.13 ? 207 ARG A NH2 1 
ATOM   279 N N   . ASN A 1 37  ? -11.689 -8.098  3.418   1.00 11.38 ? 208 ASN A N   1 
ATOM   280 C CA  . ASN A 1 37  ? -12.522 -9.151  4.018   1.00 11.73 ? 208 ASN A CA  1 
ATOM   281 C C   . ASN A 1 37  ? -11.929 -9.661  5.323   1.00 13.13 ? 208 ASN A C   1 
ATOM   282 O O   . ASN A 1 37  ? -11.919 -10.850 5.589   1.00 14.55 ? 208 ASN A O   1 
ATOM   283 C CB  . ASN A 1 37  ? -12.744 -10.296 3.025   1.00 12.67 ? 208 ASN A CB  1 
ATOM   284 C CG  . ASN A 1 37  ? -13.783 -11.289 3.512   1.00 13.98 ? 208 ASN A CG  1 
ATOM   285 O OD1 . ASN A 1 37  ? -14.721 -10.925 4.219   1.00 13.43 ? 208 ASN A OD1 1 
ATOM   286 N ND2 . ASN A 1 37  ? -13.624 -12.538 3.112   1.00 15.62 ? 208 ASN A ND2 1 
ATOM   287 N N   . GLY A 1 38  ? -11.381 -8.738  6.108   1.00 16.10 ? 209 GLY A N   1 
ATOM   288 C CA  . GLY A 1 38  ? -10.901 -9.083  7.431   1.00 15.52 ? 209 GLY A CA  1 
ATOM   289 C C   . GLY A 1 38  ? -9.512  -9.617  7.679   1.00 16.56 ? 209 GLY A C   1 
ATOM   290 O O   . GLY A 1 38  ? -9.181  -9.897  8.833   1.00 20.03 ? 209 GLY A O   1 
ATOM   291 N N   . ALA A 1 39  ? -8.710  -9.810  6.644   1.00 13.11 ? 210 ALA A N   1 
ATOM   292 C CA  . ALA A 1 39  ? -7.356  -10.292 6.881   1.00 13.39 ? 210 ALA A CA  1 
ATOM   293 C C   . ALA A 1 39  ? -6.541  -9.199  7.574   1.00 13.25 ? 210 ALA A C   1 
ATOM   294 O O   . ALA A 1 39  ? -6.737  -8.008  7.326   1.00 15.46 ? 210 ALA A O   1 
ATOM   295 C CB  . ALA A 1 39  ? -6.715  -10.669 5.567   1.00 15.33 ? 210 ALA A CB  1 
ATOM   296 N N   . ASP A 1 40  ? -5.637  -9.610  8.456   1.00 13.66 ? 211 ASP A N   1 
ATOM   297 C CA  . ASP A 1 40  ? -4.764  -8.694  9.179   1.00 13.28 ? 211 ASP A CA  1 
ATOM   298 C C   . ASP A 1 40  ? -3.793  -8.130  8.151   1.00 12.64 ? 211 ASP A C   1 
ATOM   299 O O   . ASP A 1 40  ? -2.995  -8.857  7.542   1.00 12.41 ? 211 ASP A O   1 
ATOM   300 C CB  . ASP A 1 40  ? -4.024  -9.488  10.266  1.00 15.92 ? 211 ASP A CB  1 
ATOM   301 C CG  . ASP A 1 40  ? -3.177  -8.616  11.146  1.00 16.53 ? 211 ASP A CG  1 
ATOM   302 O OD1 . ASP A 1 40  ? -2.304  -7.919  10.615  1.00 16.78 ? 211 ASP A OD1 1 
ATOM   303 O OD2 . ASP A 1 40  ? -3.377  -8.630  12.375  1.00 23.70 ? 211 ASP A OD2 1 
ATOM   304 N N   . PHE A 1 41  ? -3.863  -6.821  7.918   1.00 11.75 ? 212 PHE A N   1 
ATOM   305 C CA  . PHE A 1 41  ? -3.030  -6.175  6.903   1.00 10.57 ? 212 PHE A CA  1 
ATOM   306 C C   . PHE A 1 41  ? -1.523  -6.245  7.216   1.00 11.77 ? 212 PHE A C   1 
ATOM   307 O O   . PHE A 1 41  ? -0.728  -6.467  6.325   1.00 12.03 ? 212 PHE A O   1 
ATOM   308 C CB  . PHE A 1 41  ? -3.474  -4.705  6.729   1.00 11.06 ? 212 PHE A CB  1 
ATOM   309 C CG  . PHE A 1 41  ? -2.908  -4.047  5.516   1.00 10.17 ? 212 PHE A CG  1 
ATOM   310 C CD1 . PHE A 1 41  ? -3.559  -4.117  4.299   1.00 11.67 ? 212 PHE A CD1 1 
ATOM   311 C CD2 . PHE A 1 41  ? -1.700  -3.332  5.590   1.00 11.71 ? 212 PHE A CD2 1 
ATOM   312 C CE1 . PHE A 1 41  ? -3.031  -3.486  3.194   1.00 11.76 ? 212 PHE A CE1 1 
ATOM   313 C CE2 . PHE A 1 41  ? -1.174  -2.708  4.498   1.00 11.42 ? 212 PHE A CE2 1 
ATOM   314 C CZ  . PHE A 1 41  ? -1.837  -2.780  3.288   1.00 10.82 ? 212 PHE A CZ  1 
ATOM   315 N N   . GLY A 1 42  ? -1.155  -6.053  8.474   1.00 12.21 ? 213 GLY A N   1 
ATOM   316 C CA  . GLY A 1 42  ? 0.258   -6.139  8.831   1.00 12.82 ? 213 GLY A CA  1 
ATOM   317 C C   . GLY A 1 42  ? 0.785   -7.543  8.540   1.00 12.19 ? 213 GLY A C   1 
ATOM   318 O O   . GLY A 1 42  ? 1.926   -7.710  8.093   1.00 14.48 ? 213 GLY A O   1 
ATOM   319 N N   . LYS A 1 43  ? -0.028  -8.560  8.791   1.00 12.20 ? 214 LYS A N   1 
ATOM   320 C CA  . LYS A 1 43  ? 0.420   -9.907  8.512   1.00 13.34 ? 214 LYS A CA  1 
ATOM   321 C C   . LYS A 1 43  ? 0.460   -10.163 7.017   1.00 12.54 ? 214 LYS A C   1 
ATOM   322 O O   . LYS A 1 43  ? 1.296   -10.947 6.543   1.00 13.58 ? 214 LYS A O   1 
ATOM   323 C CB  . LYS A 1 43  ? -0.437  -10.928 9.258   1.00 13.27 ? 214 LYS A CB  1 
ATOM   324 C CG  . LYS A 1 43  ? -0.284  -10.792 10.766  1.00 16.48 ? 214 LYS A CG  1 
ATOM   325 C CD  . LYS A 1 43  ? -1.120  -11.766 11.582  1.00 17.42 ? 214 LYS A CD  1 
ATOM   326 C CE  . LYS A 1 43  ? -0.993  -11.422 13.081  1.00 20.03 ? 214 LYS A CE  1 
ATOM   327 N NZ  . LYS A 1 43  ? -1.827  -12.309 13.943  1.00 24.12 ? 214 LYS A NZ  1 
ATOM   328 N N   . LEU A 1 44  ? -0.431  -9.534  6.242   1.00 12.12 ? 215 LEU A N   1 
ATOM   329 C CA  . LEU A 1 44  ? -0.344  -9.656  4.785   1.00 11.61 ? 215 LEU A CA  1 
ATOM   330 C C   . LEU A 1 44  ? 0.966   -9.003  4.330   1.00 13.09 ? 215 LEU A C   1 
ATOM   331 O O   . LEU A 1 44  ? 1.597   -9.472  3.380   1.00 12.72 ? 215 LEU A O   1 
ATOM   332 C CB  . LEU A 1 44  ? -1.516  -8.949  4.076   1.00 11.91 ? 215 LEU A CB  1 
ATOM   333 C CG  . LEU A 1 44  ? -2.872  -9.667  4.174   1.00 12.71 ? 215 LEU A CG  1 
ATOM   334 C CD1 . LEU A 1 44  ? -3.973  -8.692  3.696   1.00 12.60 ? 215 LEU A CD1 1 
ATOM   335 C CD2 . LEU A 1 44  ? -2.883  -10.972 3.341   1.00 14.61 ? 215 LEU A CD2 1 
ATOM   336 N N   . ALA A 1 45  ? 1.374   -7.907  4.973   1.00 12.78 ? 216 ALA A N   1 
ATOM   337 C CA  . ALA A 1 45  ? 2.649   -7.271  4.608   1.00 13.67 ? 216 ALA A CA  1 
ATOM   338 C C   . ALA A 1 45  ? 3.824   -8.195  4.978   1.00 12.88 ? 216 ALA A C   1 
ATOM   339 O O   . ALA A 1 45  ? 4.734   -8.370  4.179   1.00 14.33 ? 216 ALA A O   1 
ATOM   340 C CB  . ALA A 1 45  ? 2.792   -5.932  5.316   1.00 13.26 ? 216 ALA A CB  1 
ATOM   341 N N   . ILE A 1 46  ? 3.798   -8.760  6.173   1.00 13.08 ? 217 ILE A N   1 
ATOM   342 C CA  . ILE A 1 46  ? 4.877   -9.664  6.573   1.00 14.07 ? 217 ILE A CA  1 
ATOM   343 C C   . ILE A 1 46  ? 5.024   -10.764 5.535   1.00 15.34 ? 217 ILE A C   1 
ATOM   344 O O   . ILE A 1 46  ? 6.147   -11.068 5.084   1.00 16.32 ? 217 ILE A O   1 
ATOM   345 C CB  . ILE A 1 46  ? 4.592   -10.260 7.981   1.00 14.33 ? 217 ILE A CB  1 
ATOM   346 C CG1 . ILE A 1 46  ? 4.836   -9.201  9.055   1.00 17.01 ? 217 ILE A CG1 1 
ATOM   347 C CG2 . ILE A 1 46  ? 5.458   -11.493 8.238   1.00 16.45 ? 217 ILE A CG2 1 
ATOM   348 C CD1 . ILE A 1 46  ? 4.194   -9.524  10.379  1.00 16.88 ? 217 ILE A CD1 1 
ATOM   349 N N   . ALA A 1 47  ? 3.907   -11.334 5.092   1.00 15.57 ? 218 ALA A N   1 
ATOM   350 C CA  . ALA A 1 47  ? 3.937   -12.428 4.138   1.00 16.99 ? 218 ALA A CA  1 
ATOM   351 C C   . ALA A 1 47  ? 4.210   -12.055 2.696   1.00 15.72 ? 218 ALA A C   1 
ATOM   352 O O   . ALA A 1 47  ? 4.804   -12.842 1.963   1.00 19.38 ? 218 ALA A O   1 
ATOM   353 C CB  . ALA A 1 47  ? 2.610   -13.203 4.208   1.00 17.51 ? 218 ALA A CB  1 
ATOM   354 N N   . HIS A 1 48  ? 3.784   -10.870 2.265   1.00 15.81 ? 219 HIS A N   1 
ATOM   355 C CA  . HIS A 1 48  ? 3.885   -10.507 0.853   1.00 16.42 ? 219 HIS A CA  1 
ATOM   356 C C   . HIS A 1 48  ? 4.590   -9.243  0.382   1.00 14.97 ? 219 HIS A C   1 
ATOM   357 O O   . HIS A 1 48  ? 4.905   -9.135  -0.792  1.00 16.37 ? 219 HIS A O   1 
ATOM   358 C CB  . HIS A 1 48  ? 2.470   -10.467 0.262   1.00 17.20 ? 219 HIS A CB  1 
ATOM   359 C CG  . HIS A 1 48  ? 1.698   -11.725 0.493   1.00 18.38 ? 219 HIS A CG  1 
ATOM   360 N ND1 . HIS A 1 48  ? 0.558   -11.789 1.268   1.00 19.13 ? 219 HIS A ND1 1 
ATOM   361 C CD2 . HIS A 1 48  ? 1.945   -12.989 0.081   1.00 20.79 ? 219 HIS A CD2 1 
ATOM   362 C CE1 . HIS A 1 48  ? 0.139   -13.043 1.323   1.00 20.90 ? 219 HIS A CE1 1 
ATOM   363 N NE2 . HIS A 1 48  ? 0.963   -13.787 0.609   1.00 21.18 ? 219 HIS A NE2 1 
ATOM   364 N N   . SER A 1 49  ? 4.818   -8.281  1.265   1.00 13.13 ? 220 SER A N   1 
ATOM   365 C CA  . SER A 1 49  ? 5.395   -7.020  0.846   1.00 13.85 ? 220 SER A CA  1 
ATOM   366 C C   . SER A 1 49  ? 6.882   -7.077  0.592   1.00 15.91 ? 220 SER A C   1 
ATOM   367 O O   . SER A 1 49  ? 7.636   -7.715  1.342   1.00 16.84 ? 220 SER A O   1 
ATOM   368 C CB  . SER A 1 49  ? 5.108   -5.939  1.885   1.00 13.47 ? 220 SER A CB  1 
ATOM   369 O OG  . SER A 1 49  ? 5.550   -4.688  1.416   1.00 13.53 ? 220 SER A OG  1 
ATOM   370 N N   . ALA A 1 50  ? 7.294   -6.371  -0.444  1.00 15.17 ? 221 ALA A N   1 
ATOM   371 C CA  . ALA A 1 50  ? 8.704   -6.304  -0.798  1.00 17.28 ? 221 ALA A CA  1 
ATOM   372 C C   . ALA A 1 50  ? 9.345   -5.052  -0.241  1.00 19.17 ? 221 ALA A C   1 
ATOM   373 O O   . ALA A 1 50  ? 10.556  -4.870  -0.352  1.00 21.63 ? 221 ALA A O   1 
ATOM   374 C CB  . ALA A 1 50  ? 8.853   -6.323  -2.297  1.00 18.28 ? 221 ALA A CB  1 
ATOM   375 N N   . ASP A 1 51  ? 8.563   -4.174  0.367   1.00 17.54 ? 222 ASP A N   1 
ATOM   376 C CA  . ASP A 1 51  ? 9.173   -2.972  0.879   1.00 18.98 ? 222 ASP A CA  1 
ATOM   377 C C   . ASP A 1 51  ? 10.005  -3.237  2.141   1.00 17.12 ? 222 ASP A C   1 
ATOM   378 O O   . ASP A 1 51  ? 9.846   -4.249  2.822   1.00 17.18 ? 222 ASP A O   1 
ATOM   379 C CB  . ASP A 1 51  ? 8.096   -1.914  1.124   1.00 17.58 ? 222 ASP A CB  1 
ATOM   380 C CG  . ASP A 1 51  ? 8.682   -0.631  1.582   1.00 21.73 ? 222 ASP A CG  1 
ATOM   381 O OD1 . ASP A 1 51  ? 8.814   -0.460  2.817   1.00 24.67 ? 222 ASP A OD1 1 
ATOM   382 O OD2 . ASP A 1 51  ? 9.040   0.182   0.707   1.00 27.58 ? 222 ASP A OD2 1 
ATOM   383 N N   . GLN A 1 52  ? 10.893  -2.301  2.463   1.00 22.76 ? 223 GLN A N   1 
ATOM   384 C CA  . GLN A 1 52  ? 11.760  -2.456  3.632   1.00 21.11 ? 223 GLN A CA  1 
ATOM   385 C C   . GLN A 1 52  ? 11.053  -2.553  4.984   1.00 23.00 ? 223 GLN A C   1 
ATOM   386 O O   . GLN A 1 52  ? 11.646  -3.024  5.952   1.00 24.49 ? 223 GLN A O   1 
ATOM   387 C CB  . GLN A 1 52  ? 12.802  -1.324  3.685   1.00 23.84 ? 223 GLN A CB  1 
ATOM   388 C CG  . GLN A 1 52  ? 12.260  0.059   3.990   1.00 30.20 ? 223 GLN A CG  1 
ATOM   389 C CD  . GLN A 1 52  ? 13.343  1.130   3.901   1.00 33.66 ? 223 GLN A CD  1 
ATOM   390 O OE1 . GLN A 1 52  ? 14.399  1.013   4.523   1.00 36.57 ? 223 GLN A OE1 1 
ATOM   391 N NE2 . GLN A 1 52  ? 13.081  2.177   3.125   1.00 34.73 ? 223 GLN A NE2 1 
ATOM   392 N N   . GLN A 1 53  ? 9.798   -2.112  5.075   1.00 18.49 ? 224 GLN A N   1 
ATOM   393 C CA  . GLN A 1 53  ? 9.102   -2.193  6.351   1.00 19.11 ? 224 GLN A CA  1 
ATOM   394 C C   . GLN A 1 53  ? 8.129   -3.369  6.430   1.00 13.31 ? 224 GLN A C   1 
ATOM   395 O O   . GLN A 1 53  ? 7.337   -3.456  7.361   1.00 15.95 ? 224 GLN A O   1 
ATOM   396 C CB  . GLN A 1 53  ? 8.374   -0.873  6.642   1.00 20.47 ? 224 GLN A CB  1 
ATOM   397 C CG  . GLN A 1 53  ? 9.306   0.264   7.065   1.00 24.47 ? 224 GLN A CG  1 
ATOM   398 C CD  . GLN A 1 53  ? 10.147  -0.069  8.289   1.00 24.24 ? 224 GLN A CD  1 
ATOM   399 O OE1 . GLN A 1 53  ? 9.625   -0.476  9.325   1.00 25.26 ? 224 GLN A OE1 1 
ATOM   400 N NE2 . GLN A 1 53  ? 11.457  0.121   8.173   1.00 29.62 ? 224 GLN A NE2 1 
ATOM   401 N N   . ALA A 1 54  ? 8.245   -4.311  5.497   1.00 14.79 ? 225 ALA A N   1 
ATOM   402 C CA  . ALA A 1 54  ? 7.352   -5.463  5.494   1.00 13.63 ? 225 ALA A CA  1 
ATOM   403 C C   . ALA A 1 54  ? 7.283   -6.202  6.827   1.00 13.91 ? 225 ALA A C   1 
ATOM   404 O O   . ALA A 1 54  ? 6.200   -6.550  7.312   1.00 15.27 ? 225 ALA A O   1 
ATOM   405 C CB  . ALA A 1 54  ? 7.756   -6.427  4.391   1.00 16.84 ? 225 ALA A CB  1 
ATOM   406 N N   . LEU A 1 55  ? 8.440   -6.465  7.447   1.00 16.77 ? 226 LEU A N   1 
ATOM   407 C CA  . LEU A 1 55  ? 8.461   -7.195  8.704   1.00 16.95 ? 226 LEU A CA  1 
ATOM   408 C C   . LEU A 1 55  ? 7.815   -6.410  9.836   1.00 15.80 ? 226 LEU A C   1 
ATOM   409 O O   . LEU A 1 55  ? 7.420   -6.984  10.855  1.00 16.65 ? 226 LEU A O   1 
ATOM   410 C CB  . LEU A 1 55  ? 9.904   -7.608  9.068   1.00 17.02 ? 226 LEU A CB  1 
ATOM   411 C CG  . LEU A 1 55  ? 10.433  -8.734  8.171   1.00 17.87 ? 226 LEU A CG  1 
ATOM   412 C CD1 . LEU A 1 55  ? 11.940  -8.912  8.338   1.00 19.67 ? 226 LEU A CD1 1 
ATOM   413 C CD2 . LEU A 1 55  ? 9.724   -10.041 8.526   1.00 22.76 ? 226 LEU A CD2 1 
ATOM   414 N N   . ASN A 1 56  ? 7.698   -5.094  9.658   1.00 15.02 ? 227 ASN A N   1 
ATOM   415 C CA  . ASN A 1 56  ? 7.027   -4.274  10.652  1.00 16.86 ? 227 ASN A CA  1 
ATOM   416 C C   . ASN A 1 56  ? 5.571   -4.016  10.200  1.00 16.26 ? 227 ASN A C   1 
ATOM   417 O O   . ASN A 1 56  ? 4.942   -3.043  10.612  1.00 16.15 ? 227 ASN A O   1 
ATOM   418 C CB  . ASN A 1 56  ? 7.775   -2.948  10.862  1.00 19.67 ? 227 ASN A CB  1 
ATOM   419 C CG  . ASN A 1 56  ? 7.343   -2.229  12.127  1.00 25.99 ? 227 ASN A CG  1 
ATOM   420 O OD1 . ASN A 1 56  ? 7.157   -2.856  13.173  1.00 28.20 ? 227 ASN A OD1 1 
ATOM   421 N ND2 . ASN A 1 56  ? 7.199   -0.913  12.046  1.00 28.11 ? 227 ASN A ND2 1 
ATOM   422 N N   . GLY A 1 57  ? 5.039   -4.896  9.353   1.00 15.46 ? 228 GLY A N   1 
ATOM   423 C CA  . GLY A 1 57  ? 3.662   -4.741  8.883   1.00 13.72 ? 228 GLY A CA  1 
ATOM   424 C C   . GLY A 1 57  ? 3.416   -3.572  7.951   1.00 14.72 ? 228 GLY A C   1 
ATOM   425 O O   . GLY A 1 57  ? 2.255   -3.191  7.739   1.00 14.49 ? 228 GLY A O   1 
ATOM   426 N N   . GLY A 1 58  ? 4.478   -3.004  7.394   1.00 14.01 ? 229 GLY A N   1 
ATOM   427 C CA  . GLY A 1 58  ? 4.361   -1.862  6.502   1.00 13.77 ? 229 GLY A CA  1 
ATOM   428 C C   . GLY A 1 58  ? 3.878   -0.586  7.187   1.00 13.49 ? 229 GLY A C   1 
ATOM   429 O O   . GLY A 1 58  ? 3.379   0.328   6.515   1.00 12.20 ? 229 GLY A O   1 
ATOM   430 N N   . GLN A 1 59  ? 4.036   -0.503  8.503   1.00 14.13 ? 230 GLN A N   1 
ATOM   431 C CA  . GLN A 1 59  ? 3.581   0.679   9.253   1.00 13.32 ? 230 GLN A CA  1 
ATOM   432 C C   . GLN A 1 59  ? 4.276   1.960   8.824   1.00 16.13 ? 230 GLN A C   1 
ATOM   433 O O   . GLN A 1 59  ? 5.512   1.999   8.682   1.00 17.56 ? 230 GLN A O   1 
ATOM   434 C CB  . GLN A 1 59  ? 3.792   0.475   10.761  1.00 15.83 ? 230 GLN A CB  1 
ATOM   435 C CG  . GLN A 1 59  ? 2.892   -0.597  11.370  1.00 17.05 ? 230 GLN A CG  1 
ATOM   436 C CD  . GLN A 1 59  ? 3.175   -0.818  12.837  1.00 19.17 ? 230 GLN A CD  1 
ATOM   437 O OE1 . GLN A 1 59  ? 2.895   0.049   13.667  1.00 27.55 ? 230 GLN A OE1 1 
ATOM   438 N NE2 . GLN A 1 59  ? 3.750   -1.970  13.168  1.00 26.52 ? 230 GLN A NE2 1 
ATOM   439 N N   . MET A 1 60  ? 3.490   3.013   8.604   1.00 13.57 ? 231 MET A N   1 
ATOM   440 C CA  . MET A 1 60  ? 4.009   4.326   8.211   1.00 14.34 ? 231 MET A CA  1 
ATOM   441 C C   . MET A 1 60  ? 3.844   5.360   9.324   1.00 15.17 ? 231 MET A C   1 
ATOM   442 O O   . MET A 1 60  ? 4.392   6.468   9.233   1.00 16.94 ? 231 MET A O   1 
ATOM   443 C CB  . MET A 1 60  ? 3.278   4.812   6.954   1.00 12.57 ? 231 MET A CB  1 
ATOM   444 C CG  . MET A 1 60  ? 3.635   4.011   5.704   1.00 13.74 ? 231 MET A CG  1 
ATOM   445 S SD  . MET A 1 60  ? 2.553   4.317   4.322   1.00 14.35 ? 231 MET A SD  1 
ATOM   446 C CE  . MET A 1 60  ? 2.798   6.077   4.129   1.00 15.37 ? 231 MET A CE  1 
ATOM   447 N N   . GLY A 1 61  ? 3.073   5.010   10.341  1.00 15.92 ? 232 GLY A N   1 
ATOM   448 C CA  . GLY A 1 61  ? 2.821   5.965   11.411  1.00 16.44 ? 232 GLY A CA  1 
ATOM   449 C C   . GLY A 1 61  ? 1.764   6.985   11.017  1.00 18.40 ? 232 GLY A C   1 
ATOM   450 O O   . GLY A 1 61  ? 0.935   6.757   10.110  1.00 15.01 ? 232 GLY A O   1 
ATOM   451 N N   . TRP A 1 62  ? 1.795   8.125   11.702  1.00 17.03 ? 233 TRP A N   1 
ATOM   452 C CA  . TRP A 1 62  ? 0.854   9.227   11.495  1.00 17.91 ? 233 TRP A CA  1 
ATOM   453 C C   . TRP A 1 62  ? 1.427   10.331  10.622  1.00 17.65 ? 233 TRP A C   1 
ATOM   454 O O   . TRP A 1 62  ? 2.617   10.648  10.710  1.00 18.31 ? 233 TRP A O   1 
ATOM   455 C CB  . TRP A 1 62  ? 0.489   9.871   12.841  1.00 17.40 ? 233 TRP A CB  1 
ATOM   456 C CG  . TRP A 1 62  ? -0.349  9.033   13.723  1.00 15.29 ? 233 TRP A CG  1 
ATOM   457 C CD1 . TRP A 1 62  ? 0.065   8.262   14.788  1.00 17.09 ? 233 TRP A CD1 1 
ATOM   458 C CD2 . TRP A 1 62  ? -1.771  8.919   13.680  1.00 14.66 ? 233 TRP A CD2 1 
ATOM   459 N NE1 . TRP A 1 62  ? -1.017  7.690   15.406  1.00 18.07 ? 233 TRP A NE1 1 
ATOM   460 C CE2 . TRP A 1 62  ? -2.161  8.075   14.746  1.00 15.49 ? 233 TRP A CE2 1 
ATOM   461 C CE3 . TRP A 1 62  ? -2.756  9.448   12.842  1.00 15.18 ? 233 TRP A CE3 1 
ATOM   462 C CZ2 . TRP A 1 62  ? -3.499  7.748   14.997  1.00 15.26 ? 233 TRP A CZ2 1 
ATOM   463 C CZ3 . TRP A 1 62  ? -4.088  9.127   13.094  1.00 15.80 ? 233 TRP A CZ3 1 
ATOM   464 C CH2 . TRP A 1 62  ? -4.447  8.285   14.163  1.00 15.94 ? 233 TRP A CH2 1 
ATOM   465 N N   . GLY A 1 63  ? 0.599   10.930  9.781   1.00 15.89 ? 234 GLY A N   1 
ATOM   466 C CA  . GLY A 1 63  ? 1.124   12.008  8.984   1.00 17.39 ? 234 GLY A CA  1 
ATOM   467 C C   . GLY A 1 63  ? 0.098   12.769  8.192   1.00 16.27 ? 234 GLY A C   1 
ATOM   468 O O   . GLY A 1 63  ? -1.114  12.508  8.233   1.00 15.75 ? 234 GLY A O   1 
ATOM   469 N N   . ARG A 1 64  ? 0.601   13.756  7.464   1.00 19.00 ? 235 ARG A N   1 
ATOM   470 C CA  . ARG A 1 64  ? -0.237  14.581  6.622   1.00 18.54 ? 235 ARG A CA  1 
ATOM   471 C C   . ARG A 1 64  ? -0.273  14.015  5.224   1.00 19.21 ? 235 ARG A C   1 
ATOM   472 O O   . ARG A 1 64  ? 0.752   13.778  4.596   1.00 15.17 ? 235 ARG A O   1 
ATOM   473 C CB  . ARG A 1 64  ? 0.283   16.014  6.600   1.00 21.80 ? 235 ARG A CB  1 
ATOM   474 C CG  . ARG A 1 64  ? 0.159   16.716  7.940   1.00 24.83 ? 235 ARG A CG  1 
ATOM   475 C CD  . ARG A 1 64  ? 0.674   18.153  7.869   1.00 29.45 ? 235 ARG A CD  1 
ATOM   476 N NE  . ARG A 1 64  ? 2.132   18.209  7.806   1.00 35.29 ? 235 ARG A NE  1 
ATOM   477 C CZ  . ARG A 1 64  ? 2.846   19.333  7.860   1.00 34.11 ? 235 ARG A CZ  1 
ATOM   478 N NH1 . ARG A 1 64  ? 2.236   20.507  7.979   1.00 37.49 ? 235 ARG A NH1 1 
ATOM   479 N NH2 . ARG A 1 64  ? 4.171   19.282  7.798   1.00 34.92 ? 235 ARG A NH2 1 
ATOM   480 N N   . ILE A 1 65  ? -1.483  13.803  4.746   1.00 17.17 ? 236 ILE A N   1 
ATOM   481 C CA  . ILE A 1 65  ? -1.727  13.241  3.434   1.00 19.37 ? 236 ILE A CA  1 
ATOM   482 C C   . ILE A 1 65  ? -0.956  13.866  2.263   1.00 18.28 ? 236 ILE A C   1 
ATOM   483 O O   . ILE A 1 65  ? -0.377  13.149  1.451   1.00 16.55 ? 236 ILE A O   1 
ATOM   484 C CB  . ILE A 1 65  ? -3.254  13.284  3.164   1.00 22.74 ? 236 ILE A CB  1 
ATOM   485 C CG1 . ILE A 1 65  ? -3.599  12.511  1.906   1.00 23.96 ? 236 ILE A CG1 1 
ATOM   486 C CG2 . ILE A 1 65  ? -3.726  14.725  3.040   1.00 25.80 ? 236 ILE A CG2 1 
ATOM   487 C CD1 . ILE A 1 65  ? -5.093  12.325  1.734   1.00 24.61 ? 236 ILE A CD1 1 
ATOM   488 N N   . GLN A 1 66  ? -0.914  15.196  2.180   1.00 18.78 ? 237 GLN A N   1 
ATOM   489 C CA  . GLN A 1 66  ? -0.242  15.832  1.045   1.00 16.90 ? 237 GLN A CA  1 
ATOM   490 C C   . GLN A 1 66  ? 1.257   15.699  1.023   1.00 17.03 ? 237 GLN A C   1 
ATOM   491 O O   . GLN A 1 66  ? 1.907   15.992  0.008   1.00 19.05 ? 237 GLN A O   1 
ATOM   492 C CB  . GLN A 1 66  ? -0.642  17.296  0.917   1.00 19.47 ? 237 GLN A CB  1 
ATOM   493 C CG  . GLN A 1 66  ? -2.093  17.478  0.521   1.00 19.67 ? 237 GLN A CG  1 
ATOM   494 C CD  . GLN A 1 66  ? -2.500  16.625  -0.685  1.00 21.31 ? 237 GLN A CD  1 
ATOM   495 O OE1 . GLN A 1 66  ? -1.753  16.494  -1.671  1.00 22.84 ? 237 GLN A OE1 1 
ATOM   496 N NE2 . GLN A 1 66  ? -3.700  16.052  -0.614  1.00 24.63 ? 237 GLN A NE2 1 
ATOM   497 N N   . GLU A 1 67  ? 1.842   15.266  2.127   1.00 16.40 ? 238 GLU A N   1 
ATOM   498 C CA  . GLU A 1 67  ? 3.277   15.074  2.074   1.00 15.67 ? 238 GLU A CA  1 
ATOM   499 C C   . GLU A 1 67  ? 3.630   13.754  1.398   1.00 15.98 ? 238 GLU A C   1 
ATOM   500 O O   . GLU A 1 67  ? 4.777   13.527  1.013   1.00 18.65 ? 238 GLU A O   1 
ATOM   501 C CB  . GLU A 1 67  ? 3.894   15.173  3.474   1.00 16.81 ? 238 GLU A CB  1 
ATOM   502 C CG  . GLU A 1 67  ? 3.752   16.610  4.027   1.00 19.07 ? 238 GLU A CG  1 
ATOM   503 C CD  . GLU A 1 67  ? 4.498   16.860  5.319   1.00 22.85 ? 238 GLU A CD  1 
ATOM   504 O OE1 . GLU A 1 67  ? 4.778   15.899  6.058   1.00 21.87 ? 238 GLU A OE1 1 
ATOM   505 O OE2 . GLU A 1 67  ? 4.788   18.049  5.600   1.00 25.74 ? 238 GLU A OE2 1 
ATOM   506 N N   . LEU A 1 68  ? 2.645   12.879  1.254   1.00 14.70 ? 239 LEU A N   1 
ATOM   507 C CA  . LEU A 1 68  ? 2.895   11.602  0.577   1.00 14.06 ? 239 LEU A CA  1 
ATOM   508 C C   . LEU A 1 68  ? 2.878   11.809  -0.930  1.00 13.77 ? 239 LEU A C   1 
ATOM   509 O O   . LEU A 1 68  ? 2.392   12.820  -1.418  1.00 13.77 ? 239 LEU A O   1 
ATOM   510 C CB  . LEU A 1 68  ? 1.763   10.605  0.874   1.00 15.74 ? 239 LEU A CB  1 
ATOM   511 C CG  . LEU A 1 68  ? 1.491   10.219  2.318   1.00 16.04 ? 239 LEU A CG  1 
ATOM   512 C CD1 . LEU A 1 68  ? 0.196   9.393   2.397   1.00 16.64 ? 239 LEU A CD1 1 
ATOM   513 C CD2 . LEU A 1 68  ? 2.687   9.406   2.866   1.00 18.94 ? 239 LEU A CD2 1 
ATOM   514 N N   . PRO A 1 69  ? 3.425   10.851  -1.689  1.00 14.22 ? 240 PRO A N   1 
ATOM   515 C CA  . PRO A 1 69  ? 3.416   10.954  -3.153  1.00 13.27 ? 240 PRO A CA  1 
ATOM   516 C C   . PRO A 1 69  ? 1.977   11.241  -3.610  1.00 15.11 ? 240 PRO A C   1 
ATOM   517 O O   . PRO A 1 69  ? 1.011   10.720  -3.030  1.00 13.57 ? 240 PRO A O   1 
ATOM   518 C CB  . PRO A 1 69  ? 3.856   9.564   -3.596  1.00 15.39 ? 240 PRO A CB  1 
ATOM   519 C CG  . PRO A 1 69  ? 4.857   9.185   -2.518  1.00 16.00 ? 240 PRO A CG  1 
ATOM   520 C CD  . PRO A 1 69  ? 4.278   9.742   -1.218  1.00 15.59 ? 240 PRO A CD  1 
ATOM   521 N N   . GLY A 1 70  ? 1.827   12.063  -4.641  1.00 15.03 ? 241 GLY A N   1 
ATOM   522 C CA  . GLY A 1 70  ? 0.516   12.409  -5.153  1.00 14.37 ? 241 GLY A CA  1 
ATOM   523 C C   . GLY A 1 70  ? -0.338  11.191  -5.476  1.00 14.83 ? 241 GLY A C   1 
ATOM   524 O O   . GLY A 1 70  ? -1.544  11.203  -5.251  1.00 15.07 ? 241 GLY A O   1 
ATOM   525 N N   . ILE A 1 71  ? 0.277   10.149  -6.019  1.00 14.47 ? 242 ILE A N   1 
ATOM   526 C CA  . ILE A 1 71  ? -0.497  8.945   -6.358  1.00 14.51 ? 242 ILE A CA  1 
ATOM   527 C C   . ILE A 1 71  ? -1.137  8.324   -5.125  1.00 15.27 ? 242 ILE A C   1 
ATOM   528 O O   . ILE A 1 71  ? -2.166  7.640   -5.236  1.00 16.85 ? 242 ILE A O   1 
ATOM   529 C CB  . ILE A 1 71  ? 0.342   7.877   -7.107  1.00 14.65 ? 242 ILE A CB  1 
ATOM   530 C CG1 . ILE A 1 71  ? 1.566   7.468   -6.291  1.00 14.61 ? 242 ILE A CG1 1 
ATOM   531 C CG2 . ILE A 1 71  ? 0.711   8.377   -8.496  1.00 17.46 ? 242 ILE A CG2 1 
ATOM   532 C CD1 . ILE A 1 71  ? 2.383   6.348   -6.946  1.00 16.17 ? 242 ILE A CD1 1 
ATOM   533 N N   . PHE A 1 72  ? -0.542  8.527   -3.953  1.00 13.09 ? 243 PHE A N   1 
ATOM   534 C CA  . PHE A 1 72  ? -1.139  8.053   -2.704  1.00 13.03 ? 243 PHE A CA  1 
ATOM   535 C C   . PHE A 1 72  ? -2.163  9.068   -2.183  1.00 13.26 ? 243 PHE A C   1 
ATOM   536 O O   . PHE A 1 72  ? -3.307  8.709   -1.870  1.00 14.50 ? 243 PHE A O   1 
ATOM   537 C CB  . PHE A 1 72  ? -0.125  7.863   -1.590  1.00 12.69 ? 243 PHE A CB  1 
ATOM   538 C CG  . PHE A 1 72  ? 0.858   6.745   -1.808  1.00 12.95 ? 243 PHE A CG  1 
ATOM   539 C CD1 . PHE A 1 72  ? 0.802   5.892   -2.925  1.00 14.27 ? 243 PHE A CD1 1 
ATOM   540 C CD2 . PHE A 1 72  ? 1.844   6.540   -0.869  1.00 15.01 ? 243 PHE A CD2 1 
ATOM   541 C CE1 . PHE A 1 72  ? 1.743   4.851   -3.072  1.00 16.37 ? 243 PHE A CE1 1 
ATOM   542 C CE2 . PHE A 1 72  ? 2.785   5.509   -1.009  1.00 16.03 ? 243 PHE A CE2 1 
ATOM   543 C CZ  . PHE A 1 72  ? 2.722   4.667   -2.119  1.00 16.99 ? 243 PHE A CZ  1 
ATOM   544 N N   . ALA A 1 73  ? -1.766  10.344  -2.083  1.00 14.05 ? 244 ALA A N   1 
ATOM   545 C CA  . ALA A 1 73  ? -2.657  11.376  -1.554  1.00 14.76 ? 244 ALA A CA  1 
ATOM   546 C C   . ALA A 1 73  ? -3.966  11.460  -2.298  1.00 14.60 ? 244 ALA A C   1 
ATOM   547 O O   . ALA A 1 73  ? -5.041  11.532  -1.677  1.00 15.80 ? 244 ALA A O   1 
ATOM   548 C CB  . ALA A 1 73  ? -1.950  12.730  -1.581  1.00 16.02 ? 244 ALA A CB  1 
ATOM   549 N N   . GLN A 1 74  ? -3.894  11.449  -3.624  1.00 16.79 ? 245 GLN A N   1 
ATOM   550 C CA  . GLN A 1 74  ? -5.109  11.531  -4.431  1.00 19.02 ? 245 GLN A CA  1 
ATOM   551 C C   . GLN A 1 74  ? -6.024  10.344  -4.131  1.00 17.14 ? 245 GLN A C   1 
ATOM   552 O O   . GLN A 1 74  ? -7.243  10.507  -3.972  1.00 19.67 ? 245 GLN A O   1 
ATOM   553 C CB  . GLN A 1 74  ? -4.762  11.557  -5.928  1.00 23.01 ? 245 GLN A CB  1 
ATOM   554 C CG  . GLN A 1 74  ? -4.123  12.869  -6.401  1.00 24.83 ? 245 GLN A CG  1 
ATOM   555 C CD  . GLN A 1 74  ? -3.762  12.885  -7.885  1.00 28.58 ? 245 GLN A CD  1 
ATOM   556 O OE1 . GLN A 1 74  ? -3.499  13.947  -8.459  1.00 34.56 ? 245 GLN A OE1 1 
ATOM   557 N NE2 . GLN A 1 74  ? -3.734  11.719  -8.506  1.00 28.59 ? 245 GLN A NE2 1 
ATOM   558 N N   . ALA A 1 75  ? -5.441  9.158   -4.046  1.00 15.51 ? 246 ALA A N   1 
ATOM   559 C CA  . ALA A 1 75  ? -6.211  7.937   -3.799  1.00 16.29 ? 246 ALA A CA  1 
ATOM   560 C C   . ALA A 1 75  ? -6.815  7.899   -2.402  1.00 16.41 ? 246 ALA A C   1 
ATOM   561 O O   . ALA A 1 75  ? -7.796  7.178   -2.166  1.00 17.05 ? 246 ALA A O   1 
ATOM   562 C CB  . ALA A 1 75  ? -5.320  6.712   -4.017  1.00 18.04 ? 246 ALA A CB  1 
ATOM   563 N N   . LEU A 1 76  ? -6.247  8.675   -1.488  1.00 14.87 ? 247 LEU A N   1 
ATOM   564 C CA  . LEU A 1 76  ? -6.724  8.714   -0.113  1.00 15.68 ? 247 LEU A CA  1 
ATOM   565 C C   . LEU A 1 76  ? -7.792  9.773   0.138   1.00 15.98 ? 247 LEU A C   1 
ATOM   566 O O   . LEU A 1 76  ? -8.276  9.905   1.261   1.00 17.25 ? 247 LEU A O   1 
ATOM   567 C CB  . LEU A 1 76  ? -5.538  8.910   0.833   1.00 14.04 ? 247 LEU A CB  1 
ATOM   568 C CG  . LEU A 1 76  ? -4.602  7.700   0.948   1.00 15.33 ? 247 LEU A CG  1 
ATOM   569 C CD1 . LEU A 1 76  ? -3.291  8.149   1.569   1.00 15.88 ? 247 LEU A CD1 1 
ATOM   570 C CD2 . LEU A 1 76  ? -5.257  6.585   1.797   1.00 17.37 ? 247 LEU A CD2 1 
ATOM   571 N N   . SER A 1 77  ? -8.160  10.517  -0.897  1.00 18.32 ? 248 SER A N   1 
ATOM   572 C CA  . SER A 1 77  ? -9.190  11.542  -0.751  1.00 20.20 ? 248 SER A CA  1 
ATOM   573 C C   . SER A 1 77  ? -10.494 10.882  -0.309  1.00 21.06 ? 248 SER A C   1 
ATOM   574 O O   . SER A 1 77  ? -11.003 9.971   -0.958  1.00 20.51 ? 248 SER A O   1 
ATOM   575 C CB  . SER A 1 77  ? -9.392  12.278  -2.071  1.00 25.60 ? 248 SER A CB  1 
ATOM   576 O OG  . SER A 1 77  ? -10.497 13.158  -1.966  1.00 27.59 ? 248 SER A OG  1 
ATOM   577 N N   . THR A 1 78  ? -10.995 11.364  0.823   1.00 19.66 ? 249 THR A N   1 
ATOM   578 C CA  . THR A 1 78  ? -12.216 10.908  1.503   1.00 20.06 ? 249 THR A CA  1 
ATOM   579 C C   . THR A 1 78  ? -12.153 9.480   2.042   1.00 17.57 ? 249 THR A C   1 
ATOM   580 O O   . THR A 1 78  ? -13.176 8.895   2.398   1.00 18.36 ? 249 THR A O   1 
ATOM   581 C CB  . THR A 1 78  ? -13.500 11.066  0.641   1.00 21.89 ? 249 THR A CB  1 
ATOM   582 O OG1 . THR A 1 78  ? -13.496 10.134  -0.445  1.00 22.87 ? 249 THR A OG1 1 
ATOM   583 C CG2 . THR A 1 78  ? -13.606 12.482  0.117   1.00 22.81 ? 249 THR A CG2 1 
ATOM   584 N N   . ALA A 1 79  ? -10.955 8.903   2.114   1.00 17.17 ? 250 ALA A N   1 
ATOM   585 C CA  . ALA A 1 79  ? -10.854 7.563   2.661   1.00 15.17 ? 250 ALA A CA  1 
ATOM   586 C C   . ALA A 1 79  ? -11.216 7.571   4.152   1.00 14.80 ? 250 ALA A C   1 
ATOM   587 O O   . ALA A 1 79  ? -10.995 8.567   4.860   1.00 17.01 ? 250 ALA A O   1 
ATOM   588 C CB  . ALA A 1 79  ? -9.447  6.990   2.447   1.00 17.31 ? 250 ALA A CB  1 
ATOM   589 N N   . LYS A 1 80  ? -11.799 6.460   4.592   1.00 15.56 ? 251 LYS A N   1 
ATOM   590 C CA  . LYS A 1 80  ? -12.259 6.270   5.973   1.00 15.18 ? 251 LYS A CA  1 
ATOM   591 C C   . LYS A 1 80  ? -11.428 5.216   6.671   1.00 14.95 ? 251 LYS A C   1 
ATOM   592 O O   . LYS A 1 80  ? -10.712 4.434   6.026   1.00 14.86 ? 251 LYS A O   1 
ATOM   593 C CB  . LYS A 1 80  ? -13.714 5.802   5.976   1.00 17.21 ? 251 LYS A CB  1 
ATOM   594 C CG  . LYS A 1 80  ? -14.616 6.611   5.061   1.00 22.65 ? 251 LYS A CG  1 
ATOM   595 C CD  . LYS A 1 80  ? -14.743 8.023   5.559   1.00 24.17 ? 251 LYS A CD  1 
ATOM   596 C CE  . LYS A 1 80  ? -15.970 8.182   6.437   1.00 30.58 ? 251 LYS A CE  1 
ATOM   597 N NZ  . LYS A 1 80  ? -17.257 8.127   5.675   1.00 31.23 ? 251 LYS A NZ  1 
ATOM   598 N N   . LYS A 1 81  ? -11.531 5.164   7.992   1.00 16.07 ? 252 LYS A N   1 
ATOM   599 C CA  . LYS A 1 81  ? -10.795 4.190   8.768   1.00 15.40 ? 252 LYS A CA  1 
ATOM   600 C C   . LYS A 1 81  ? -11.166 2.800   8.301   1.00 14.82 ? 252 LYS A C   1 
ATOM   601 O O   . LYS A 1 81  ? -12.345 2.474   8.157   1.00 17.37 ? 252 LYS A O   1 
ATOM   602 C CB  . LYS A 1 81  ? -11.133 4.343   10.249  1.00 17.01 ? 252 LYS A CB  1 
ATOM   603 C CG  . LYS A 1 81  ? -10.489 3.285   11.112  1.00 16.35 ? 252 LYS A CG  1 
ATOM   604 C CD  . LYS A 1 81  ? -10.783 3.537   12.590  1.00 18.16 ? 252 LYS A CD  1 
ATOM   605 C CE  . LYS A 1 81  ? -9.973  2.631   13.478  1.00 20.18 ? 252 LYS A CE  1 
ATOM   606 N NZ  . LYS A 1 81  ? -10.395 2.825   14.899  1.00 23.45 ? 252 LYS A NZ  1 
ATOM   607 N N   . GLY A 1 82  ? -10.145 1.968   8.086   1.00 15.33 ? 253 GLY A N   1 
ATOM   608 C CA  . GLY A 1 82  ? -10.383 0.611   7.632   1.00 14.70 ? 253 GLY A CA  1 
ATOM   609 C C   . GLY A 1 82  ? -10.331 0.453   6.125   1.00 12.72 ? 253 GLY A C   1 
ATOM   610 O O   . GLY A 1 82  ? -10.277 -0.681  5.637   1.00 14.38 ? 253 GLY A O   1 
ATOM   611 N N   . ASP A 1 83  ? -10.339 1.552   5.386   1.00 13.04 ? 254 ASP A N   1 
ATOM   612 C CA  . ASP A 1 83  ? -10.288 1.455   3.932   1.00 13.65 ? 254 ASP A CA  1 
ATOM   613 C C   . ASP A 1 83  ? -8.957  0.916   3.440   1.00 10.16 ? 254 ASP A C   1 
ATOM   614 O O   . ASP A 1 83  ? -7.891  1.198   4.016   1.00 11.57 ? 254 ASP A O   1 
ATOM   615 C CB  . ASP A 1 83  ? -10.473 2.822   3.241   1.00 13.76 ? 254 ASP A CB  1 
ATOM   616 C CG  . ASP A 1 83  ? -11.891 3.345   3.291   1.00 16.28 ? 254 ASP A CG  1 
ATOM   617 O OD1 . ASP A 1 83  ? -12.767 2.622   3.781   1.00 17.41 ? 254 ASP A OD1 1 
ATOM   618 O OD2 . ASP A 1 83  ? -12.102 4.476   2.816   1.00 17.40 ? 254 ASP A OD2 1 
ATOM   619 N N   . ILE A 1 84  ? -9.045  0.142   2.370   1.00 10.70 ? 255 ILE A N   1 
ATOM   620 C CA  . ILE A 1 84  ? -7.871  -0.400  1.691   1.00 10.05 ? 255 ILE A CA  1 
ATOM   621 C C   . ILE A 1 84  ? -7.880  0.309   0.339   1.00 9.69  ? 255 ILE A C   1 
ATOM   622 O O   . ILE A 1 84  ? -8.897  0.324   -0.355  1.00 11.11 ? 255 ILE A O   1 
ATOM   623 C CB  . ILE A 1 84  ? -7.995  -1.925  1.471   1.00 10.32 ? 255 ILE A CB  1 
ATOM   624 C CG1 . ILE A 1 84  ? -8.344  -2.651  2.773   1.00 9.99  ? 255 ILE A CG1 1 
ATOM   625 C CG2 . ILE A 1 84  ? -6.708  -2.452  0.836   1.00 11.61 ? 255 ILE A CG2 1 
ATOM   626 C CD1 . ILE A 1 84  ? -7.321  -2.463  3.892   1.00 10.97 ? 255 ILE A CD1 1 
ATOM   627 N N   . VAL A 1 85  ? -6.754  0.884   -0.047  1.00 10.50 ? 256 VAL A N   1 
ATOM   628 C CA  . VAL A 1 85  ? -6.680  1.609   -1.302  1.00 11.80 ? 256 VAL A CA  1 
ATOM   629 C C   . VAL A 1 85  ? -5.631  0.981   -2.203  1.00 11.60 ? 256 VAL A C   1 
ATOM   630 O O   . VAL A 1 85  ? -4.533  0.671   -1.762  1.00 11.76 ? 256 VAL A O   1 
ATOM   631 C CB  . VAL A 1 85  ? -6.346  3.088   -1.025  1.00 15.59 ? 256 VAL A CB  1 
ATOM   632 C CG1 . VAL A 1 85  ? -6.180  3.865   -2.297  1.00 17.78 ? 256 VAL A CG1 1 
ATOM   633 C CG2 . VAL A 1 85  ? -7.464  3.701   -0.195  1.00 19.36 ? 256 VAL A CG2 1 
ATOM   634 N N   . GLY A 1 86  ? -5.974  0.800   -3.464  1.00 11.91 ? 257 GLY A N   1 
ATOM   635 C CA  . GLY A 1 86  ? -5.045  0.211   -4.402  1.00 13.42 ? 257 GLY A CA  1 
ATOM   636 C C   . GLY A 1 86  ? -5.733  -0.867  -5.216  1.00 11.71 ? 257 GLY A C   1 
ATOM   637 O O   . GLY A 1 86  ? -6.924  -1.151  -5.029  1.00 13.51 ? 257 GLY A O   1 
ATOM   638 N N   . PRO A 1 87  ? -4.991  -1.533  -6.089  1.00 12.89 ? 258 PRO A N   1 
ATOM   639 C CA  . PRO A 1 87  ? -3.568  -1.314  -6.324  1.00 14.62 ? 258 PRO A CA  1 
ATOM   640 C C   . PRO A 1 87  ? -3.282  -0.004  -7.030  1.00 14.56 ? 258 PRO A C   1 
ATOM   641 O O   . PRO A 1 87  ? -4.012  0.393   -7.927  1.00 15.90 ? 258 PRO A O   1 
ATOM   642 C CB  . PRO A 1 87  ? -3.175  -2.514  -7.170  1.00 15.18 ? 258 PRO A CB  1 
ATOM   643 C CG  . PRO A 1 87  ? -4.396  -2.724  -8.023  1.00 22.68 ? 258 PRO A CG  1 
ATOM   644 C CD  . PRO A 1 87  ? -5.537  -2.540  -7.022  1.00 15.09 ? 258 PRO A CD  1 
ATOM   645 N N   . ILE A 1 88  ? -2.170  0.616   -6.657  1.00 12.85 ? 259 ILE A N   1 
ATOM   646 C CA  . ILE A 1 88  ? -1.749  1.891   -7.248  1.00 14.24 ? 259 ILE A CA  1 
ATOM   647 C C   . ILE A 1 88  ? -0.404  1.636   -7.922  1.00 15.16 ? 259 ILE A C   1 
ATOM   648 O O   . ILE A 1 88  ? 0.556   1.261   -7.254  1.00 14.65 ? 259 ILE A O   1 
ATOM   649 C CB  . ILE A 1 88  ? -1.556  2.961   -6.142  1.00 13.09 ? 259 ILE A CB  1 
ATOM   650 C CG1 . ILE A 1 88  ? -2.872  3.218   -5.411  1.00 17.60 ? 259 ILE A CG1 1 
ATOM   651 C CG2 . ILE A 1 88  ? -1.084  4.311   -6.773  1.00 18.11 ? 259 ILE A CG2 1 
ATOM   652 C CD1 . ILE A 1 88  ? -2.677  3.939   -4.078  1.00 20.22 ? 259 ILE A CD1 1 
ATOM   653 N N   . ARG A 1 89  ? -0.309  1.841   -9.228  1.00 17.00 ? 260 ARG A N   1 
ATOM   654 C CA  . ARG A 1 89  ? 0.969   1.572   -9.884  1.00 16.18 ? 260 ARG A CA  1 
ATOM   655 C C   . ARG A 1 89  ? 1.946   2.748   -9.928  1.00 16.39 ? 260 ARG A C   1 
ATOM   656 O O   . ARG A 1 89  ? 1.546   3.907   -10.041 1.00 18.57 ? 260 ARG A O   1 
ATOM   657 C CB  . ARG A 1 89  ? 0.727   1.087   -11.314 1.00 19.85 ? 260 ARG A CB  1 
ATOM   658 C CG  . ARG A 1 89  ? 1.996   0.651   -12.037 1.00 19.94 ? 260 ARG A CG  1 
ATOM   659 C CD  . ARG A 1 89  ? 1.671   -0.065  -13.321 1.00 25.99 ? 260 ARG A CD  1 
ATOM   660 N NE  . ARG A 1 89  ? 2.883   -0.521  -13.992 1.00 26.53 ? 260 ARG A NE  1 
ATOM   661 C CZ  . ARG A 1 89  ? 2.888   -1.135  -15.166 1.00 28.34 ? 260 ARG A CZ  1 
ATOM   662 N NH1 . ARG A 1 89  ? 1.745   -1.367  -15.791 1.00 30.66 ? 260 ARG A NH1 1 
ATOM   663 N NH2 . ARG A 1 89  ? 4.039   -1.497  -15.718 1.00 30.45 ? 260 ARG A NH2 1 
ATOM   664 N N   . SER A 1 90  ? 3.223   2.422   -9.792  1.00 20.40 ? 261 SER A N   1 
ATOM   665 C CA  . SER A 1 90  ? 4.275   3.422   -9.947  1.00 17.46 ? 261 SER A CA  1 
ATOM   666 C C   . SER A 1 90  ? 5.435   2.648   -10.555 1.00 20.15 ? 261 SER A C   1 
ATOM   667 O O   . SER A 1 90  ? 5.348   1.443   -10.791 1.00 21.26 ? 261 SER A O   1 
ATOM   668 C CB  . SER A 1 90  ? 4.699   4.072   -8.622  1.00 20.48 ? 261 SER A CB  1 
ATOM   669 O OG  . SER A 1 90  ? 5.618   3.289   -7.883  1.00 18.43 ? 261 SER A OG  1 
ATOM   670 N N   . GLY A 1 91  ? 6.536   3.344   -10.797 1.00 20.19 ? 262 GLY A N   1 
ATOM   671 C CA  . GLY A 1 91  ? 7.690   2.699   -11.394 1.00 22.59 ? 262 GLY A CA  1 
ATOM   672 C C   . GLY A 1 91  ? 8.221   1.489   -10.647 1.00 20.90 ? 262 GLY A C   1 
ATOM   673 O O   . GLY A 1 91  ? 8.818   0.608   -11.252 1.00 24.65 ? 262 GLY A O   1 
ATOM   674 N N   . VAL A 1 92  ? 8.019   1.420   -9.340  1.00 21.26 ? 263 VAL A N   1 
ATOM   675 C CA  . VAL A 1 92  ? 8.529   0.285   -8.590  1.00 17.50 ? 263 VAL A CA  1 
ATOM   676 C C   . VAL A 1 92  ? 7.558   -0.890  -8.412  1.00 18.96 ? 263 VAL A C   1 
ATOM   677 O O   . VAL A 1 92  ? 7.923   -1.918  -7.844  1.00 17.54 ? 263 VAL A O   1 
ATOM   678 C CB  . VAL A 1 92  ? 9.024   0.734   -7.215  1.00 19.74 ? 263 VAL A CB  1 
ATOM   679 C CG1 . VAL A 1 92  ? 10.124  1.798   -7.382  1.00 22.41 ? 263 VAL A CG1 1 
ATOM   680 C CG2 . VAL A 1 92  ? 7.853   1.282   -6.402  1.00 18.63 ? 263 VAL A CG2 1 
ATOM   681 N N   . GLY A 1 93  ? 6.325   -0.739  -8.897  1.00 17.83 ? 264 GLY A N   1 
ATOM   682 C CA  . GLY A 1 93  ? 5.367   -1.826  -8.770  1.00 15.41 ? 264 GLY A CA  1 
ATOM   683 C C   . GLY A 1 93  ? 4.002   -1.365  -8.297  1.00 13.45 ? 264 GLY A C   1 
ATOM   684 O O   . GLY A 1 93  ? 3.658   -0.206  -8.484  1.00 16.27 ? 264 GLY A O   1 
ATOM   685 N N   . PHE A 1 94  ? 3.233   -2.293  -7.714  1.00 13.53 ? 265 PHE A N   1 
ATOM   686 C CA  . PHE A 1 94  ? 1.879   -2.016  -7.212  1.00 12.63 ? 265 PHE A CA  1 
ATOM   687 C C   . PHE A 1 94  ? 1.858   -1.819  -5.712  1.00 12.86 ? 265 PHE A C   1 
ATOM   688 O O   . PHE A 1 94  ? 2.329   -2.644  -4.938  1.00 14.81 ? 265 PHE A O   1 
ATOM   689 C CB  . PHE A 1 94  ? 0.922   -3.148  -7.592  1.00 13.48 ? 265 PHE A CB  1 
ATOM   690 C CG  . PHE A 1 94  ? 0.588   -3.195  -9.060  1.00 13.56 ? 265 PHE A CG  1 
ATOM   691 C CD1 . PHE A 1 94  ? -0.317  -2.295  -9.617  1.00 16.21 ? 265 PHE A CD1 1 
ATOM   692 C CD2 . PHE A 1 94  ? 1.171   -4.156  -9.883  1.00 14.14 ? 265 PHE A CD2 1 
ATOM   693 C CE1 . PHE A 1 94  ? -0.642  -2.365  -10.975 1.00 16.28 ? 265 PHE A CE1 1 
ATOM   694 C CE2 . PHE A 1 94  ? 0.844   -4.220  -11.252 1.00 15.76 ? 265 PHE A CE2 1 
ATOM   695 C CZ  . PHE A 1 94  ? -0.061  -3.327  -11.791 1.00 16.62 ? 265 PHE A CZ  1 
ATOM   696 N N   . HIS A 1 95  ? 1.274   -0.695  -5.318  1.00 12.13 ? 266 HIS A N   1 
ATOM   697 C CA  . HIS A 1 95  ? 1.183   -0.285  -3.926  1.00 12.52 ? 266 HIS A CA  1 
ATOM   698 C C   . HIS A 1 95  ? -0.224  -0.497  -3.399  1.00 9.86  ? 266 HIS A C   1 
ATOM   699 O O   . HIS A 1 95  ? -1.200  -0.312  -4.148  1.00 11.28 ? 266 HIS A O   1 
ATOM   700 C CB  . HIS A 1 95  ? 1.503   1.214   -3.809  1.00 12.54 ? 266 HIS A CB  1 
ATOM   701 C CG  . HIS A 1 95  ? 2.828   1.612   -4.369  1.00 14.17 ? 266 HIS A CG  1 
ATOM   702 N ND1 . HIS A 1 95  ? 3.970   1.653   -3.601  1.00 14.96 ? 266 HIS A ND1 1 
ATOM   703 C CD2 . HIS A 1 95  ? 3.184   2.003   -5.616  1.00 16.04 ? 266 HIS A CD2 1 
ATOM   704 C CE1 . HIS A 1 95  ? 4.979   2.050   -4.364  1.00 13.99 ? 266 HIS A CE1 1 
ATOM   705 N NE2 . HIS A 1 95  ? 4.532   2.268   -5.586  1.00 13.69 ? 266 HIS A NE2 1 
ATOM   706 N N   . ILE A 1 96  ? -0.312  -0.879  -2.130  1.00 10.54 ? 267 ILE A N   1 
ATOM   707 C CA  . ILE A 1 96  ? -1.585  -1.035  -1.458  1.00 9.84  ? 267 ILE A CA  1 
ATOM   708 C C   . ILE A 1 96  ? -1.441  -0.327  -0.122  1.00 10.76 ? 267 ILE A C   1 
ATOM   709 O O   . ILE A 1 96  ? -0.407  -0.474  0.556   1.00 11.41 ? 267 ILE A O   1 
ATOM   710 C CB  . ILE A 1 96  ? -1.946  -2.502  -1.163  1.00 9.81  ? 267 ILE A CB  1 
ATOM   711 C CG1 . ILE A 1 96  ? -1.956  -3.327  -2.452  1.00 11.65 ? 267 ILE A CG1 1 
ATOM   712 C CG2 . ILE A 1 96  ? -3.342  -2.559  -0.487  1.00 10.95 ? 267 ILE A CG2 1 
ATOM   713 C CD1 . ILE A 1 96  ? -1.917  -4.847  -2.208  1.00 14.76 ? 267 ILE A CD1 1 
ATOM   714 N N   . LEU A 1 97  ? -2.436  0.476   0.252   1.00 9.37  ? 268 LEU A N   1 
ATOM   715 C CA  . LEU A 1 97  ? -2.401  1.173   1.530   1.00 10.16 ? 268 LEU A CA  1 
ATOM   716 C C   . LEU A 1 97  ? -3.610  0.831   2.371   1.00 10.30 ? 268 LEU A C   1 
ATOM   717 O O   . LEU A 1 97  ? -4.704  0.590   1.820   1.00 10.56 ? 268 LEU A O   1 
ATOM   718 C CB  . LEU A 1 97  ? -2.431  2.690   1.325   1.00 13.15 ? 268 LEU A CB  1 
ATOM   719 C CG  . LEU A 1 97  ? -1.339  3.314   0.481   1.00 16.21 ? 268 LEU A CG  1 
ATOM   720 C CD1 . LEU A 1 97  ? -1.717  4.760   0.103   1.00 17.00 ? 268 LEU A CD1 1 
ATOM   721 C CD2 . LEU A 1 97  ? -0.053  3.270   1.281   1.00 16.56 ? 268 LEU A CD2 1 
ATOM   722 N N   . LYS A 1 98  ? -3.437  0.776   3.687   1.00 9.65  ? 269 LYS A N   1 
ATOM   723 C CA  . LYS A 1 98  ? -4.566  0.601   4.589   1.00 9.63  ? 269 LYS A CA  1 
ATOM   724 C C   . LYS A 1 98  ? -4.610  1.845   5.480   1.00 10.76 ? 269 LYS A C   1 
ATOM   725 O O   . LYS A 1 98  ? -3.582  2.303   5.982   1.00 11.13 ? 269 LYS A O   1 
ATOM   726 C CB  . LYS A 1 98  ? -4.424  -0.617  5.517   1.00 9.78  ? 269 LYS A CB  1 
ATOM   727 C CG  . LYS A 1 98  ? -5.548  -0.658  6.547   1.00 10.80 ? 269 LYS A CG  1 
ATOM   728 C CD  . LYS A 1 98  ? -5.740  -2.028  7.167   1.00 10.42 ? 269 LYS A CD  1 
ATOM   729 C CE  . LYS A 1 98  ? -7.038  -2.063  7.960   1.00 11.08 ? 269 LYS A CE  1 
ATOM   730 N NZ  . LYS A 1 98  ? -7.261  -3.418  8.544   1.00 12.38 ? 269 LYS A NZ  1 
ATOM   731 N N   . VAL A 1 99  ? -5.819  2.374   5.654   1.00 11.86 ? 270 VAL A N   1 
ATOM   732 C CA  . VAL A 1 99  ? -6.030  3.503   6.551   1.00 12.72 ? 270 VAL A CA  1 
ATOM   733 C C   . VAL A 1 99  ? -6.318  2.873   7.909   1.00 12.29 ? 270 VAL A C   1 
ATOM   734 O O   . VAL A 1 99  ? -7.406  2.384   8.154   1.00 13.19 ? 270 VAL A O   1 
ATOM   735 C CB  . VAL A 1 99  ? -7.215  4.385   6.116   1.00 11.62 ? 270 VAL A CB  1 
ATOM   736 C CG1 . VAL A 1 99  ? -7.338  5.579   7.073   1.00 13.16 ? 270 VAL A CG1 1 
ATOM   737 C CG2 . VAL A 1 99  ? -6.986  4.885   4.690   1.00 13.07 ? 270 VAL A CG2 1 
ATOM   738 N N   . ASN A 1 100 ? -5.321  2.854   8.779   1.00 12.36 ? 271 ASN A N   1 
ATOM   739 C CA  . ASN A 1 100 ? -5.484  2.262   10.102  1.00 14.00 ? 271 ASN A CA  1 
ATOM   740 C C   . ASN A 1 100 ? -6.343  3.115   11.039  1.00 15.01 ? 271 ASN A C   1 
ATOM   741 O O   . ASN A 1 100 ? -7.095  2.597   11.871  1.00 15.05 ? 271 ASN A O   1 
ATOM   742 C CB  . ASN A 1 100 ? -4.130  2.097   10.791  1.00 13.59 ? 271 ASN A CB  1 
ATOM   743 C CG  . ASN A 1 100 ? -3.161  1.218   10.027  1.00 12.91 ? 271 ASN A CG  1 
ATOM   744 O OD1 . ASN A 1 100 ? -1.968  1.569   9.884   1.00 15.31 ? 271 ASN A OD1 1 
ATOM   745 N ND2 . ASN A 1 100 ? -3.636  0.081   9.566   1.00 11.99 ? 271 ASN A ND2 1 
ATOM   746 N N   . ASP A 1 101 ? -6.202  4.432   10.910  1.00 14.18 ? 272 ASP A N   1 
ATOM   747 C CA  . ASP A 1 101 ? -6.910  5.340   11.815  1.00 14.53 ? 272 ASP A CA  1 
ATOM   748 C C   . ASP A 1 101 ? -6.792  6.747   11.270  1.00 15.34 ? 272 ASP A C   1 
ATOM   749 O O   . ASP A 1 101 ? -5.991  7.004   10.371  1.00 13.28 ? 272 ASP A O   1 
ATOM   750 C CB  . ASP A 1 101 ? -6.222  5.257   13.189  1.00 15.82 ? 272 ASP A CB  1 
ATOM   751 C CG  . ASP A 1 101 ? -7.140  5.576   14.344  1.00 17.66 ? 272 ASP A CG  1 
ATOM   752 O OD1 . ASP A 1 101 ? -8.270  6.044   14.118  1.00 18.49 ? 272 ASP A OD1 1 
ATOM   753 O OD2 . ASP A 1 101 ? -6.699  5.333   15.490  1.00 22.18 ? 272 ASP A OD2 1 
ATOM   754 N N   . LEU A 1 102 ? -7.599  7.652   11.836  1.00 14.99 ? 273 LEU A N   1 
ATOM   755 C CA  . LEU A 1 102 ? -7.606  9.078   11.492  1.00 14.92 ? 273 LEU A CA  1 
ATOM   756 C C   . LEU A 1 102 ? -7.811  9.840   12.795  1.00 16.16 ? 273 LEU A C   1 
ATOM   757 O O   . LEU A 1 102 ? -8.471  9.343   13.695  1.00 15.23 ? 273 LEU A O   1 
ATOM   758 C CB  . LEU A 1 102 ? -8.765  9.432   10.556  1.00 17.35 ? 273 LEU A CB  1 
ATOM   759 C CG  . LEU A 1 102 ? -8.936  8.679   9.238   1.00 19.81 ? 273 LEU A CG  1 
ATOM   760 C CD1 . LEU A 1 102 ? -9.626  9.561   8.207   1.00 22.49 ? 273 LEU A CD1 1 
ATOM   761 C CD2 . LEU A 1 102 ? -7.604  8.290   8.696   1.00 26.27 ? 273 LEU A CD2 1 
ATOM   762 N N   . ARG A 1 103 ? -7.252  11.037  12.880  1.00 16.57 ? 274 ARG A N   1 
ATOM   763 C CA  . ARG A 1 103 ? -7.424  11.850  14.085  1.00 17.14 ? 274 ARG A CA  1 
ATOM   764 C C   . ARG A 1 103 ? -7.463  13.336  13.745  1.00 17.40 ? 274 ARG A C   1 
ATOM   765 O O   . ARG A 1 103 ? -6.904  13.738  12.704  1.00 18.19 ? 274 ARG A O   1 
ATOM   766 C CB  . ARG A 1 103 ? -6.292  11.569  15.074  1.00 16.91 ? 274 ARG A CB  1 
ATOM   767 C CG  . ARG A 1 103 ? -4.936  12.127  14.675  1.00 17.08 ? 274 ARG A CG  1 
ATOM   768 C CD  . ARG A 1 103 ? -3.829  11.714  15.634  1.00 20.15 ? 274 ARG A CD  1 
ATOM   769 N NE  . ARG A 1 103 ? -2.529  12.228  15.223  1.00 18.46 ? 274 ARG A NE  1 
ATOM   770 C CZ  . ARG A 1 103 ? -1.376  11.838  15.750  1.00 20.03 ? 274 ARG A CZ  1 
ATOM   771 N NH1 . ARG A 1 103 ? -1.363  10.937  16.713  1.00 19.13 ? 274 ARG A NH1 1 
ATOM   772 N NH2 . ARG A 1 103 ? -0.232  12.329  15.292  1.00 24.60 ? 274 ARG A NH2 1 
ATOM   773 O OXT . ARG A 1 103 ? -8.043  14.097  14.561  1.00 21.02 ? 274 ARG A OXT 1 
ATOM   774 N N   . TRP B 2 1   ? 5.086   11.656  9.150   1.00 20.73 ? 1   TRP B N   1 
ATOM   775 C CA  . TRP B 2 1   ? 5.157   10.199  8.838   1.00 19.28 ? 1   TRP B CA  1 
ATOM   776 C C   . TRP B 2 1   ? 6.401   9.586   9.444   1.00 19.45 ? 1   TRP B C   1 
ATOM   777 O O   . TRP B 2 1   ? 7.477   10.212  9.462   1.00 22.43 ? 1   TRP B O   1 
ATOM   778 C CB  . TRP B 2 1   ? 5.178   9.976   7.318   1.00 17.82 ? 1   TRP B CB  1 
ATOM   779 C CG  . TRP B 2 1   ? 3.952   10.458  6.646   1.00 19.22 ? 1   TRP B CG  1 
ATOM   780 C CD1 . TRP B 2 1   ? 3.814   11.595  5.891   1.00 18.14 ? 1   TRP B CD1 1 
ATOM   781 C CD2 . TRP B 2 1   ? 2.649   9.874   6.739   1.00 17.92 ? 1   TRP B CD2 1 
ATOM   782 N NE1 . TRP B 2 1   ? 2.500   11.755  5.518   1.00 18.00 ? 1   TRP B NE1 1 
ATOM   783 C CE2 . TRP B 2 1   ? 1.765   10.710  6.026   1.00 17.33 ? 1   TRP B CE2 1 
ATOM   784 C CE3 . TRP B 2 1   ? 2.142   8.720   7.364   1.00 15.89 ? 1   TRP B CE3 1 
ATOM   785 C CZ2 . TRP B 2 1   ? 0.401   10.438  5.920   1.00 17.45 ? 1   TRP B CZ2 1 
ATOM   786 C CZ3 . TRP B 2 1   ? 0.787   8.445   7.260   1.00 16.59 ? 1   TRP B CZ3 1 
ATOM   787 C CH2 . TRP B 2 1   ? -0.072  9.301   6.544   1.00 15.67 ? 1   TRP B CH2 1 
ATOM   788 N N   . GLU B 2 2   ? 6.275   8.361   9.933   1.00 19.74 ? 2   GLU B N   1 
ATOM   789 C CA  . GLU B 2 2   ? 7.416   7.670   10.515  1.00 24.13 ? 2   GLU B CA  1 
ATOM   790 C C   . GLU B 2 2   ? 8.204   7.016   9.390   1.00 21.35 ? 2   GLU B C   1 
ATOM   791 O O   . GLU B 2 2   ? 9.422   6.868   9.466   1.00 25.48 ? 2   GLU B O   1 
ATOM   792 C CB  . GLU B 2 2   ? 6.934   6.621   11.513  1.00 26.82 ? 2   GLU B CB  1 
ATOM   793 C CG  . GLU B 2 2   ? 8.044   5.848   12.191  1.00 31.44 ? 2   GLU B CG  1 
ATOM   794 C CD  . GLU B 2 2   ? 9.064   6.759   12.836  1.00 33.12 ? 2   GLU B CD  1 
ATOM   795 O OE1 . GLU B 2 2   ? 8.649   7.719   13.525  1.00 34.97 ? 2   GLU B OE1 1 
ATOM   796 O OE2 . GLU B 2 2   ? 10.276  6.510   12.658  1.00 36.58 ? 2   GLU B OE2 1 
ATOM   797 N N   . TYR B 2 3   ? 7.495   6.633   8.335   1.00 21.63 ? 3   TYR B N   1 
ATOM   798 C CA  . TYR B 2 3   ? 8.107   5.999   7.180   1.00 18.74 ? 3   TYR B CA  1 
ATOM   799 C C   . TYR B 2 3   ? 7.272   6.271   5.929   1.00 17.17 ? 3   TYR B C   1 
ATOM   800 O O   . TYR B 2 3   ? 6.042   6.143   5.966   1.00 18.77 ? 3   TYR B O   1 
ATOM   801 C CB  . TYR B 2 3   ? 8.231   4.494   7.420   1.00 24.61 ? 3   TYR B CB  1 
ATOM   802 C CG  . TYR B 2 3   ? 8.399   3.709   6.149   1.00 26.82 ? 3   TYR B CG  1 
ATOM   803 C CD1 . TYR B 2 3   ? 9.499   3.914   5.316   1.00 30.00 ? 3   TYR B CD1 1 
ATOM   804 C CD2 . TYR B 2 3   ? 7.411   2.823   5.734   1.00 26.82 ? 3   TYR B CD2 1 
ATOM   805 C CE1 . TYR B 2 3   ? 9.596   3.262   4.092   1.00 31.29 ? 3   TYR B CE1 1 
ATOM   806 C CE2 . TYR B 2 3   ? 7.497   2.168   4.524   1.00 31.89 ? 3   TYR B CE2 1 
ATOM   807 C CZ  . TYR B 2 3   ? 8.584   2.396   3.707   1.00 30.57 ? 3   TYR B CZ  1 
ATOM   808 O OH  . TYR B 2 3   ? 8.615   1.791   2.477   1.00 36.66 ? 3   TYR B OH  1 
ATOM   809 N N   . ILE B 2 4   ? 7.928   6.648   4.830   1.00 18.12 ? 4   ILE B N   1 
ATOM   810 C CA  . ILE B 2 4   ? 7.244   6.905   3.556   1.00 18.76 ? 4   ILE B CA  1 
ATOM   811 C C   . ILE B 2 4   ? 7.928   6.049   2.490   1.00 20.31 ? 4   ILE B C   1 
ATOM   812 O O   . ILE B 2 4   ? 9.106   6.226   2.201   1.00 21.03 ? 4   ILE B O   1 
ATOM   813 C CB  . ILE B 2 4   ? 7.319   8.401   3.120   1.00 20.48 ? 4   ILE B CB  1 
ATOM   814 C CG1 . ILE B 2 4   ? 6.676   9.297   4.188   1.00 20.83 ? 4   ILE B CG1 1 
ATOM   815 C CG2 . ILE B 2 4   ? 6.595   8.596   1.786   1.00 20.21 ? 4   ILE B CG2 1 
ATOM   816 C CD1 . ILE B 2 4   ? 6.728   10.770  3.863   1.00 24.94 ? 4   ILE B CD1 1 
ATOM   817 N N   . PRO B 2 5   ? 7.204   5.084   1.910   1.00 18.79 ? 5   PRO B N   1 
ATOM   818 C CA  . PRO B 2 5   ? 7.833   4.243   0.891   1.00 19.89 ? 5   PRO B CA  1 
ATOM   819 C C   . PRO B 2 5   ? 8.165   4.989   -0.386  1.00 15.06 ? 5   PRO B C   1 
ATOM   820 O O   . PRO B 2 5   ? 7.571   6.019   -0.719  1.00 18.58 ? 5   PRO B O   1 
ATOM   821 C CB  . PRO B 2 5   ? 6.810   3.116   0.674   1.00 23.93 ? 5   PRO B CB  1 
ATOM   822 C CG  . PRO B 2 5   ? 5.522   3.751   1.017   1.00 20.30 ? 5   PRO B CG  1 
ATOM   823 C CD  . PRO B 2 5   ? 5.837   4.633   2.210   1.00 19.78 ? 5   PRO B CD  1 
ATOM   824 N N   . ASN B 2 6   ? 9.148   4.454   -1.093  1.00 17.54 ? 6   ASN B N   1 
ATOM   825 C CA  . ASN B 2 6   ? 9.566   5.017   -2.356  1.00 19.98 ? 6   ASN B CA  1 
ATOM   826 C C   . ASN B 2 6   ? 8.544   4.609   -3.409  1.00 18.51 ? 6   ASN B C   1 
ATOM   827 O O   . ASN B 2 6   ? 7.896   3.551   -3.289  1.00 19.40 ? 6   ASN B O   1 
ATOM   828 C CB  . ASN B 2 6   ? 10.938  4.468   -2.747  1.00 22.44 ? 6   ASN B CB  1 
ATOM   829 C CG  . ASN B 2 6   ? 12.056  5.044   -1.908  1.00 25.34 ? 6   ASN B CG  1 
ATOM   830 O OD1 . ASN B 2 6   ? 12.884  4.308   -1.380  1.00 28.32 ? 6   ASN B OD1 1 
ATOM   831 N ND2 . ASN B 2 6   ? 12.085  6.368   -1.781  1.00 27.88 ? 6   ASN B ND2 1 
ATOM   832 N N   . VAL B 2 7   ? 8.369   5.443   -4.425  1.00 18.72 ? 7   VAL B N   1 
ATOM   833 C CA  . VAL B 2 7   ? 7.457   5.109   -5.512  1.00 18.48 ? 7   VAL B CA  1 
ATOM   834 C C   . VAL B 2 7   ? 8.204   5.327   -6.821  1.00 21.52 ? 7   VAL B C   1 
ATOM   835 O O   . VAL B 2 7   ? 9.270   5.992   -6.787  1.00 22.74 ? 7   VAL B O   1 
ATOM   836 C CB  . VAL B 2 7   ? 6.150   5.974   -5.483  1.00 19.15 ? 7   VAL B CB  1 
ATOM   837 C CG1 . VAL B 2 7   ? 5.398   5.726   -4.190  1.00 20.46 ? 7   VAL B CG1 1 
ATOM   838 C CG2 . VAL B 2 7   ? 6.471   7.455   -5.639  1.00 23.25 ? 7   VAL B CG2 1 
ATOM   839 O OXT . VAL B 2 7   ? 7.726   4.838   -7.861  1.00 20.84 ? 7   VAL B OXT 1 
HETATM 840 O O   . HOH C 3 .   ? -11.640 -0.591  1.293   1.00 13.72 ? 275 HOH A O   1 
HETATM 841 O O   . HOH C 3 .   ? -13.023 -9.070  -0.542  1.00 13.71 ? 276 HOH A O   1 
HETATM 842 O O   . HOH C 3 .   ? -7.226  -5.412  6.565   1.00 13.62 ? 277 HOH A O   1 
HETATM 843 O O   . HOH C 3 .   ? 0.355   -2.658  9.522   1.00 14.74 ? 278 HOH A O   1 
HETATM 844 O O   . HOH C 3 .   ? -2.433  -2.413  9.194   1.00 15.52 ? 279 HOH A O   1 
HETATM 845 O O   . HOH C 3 .   ? 5.327   -3.480  3.742   1.00 14.68 ? 280 HOH A O   1 
HETATM 846 O O   . HOH C 3 .   ? -17.021 -12.087 5.220   1.00 16.78 ? 281 HOH A O   1 
HETATM 847 O O   . HOH C 3 .   ? 1.376   2.866   11.069  1.00 16.51 ? 282 HOH A O   1 
HETATM 848 O O   . HOH C 3 .   ? -10.863 7.983   14.197  1.00 17.62 ? 283 HOH A O   1 
HETATM 849 O O   . HOH C 3 .   ? -9.420  -12.489 3.698   1.00 19.27 ? 284 HOH A O   1 
HETATM 850 O O   . HOH C 3 .   ? -11.018 4.784   0.282   1.00 19.02 ? 285 HOH A O   1 
HETATM 851 O O   . HOH C 3 .   ? -3.137  -11.751 7.180   1.00 18.55 ? 286 HOH A O   1 
HETATM 852 O O   . HOH C 3 .   ? 1.464   -14.632 -18.177 1.00 21.33 ? 287 HOH A O   1 
HETATM 853 O O   . HOH C 3 .   ? -5.453  -5.173  9.761   1.00 17.45 ? 288 HOH A O   1 
HETATM 854 O O   . HOH C 3 .   ? -8.926  -5.849  -5.545  1.00 19.46 ? 289 HOH A O   1 
HETATM 855 O O   . HOH C 3 .   ? -3.614  -9.389  -13.839 1.00 20.68 ? 290 HOH A O   1 
HETATM 856 O O   . HOH C 3 .   ? -9.088  5.672   -3.921  1.00 24.65 ? 291 HOH A O   1 
HETATM 857 O O   . HOH C 3 .   ? -3.620  7.356   -7.393  1.00 21.99 ? 292 HOH A O   1 
HETATM 858 O O   . HOH C 3 .   ? -11.147 -13.082 1.555   1.00 22.51 ? 293 HOH A O   1 
HETATM 859 O O   . HOH C 3 .   ? -3.230  9.647   18.464  1.00 23.91 ? 294 HOH A O   1 
HETATM 860 O O   . HOH C 3 .   ? -5.580  -1.413  10.797  1.00 18.85 ? 295 HOH A O   1 
HETATM 861 O O   . HOH C 3 .   ? -10.322 5.499   15.749  1.00 21.71 ? 296 HOH A O   1 
HETATM 862 O O   . HOH C 3 .   ? -1.846  17.423  4.027   1.00 26.10 ? 297 HOH A O   1 
HETATM 863 O O   . HOH C 3 .   ? -7.572  0.043   11.979  1.00 20.89 ? 298 HOH A O   1 
HETATM 864 O O   . HOH C 3 .   ? -0.892  -13.148 -18.567 1.00 21.66 ? 299 HOH A O   1 
HETATM 865 O O   . HOH C 3 .   ? 1.840   -13.550 -15.757 1.00 19.13 ? 300 HOH A O   1 
HETATM 866 O O   . HOH C 3 .   ? -8.922  -2.949  -6.090  1.00 22.56 ? 301 HOH A O   1 
HETATM 867 O O   . HOH C 3 .   ? -5.339  -12.535 8.661   1.00 18.95 ? 302 HOH A O   1 
HETATM 868 O O   . HOH C 3 .   ? 3.281   14.403  7.780   1.00 23.37 ? 303 HOH A O   1 
HETATM 869 O O   . HOH C 3 .   ? -6.922  -11.249 -7.753  1.00 21.23 ? 304 HOH A O   1 
HETATM 870 O O   . HOH C 3 .   ? -2.958  -4.661  10.540  1.00 21.21 ? 305 HOH A O   1 
HETATM 871 O O   . HOH C 3 .   ? -9.316  -9.666  -7.209  1.00 22.66 ? 306 HOH A O   1 
HETATM 872 O O   . HOH C 3 .   ? 3.208   -15.160 -14.118 1.00 23.32 ? 307 HOH A O   1 
HETATM 873 O O   . HOH C 3 .   ? -0.705  5.330   -10.688 1.00 29.11 ? 308 HOH A O   1 
HETATM 874 O O   . HOH C 3 .   ? -2.384  15.191  -4.004  1.00 24.15 ? 309 HOH A O   1 
HETATM 875 O O   . HOH C 3 .   ? 3.810   8.520   13.841  1.00 23.77 ? 310 HOH A O   1 
HETATM 876 O O   . HOH C 3 .   ? -2.495  2.440   -10.859 1.00 28.35 ? 311 HOH A O   1 
HETATM 877 O O   . HOH C 3 .   ? 1.315   -11.356 -21.023 1.00 28.50 ? 312 HOH A O   1 
HETATM 878 O O   . HOH C 3 .   ? 2.853   2.655   13.568  1.00 26.68 ? 313 HOH A O   1 
HETATM 879 O O   . HOH C 3 .   ? 7.272   0.335   9.835   1.00 29.06 ? 314 HOH A O   1 
HETATM 880 O O   . HOH C 3 .   ? -1.998  -13.583 -7.662  1.00 23.56 ? 315 HOH A O   1 
HETATM 881 O O   . HOH C 3 .   ? 5.595   -10.051 -11.459 1.00 24.81 ? 316 HOH A O   1 
HETATM 882 O O   . HOH C 3 .   ? -6.253  14.076  -1.149  1.00 28.07 ? 317 HOH A O   1 
HETATM 883 O O   . HOH C 3 .   ? -2.283  -14.102 2.300   1.00 29.73 ? 318 HOH A O   1 
HETATM 884 O O   . HOH C 3 .   ? -0.498  -12.985 6.010   1.00 31.38 ? 319 HOH A O   1 
HETATM 885 O O   . HOH C 3 .   ? 6.801   13.989  5.454   1.00 24.16 ? 320 HOH A O   1 
HETATM 886 O O   . HOH C 3 .   ? -3.478  -0.130  -10.802 1.00 32.64 ? 321 HOH A O   1 
HETATM 887 O O   . HOH C 3 .   ? 10.614  -2.752  -7.065  1.00 26.90 ? 322 HOH A O   1 
HETATM 888 O O   . HOH C 3 .   ? -10.276 7.080   -0.918  1.00 22.14 ? 323 HOH A O   1 
HETATM 889 O O   . HOH C 3 .   ? 3.059   20.037  4.210   1.00 31.45 ? 324 HOH A O   1 
HETATM 890 O O   . HOH C 3 .   ? -2.509  -14.065 -0.998  1.00 28.83 ? 325 HOH A O   1 
HETATM 891 O O   . HOH C 3 .   ? -1.418  5.902   17.847  1.00 35.33 ? 326 HOH A O   1 
HETATM 892 O O   . HOH C 3 .   ? -0.286  -6.281  -19.041 1.00 24.12 ? 327 HOH A O   1 
HETATM 893 O O   . HOH C 3 .   ? 8.570   -12.483 5.585   1.00 23.30 ? 328 HOH A O   1 
HETATM 894 O O   . HOH C 3 .   ? -6.816  -4.207  -14.288 1.00 30.76 ? 329 HOH A O   1 
HETATM 895 O O   . HOH C 3 .   ? 2.510   10.798  16.321  1.00 41.09 ? 330 HOH A O   1 
HETATM 896 O O   . HOH C 3 .   ? 5.463   -10.777 -5.153  1.00 35.30 ? 331 HOH A O   1 
HETATM 897 O O   . HOH C 3 .   ? -13.872 -12.316 7.225   1.00 32.67 ? 332 HOH A O   1 
HETATM 898 O O   . HOH C 3 .   ? 7.473   -9.944  2.813   1.00 20.57 ? 333 HOH A O   1 
HETATM 899 O O   . HOH C 3 .   ? -12.158 -1.839  3.767   1.00 20.98 ? 334 HOH A O   1 
HETATM 900 O O   . HOH C 3 .   ? -10.238 3.353   -3.264  1.00 24.00 ? 335 HOH A O   1 
HETATM 901 O O   . HOH C 3 .   ? -0.573  -13.443 -14.522 1.00 23.41 ? 336 HOH A O   1 
HETATM 902 O O   . HOH C 3 .   ? -1.778  -3.800  -18.130 1.00 35.46 ? 337 HOH A O   1 
HETATM 903 O O   . HOH C 3 .   ? 0.982   -3.855  11.810  1.00 25.40 ? 338 HOH A O   1 
HETATM 904 O O   . HOH C 3 .   ? -4.230  -11.012 13.497  1.00 27.68 ? 339 HOH A O   1 
HETATM 905 O O   . HOH C 3 .   ? -7.690  15.117  0.959   1.00 24.24 ? 340 HOH A O   1 
HETATM 906 O O   . HOH C 3 .   ? -4.940  -12.920 11.464  1.00 32.09 ? 341 HOH A O   1 
HETATM 907 O O   . HOH C 3 .   ? 11.476  -3.371  -4.665  1.00 32.69 ? 342 HOH A O   1 
HETATM 908 O O   . HOH C 3 .   ? -10.298 -0.629  10.774  1.00 27.55 ? 343 HOH A O   1 
HETATM 909 O O   . HOH C 3 .   ? 1.248   4.363   14.828  1.00 27.45 ? 344 HOH A O   1 
HETATM 910 O O   . HOH C 3 .   ? -13.217 -11.609 -2.171  1.00 31.32 ? 345 HOH A O   1 
HETATM 911 O O   . HOH C 3 .   ? -4.885  15.075  -3.534  1.00 38.04 ? 346 HOH A O   1 
HETATM 912 O O   . HOH C 3 .   ? -7.793  5.565   -6.464  1.00 33.18 ? 347 HOH A O   1 
HETATM 913 O O   . HOH C 3 .   ? -10.372 -12.052 -0.990  1.00 32.14 ? 348 HOH A O   1 
HETATM 914 O O   . HOH C 3 .   ? -5.581  -8.936  -12.030 1.00 33.57 ? 349 HOH A O   1 
HETATM 915 O O   . HOH C 3 .   ? -7.209  -6.535  11.461  1.00 36.32 ? 350 HOH A O   1 
HETATM 916 O O   . HOH C 3 .   ? 11.097  1.523   0.316   1.00 19.30 ? 351 HOH A O   1 
HETATM 917 O O   . HOH C 3 .   ? -6.056  15.862  15.122  1.00 24.62 ? 352 HOH A O   1 
HETATM 918 O O   . HOH C 3 .   ? 6.121   -0.532  3.129   1.00 24.09 ? 353 HOH A O   1 
HETATM 919 O O   . HOH C 3 .   ? -7.245  -7.275  -13.233 1.00 31.17 ? 354 HOH A O   1 
HETATM 920 O O   . HOH C 3 .   ? 11.059  -5.531  6.907   1.00 28.44 ? 355 HOH A O   1 
HETATM 921 O O   . HOH C 3 .   ? 2.320   -6.172  11.801  1.00 29.14 ? 356 HOH A O   1 
HETATM 922 O O   . HOH C 3 .   ? -7.246  -11.528 -10.387 1.00 26.69 ? 357 HOH A O   1 
HETATM 923 O O   . HOH C 3 .   ? 5.991   -8.040  -22.603 1.00 37.46 ? 358 HOH A O   1 
HETATM 924 O O   . HOH C 3 .   ? -9.198  19.254  9.592   1.00 29.22 ? 359 HOH A O   1 
HETATM 925 O O   . HOH C 3 .   ? -14.725 3.621   8.784   1.00 33.28 ? 360 HOH A O   1 
HETATM 926 O O   . HOH C 3 .   ? -7.367  15.027  -3.744  1.00 37.20 ? 361 HOH A O   1 
HETATM 927 O O   . HOH C 3 .   ? -0.957  -6.517  -21.698 1.00 32.91 ? 362 HOH A O   1 
HETATM 928 O O   . HOH C 3 .   ? -8.617  1.681   -4.366  1.00 25.46 ? 363 HOH A O   1 
HETATM 929 O O   . HOH C 3 .   ? -9.764  -3.270  10.000  1.00 25.26 ? 364 HOH A O   1 
HETATM 930 O O   . HOH C 3 .   ? -13.525 1.091   6.188   1.00 30.57 ? 365 HOH A O   1 
HETATM 931 O O   . HOH C 3 .   ? -10.431 -2.845  7.254   1.00 29.50 ? 366 HOH A O   1 
HETATM 932 O O   . HOH C 3 .   ? -11.507 -12.660 8.443   1.00 28.84 ? 367 HOH A O   1 
HETATM 933 O O   . HOH C 3 .   ? -12.160 2.497   -4.894  1.00 26.39 ? 368 HOH A O   1 
HETATM 934 O O   . HOH C 3 .   ? 5.514   -9.057  -8.608  1.00 29.45 ? 369 HOH A O   1 
HETATM 935 O O   . HOH C 3 .   ? -11.722 -5.647  6.501   1.00 34.41 ? 370 HOH A O   1 
HETATM 936 O O   . HOH C 3 .   ? 5.068   -10.675 -21.599 1.00 23.60 ? 371 HOH A O   1 
HETATM 937 O O   . HOH C 3 .   ? -3.404  15.306  14.367  1.00 29.81 ? 372 HOH A O   1 
HETATM 938 O O   . HOH C 3 .   ? -14.744 4.630   1.936   1.00 32.72 ? 373 HOH A O   1 
HETATM 939 O O   . HOH C 3 .   ? -3.848  4.116   16.075  1.00 31.76 ? 374 HOH A O   1 
HETATM 940 O O   . HOH C 3 .   ? 0.104   19.441  3.987   1.00 36.05 ? 375 HOH A O   1 
HETATM 941 O O   . HOH C 3 .   ? 8.008   -0.866  -13.412 1.00 30.88 ? 376 HOH A O   1 
HETATM 942 O O   . HOH C 3 .   ? -9.543  -8.612  -9.631  1.00 30.96 ? 377 HOH A O   1 
HETATM 943 O O   . HOH C 3 .   ? 11.262  -0.627  -10.849 1.00 28.87 ? 378 HOH A O   1 
HETATM 944 O O   . HOH C 3 .   ? -3.587  -4.658  -16.476 1.00 45.27 ? 379 HOH A O   1 
HETATM 945 O O   . HOH C 3 .   ? 13.926  -2.393  -6.080  1.00 38.67 ? 380 HOH A O   1 
HETATM 946 O O   . HOH C 3 .   ? 6.942   12.032  0.433   1.00 36.07 ? 381 HOH A O   1 
HETATM 947 O O   . HOH C 3 .   ? 10.429  -10.576 4.696   1.00 40.35 ? 382 HOH A O   1 
HETATM 948 O O   . HOH C 3 .   ? 1.119   6.792   18.738  1.00 40.36 ? 383 HOH A O   1 
HETATM 949 O O   . HOH C 3 .   ? 6.787   3.589   10.681  1.00 24.62 ? 384 HOH A O   1 
HETATM 950 O O   . HOH C 3 .   ? -6.626  -8.583  12.812  1.00 40.98 ? 385 HOH A O   1 
HETATM 951 O O   . HOH C 3 .   ? 5.306   11.018  12.212  1.00 36.16 ? 386 HOH A O   1 
HETATM 952 O O   . HOH C 3 .   ? 6.520   -9.365  -2.815  1.00 35.13 ? 387 HOH A O   1 
HETATM 953 O O   . HOH C 3 .   ? 6.607   -14.947 2.363   1.00 33.37 ? 388 HOH A O   1 
HETATM 954 O O   . HOH C 3 .   ? 6.464   0.277   -15.181 1.00 39.86 ? 389 HOH A O   1 
HETATM 955 O O   . HOH C 3 .   ? 2.374   -1.153  16.245  1.00 35.55 ? 390 HOH A O   1 
HETATM 956 O O   . HOH C 3 .   ? 7.945   -2.272  -20.049 1.00 36.02 ? 391 HOH A O   1 
HETATM 957 O O   . HOH C 3 .   ? 8.760   -13.752 3.312   1.00 41.82 ? 392 HOH A O   1 
HETATM 958 O O   . HOH C 3 .   ? 2.744   12.758  12.762  1.00 33.09 ? 393 HOH A O   1 
HETATM 959 O O   . HOH C 3 .   ? 8.648   -2.053  15.528  1.00 42.69 ? 394 HOH A O   1 
HETATM 960 O O   . HOH C 3 .   ? -1.501  -5.196  12.661  1.00 48.27 ? 395 HOH A O   1 
HETATM 961 O O   . HOH C 3 .   ? -9.891  15.515  -0.363  1.00 44.43 ? 396 HOH A O   1 
HETATM 962 O O   . HOH C 3 .   ? 4.886   -6.379  12.525  1.00 36.27 ? 397 HOH A O   1 
HETATM 963 O O   . HOH C 3 .   ? 5.375   -15.891 -21.687 1.00 33.93 ? 398 HOH A O   1 
HETATM 964 O O   . HOH D 3 .   ? 7.846   1.066   -1.961  1.00 22.76 ? 8   HOH B O   1 
HETATM 965 O O   . HOH D 3 .   ? 8.806   8.461   -1.297  1.00 23.92 ? 9   HOH B O   1 
HETATM 966 O O   . HOH D 3 .   ? 10.744  8.324   0.814   1.00 36.22 ? 10  HOH B O   1 
HETATM 967 O O   . HOH D 3 .   ? 11.688  4.864   1.944   1.00 29.06 ? 11  HOH B O   1 
HETATM 968 O O   . HOH D 3 .   ? 10.809  7.124   5.080   1.00 26.61 ? 12  HOH B O   1 
HETATM 969 O O   . HOH D 3 .   ? 8.378   5.411   -10.357 1.00 25.07 ? 13  HOH B O   1 
HETATM 970 O O   . HOH D 3 .   ? 10.967  8.677   10.870  1.00 30.71 ? 14  HOH B O   1 
HETATM 971 O O   . HOH D 3 .   ? 9.097   11.144  7.073   1.00 47.45 ? 15  HOH B O   1 
# 
loop_
_pdbx_poly_seq_scheme.asym_id 
_pdbx_poly_seq_scheme.entity_id 
_pdbx_poly_seq_scheme.seq_id 
_pdbx_poly_seq_scheme.mon_id 
_pdbx_poly_seq_scheme.ndb_seq_num 
_pdbx_poly_seq_scheme.pdb_seq_num 
_pdbx_poly_seq_scheme.auth_seq_num 
_pdbx_poly_seq_scheme.pdb_mon_id 
_pdbx_poly_seq_scheme.auth_mon_id 
_pdbx_poly_seq_scheme.pdb_strand_id 
_pdbx_poly_seq_scheme.pdb_ins_code 
_pdbx_poly_seq_scheme.hetero 
A 1 1   THR 1   172 172 THR THR A . n 
A 1 2   GLU 2   173 173 GLU GLU A . n 
A 1 3   LEU 3   174 174 LEU LEU A . n 
A 1 4   ASN 4   175 175 ASN ASN A . n 
A 1 5   LEU 5   176 176 LEU LEU A . n 
A 1 6   SER 6   177 177 SER SER A . n 
A 1 7   HIS 7   178 178 HIS HIS A . n 
A 1 8   ILE 8   179 179 ILE ILE A . n 
A 1 9   LEU 9   180 180 LEU LEU A . n 
A 1 10  ILE 10  181 181 ILE ILE A . n 
A 1 11  PRO 11  182 182 PRO PRO A . n 
A 1 12  LEU 12  183 183 LEU LEU A . n 
A 1 13  PRO 13  184 184 PRO PRO A . n 
A 1 14  GLU 14  185 185 GLU GLU A . n 
A 1 15  ASN 15  186 186 ASN ASN A . n 
A 1 16  PRO 16  187 187 PRO PRO A . n 
A 1 17  THR 17  188 188 THR THR A . n 
A 1 18  SER 18  189 189 SER SER A . n 
A 1 19  ASP 19  190 190 ASP ASP A . n 
A 1 20  GLN 20  191 191 GLN GLN A . n 
A 1 21  VAL 21  192 192 VAL VAL A . n 
A 1 22  ASN 22  193 193 ASN ASN A . n 
A 1 23  GLU 23  194 194 GLU GLU A . n 
A 1 24  ALA 24  195 195 ALA ALA A . n 
A 1 25  GLU 25  196 196 GLU GLU A . n 
A 1 26  SER 26  197 197 SER SER A . n 
A 1 27  GLN 27  198 198 GLN GLN A . n 
A 1 28  ALA 28  199 199 ALA ALA A . n 
A 1 29  ARG 29  200 200 ARG ARG A . n 
A 1 30  ALA 30  201 201 ALA ALA A . n 
A 1 31  ILE 31  202 202 ILE ILE A . n 
A 1 32  VAL 32  203 203 VAL VAL A . n 
A 1 33  ASP 33  204 204 ASP ASP A . n 
A 1 34  GLN 34  205 205 GLN GLN A . n 
A 1 35  ALA 35  206 206 ALA ALA A . n 
A 1 36  ARG 36  207 207 ARG ARG A . n 
A 1 37  ASN 37  208 208 ASN ASN A . n 
A 1 38  GLY 38  209 209 GLY GLY A . n 
A 1 39  ALA 39  210 210 ALA ALA A . n 
A 1 40  ASP 40  211 211 ASP ASP A . n 
A 1 41  PHE 41  212 212 PHE PHE A . n 
A 1 42  GLY 42  213 213 GLY GLY A . n 
A 1 43  LYS 43  214 214 LYS LYS A . n 
A 1 44  LEU 44  215 215 LEU LEU A . n 
A 1 45  ALA 45  216 216 ALA ALA A . n 
A 1 46  ILE 46  217 217 ILE ILE A . n 
A 1 47  ALA 47  218 218 ALA ALA A . n 
A 1 48  HIS 48  219 219 HIS HIS A . n 
A 1 49  SER 49  220 220 SER SER A . n 
A 1 50  ALA 50  221 221 ALA ALA A . n 
A 1 51  ASP 51  222 222 ASP ASP A . n 
A 1 52  GLN 52  223 223 GLN GLN A . n 
A 1 53  GLN 53  224 224 GLN GLN A . n 
A 1 54  ALA 54  225 225 ALA ALA A . n 
A 1 55  LEU 55  226 226 LEU LEU A . n 
A 1 56  ASN 56  227 227 ASN ASN A . n 
A 1 57  GLY 57  228 228 GLY GLY A . n 
A 1 58  GLY 58  229 229 GLY GLY A . n 
A 1 59  GLN 59  230 230 GLN GLN A . n 
A 1 60  MET 60  231 231 MET MET A . n 
A 1 61  GLY 61  232 232 GLY GLY A . n 
A 1 62  TRP 62  233 233 TRP TRP A . n 
A 1 63  GLY 63  234 234 GLY GLY A . n 
A 1 64  ARG 64  235 235 ARG ARG A . n 
A 1 65  ILE 65  236 236 ILE ILE A . n 
A 1 66  GLN 66  237 237 GLN GLN A . n 
A 1 67  GLU 67  238 238 GLU GLU A . n 
A 1 68  LEU 68  239 239 LEU LEU A . n 
A 1 69  PRO 69  240 240 PRO PRO A . n 
A 1 70  GLY 70  241 241 GLY GLY A . n 
A 1 71  ILE 71  242 242 ILE ILE A . n 
A 1 72  PHE 72  243 243 PHE PHE A . n 
A 1 73  ALA 73  244 244 ALA ALA A . n 
A 1 74  GLN 74  245 245 GLN GLN A . n 
A 1 75  ALA 75  246 246 ALA ALA A . n 
A 1 76  LEU 76  247 247 LEU LEU A . n 
A 1 77  SER 77  248 248 SER SER A . n 
A 1 78  THR 78  249 249 THR THR A . n 
A 1 79  ALA 79  250 250 ALA ALA A . n 
A 1 80  LYS 80  251 251 LYS LYS A . n 
A 1 81  LYS 81  252 252 LYS LYS A . n 
A 1 82  GLY 82  253 253 GLY GLY A . n 
A 1 83  ASP 83  254 254 ASP ASP A . n 
A 1 84  ILE 84  255 255 ILE ILE A . n 
A 1 85  VAL 85  256 256 VAL VAL A . n 
A 1 86  GLY 86  257 257 GLY GLY A . n 
A 1 87  PRO 87  258 258 PRO PRO A . n 
A 1 88  ILE 88  259 259 ILE ILE A . n 
A 1 89  ARG 89  260 260 ARG ARG A . n 
A 1 90  SER 90  261 261 SER SER A . n 
A 1 91  GLY 91  262 262 GLY GLY A . n 
A 1 92  VAL 92  263 263 VAL VAL A . n 
A 1 93  GLY 93  264 264 GLY GLY A . n 
A 1 94  PHE 94  265 265 PHE PHE A . n 
A 1 95  HIS 95  266 266 HIS HIS A . n 
A 1 96  ILE 96  267 267 ILE ILE A . n 
A 1 97  LEU 97  268 268 LEU LEU A . n 
A 1 98  LYS 98  269 269 LYS LYS A . n 
A 1 99  VAL 99  270 270 VAL VAL A . n 
A 1 100 ASN 100 271 271 ASN ASN A . n 
A 1 101 ASP 101 272 272 ASP ASP A . n 
A 1 102 LEU 102 273 273 LEU LEU A . n 
A 1 103 ARG 103 274 274 ARG ARG A . n 
B 2 1   TRP 1   1   1   TRP TRP B . n 
B 2 2   GLU 2   2   2   GLU GLU B . n 
B 2 3   TYR 3   3   3   TYR TYR B . n 
B 2 4   ILE 4   4   4   ILE ILE B . n 
B 2 5   PRO 5   5   5   PRO PRO B . n 
B 2 6   ASN 6   6   6   ASN ASN B . n 
B 2 7   VAL 7   7   7   VAL VAL B . n 
# 
loop_
_pdbx_nonpoly_scheme.asym_id 
_pdbx_nonpoly_scheme.entity_id 
_pdbx_nonpoly_scheme.mon_id 
_pdbx_nonpoly_scheme.ndb_seq_num 
_pdbx_nonpoly_scheme.pdb_seq_num 
_pdbx_nonpoly_scheme.auth_seq_num 
_pdbx_nonpoly_scheme.pdb_mon_id 
_pdbx_nonpoly_scheme.auth_mon_id 
_pdbx_nonpoly_scheme.pdb_strand_id 
_pdbx_nonpoly_scheme.pdb_ins_code 
C 3 HOH 1   275 1   HOH HOH A . 
C 3 HOH 2   276 2   HOH HOH A . 
C 3 HOH 3   277 3   HOH HOH A . 
C 3 HOH 4   278 4   HOH HOH A . 
C 3 HOH 5   279 5   HOH HOH A . 
C 3 HOH 6   280 6   HOH HOH A . 
C 3 HOH 7   281 7   HOH HOH A . 
C 3 HOH 8   282 8   HOH HOH A . 
C 3 HOH 9   283 9   HOH HOH A . 
C 3 HOH 10  284 10  HOH HOH A . 
C 3 HOH 11  285 11  HOH HOH A . 
C 3 HOH 12  286 12  HOH HOH A . 
C 3 HOH 13  287 13  HOH HOH A . 
C 3 HOH 14  288 14  HOH HOH A . 
C 3 HOH 15  289 15  HOH HOH A . 
C 3 HOH 16  290 16  HOH HOH A . 
C 3 HOH 17  291 17  HOH HOH A . 
C 3 HOH 18  292 18  HOH HOH A . 
C 3 HOH 19  293 19  HOH HOH A . 
C 3 HOH 20  294 20  HOH HOH A . 
C 3 HOH 21  295 21  HOH HOH A . 
C 3 HOH 22  296 22  HOH HOH A . 
C 3 HOH 23  297 23  HOH HOH A . 
C 3 HOH 24  298 24  HOH HOH A . 
C 3 HOH 25  299 25  HOH HOH A . 
C 3 HOH 26  300 26  HOH HOH A . 
C 3 HOH 27  301 27  HOH HOH A . 
C 3 HOH 28  302 29  HOH HOH A . 
C 3 HOH 29  303 30  HOH HOH A . 
C 3 HOH 30  304 31  HOH HOH A . 
C 3 HOH 31  305 32  HOH HOH A . 
C 3 HOH 32  306 33  HOH HOH A . 
C 3 HOH 33  307 34  HOH HOH A . 
C 3 HOH 34  308 35  HOH HOH A . 
C 3 HOH 35  309 36  HOH HOH A . 
C 3 HOH 36  310 38  HOH HOH A . 
C 3 HOH 37  311 39  HOH HOH A . 
C 3 HOH 38  312 40  HOH HOH A . 
C 3 HOH 39  313 41  HOH HOH A . 
C 3 HOH 40  314 42  HOH HOH A . 
C 3 HOH 41  315 43  HOH HOH A . 
C 3 HOH 42  316 44  HOH HOH A . 
C 3 HOH 43  317 45  HOH HOH A . 
C 3 HOH 44  318 46  HOH HOH A . 
C 3 HOH 45  319 47  HOH HOH A . 
C 3 HOH 46  320 49  HOH HOH A . 
C 3 HOH 47  321 50  HOH HOH A . 
C 3 HOH 48  322 51  HOH HOH A . 
C 3 HOH 49  323 52  HOH HOH A . 
C 3 HOH 50  324 53  HOH HOH A . 
C 3 HOH 51  325 54  HOH HOH A . 
C 3 HOH 52  326 55  HOH HOH A . 
C 3 HOH 53  327 57  HOH HOH A . 
C 3 HOH 54  328 59  HOH HOH A . 
C 3 HOH 55  329 60  HOH HOH A . 
C 3 HOH 56  330 61  HOH HOH A . 
C 3 HOH 57  331 62  HOH HOH A . 
C 3 HOH 58  332 63  HOH HOH A . 
C 3 HOH 59  333 64  HOH HOH A . 
C 3 HOH 60  334 65  HOH HOH A . 
C 3 HOH 61  335 66  HOH HOH A . 
C 3 HOH 62  336 67  HOH HOH A . 
C 3 HOH 63  337 68  HOH HOH A . 
C 3 HOH 64  338 69  HOH HOH A . 
C 3 HOH 65  339 70  HOH HOH A . 
C 3 HOH 66  340 71  HOH HOH A . 
C 3 HOH 67  341 72  HOH HOH A . 
C 3 HOH 68  342 73  HOH HOH A . 
C 3 HOH 69  343 74  HOH HOH A . 
C 3 HOH 70  344 75  HOH HOH A . 
C 3 HOH 71  345 76  HOH HOH A . 
C 3 HOH 72  346 77  HOH HOH A . 
C 3 HOH 73  347 78  HOH HOH A . 
C 3 HOH 74  348 79  HOH HOH A . 
C 3 HOH 75  349 80  HOH HOH A . 
C 3 HOH 76  350 81  HOH HOH A . 
C 3 HOH 77  351 82  HOH HOH A . 
C 3 HOH 78  352 83  HOH HOH A . 
C 3 HOH 79  353 85  HOH HOH A . 
C 3 HOH 80  354 86  HOH HOH A . 
C 3 HOH 81  355 87  HOH HOH A . 
C 3 HOH 82  356 88  HOH HOH A . 
C 3 HOH 83  357 89  HOH HOH A . 
C 3 HOH 84  358 90  HOH HOH A . 
C 3 HOH 85  359 91  HOH HOH A . 
C 3 HOH 86  360 92  HOH HOH A . 
C 3 HOH 87  361 94  HOH HOH A . 
C 3 HOH 88  362 95  HOH HOH A . 
C 3 HOH 89  363 96  HOH HOH A . 
C 3 HOH 90  364 97  HOH HOH A . 
C 3 HOH 91  365 98  HOH HOH A . 
C 3 HOH 92  366 99  HOH HOH A . 
C 3 HOH 93  367 100 HOH HOH A . 
C 3 HOH 94  368 101 HOH HOH A . 
C 3 HOH 95  369 102 HOH HOH A . 
C 3 HOH 96  370 103 HOH HOH A . 
C 3 HOH 97  371 104 HOH HOH A . 
C 3 HOH 98  372 105 HOH HOH A . 
C 3 HOH 99  373 106 HOH HOH A . 
C 3 HOH 100 374 107 HOH HOH A . 
C 3 HOH 101 375 108 HOH HOH A . 
C 3 HOH 102 376 109 HOH HOH A . 
C 3 HOH 103 377 110 HOH HOH A . 
C 3 HOH 104 378 111 HOH HOH A . 
C 3 HOH 105 379 112 HOH HOH A . 
C 3 HOH 106 380 113 HOH HOH A . 
C 3 HOH 107 381 114 HOH HOH A . 
C 3 HOH 108 382 115 HOH HOH A . 
C 3 HOH 109 383 116 HOH HOH A . 
C 3 HOH 110 384 117 HOH HOH A . 
C 3 HOH 111 385 118 HOH HOH A . 
C 3 HOH 112 386 119 HOH HOH A . 
C 3 HOH 113 387 121 HOH HOH A . 
C 3 HOH 114 388 122 HOH HOH A . 
C 3 HOH 115 389 123 HOH HOH A . 
C 3 HOH 116 390 124 HOH HOH A . 
C 3 HOH 117 391 125 HOH HOH A . 
C 3 HOH 118 392 126 HOH HOH A . 
C 3 HOH 119 393 127 HOH HOH A . 
C 3 HOH 120 394 128 HOH HOH A . 
C 3 HOH 121 395 129 HOH HOH A . 
C 3 HOH 122 396 130 HOH HOH A . 
C 3 HOH 123 397 131 HOH HOH A . 
C 3 HOH 124 398 132 HOH HOH A . 
D 3 HOH 1   8   28  HOH HOH B . 
D 3 HOH 2   9   37  HOH HOH B . 
D 3 HOH 3   10  48  HOH HOH B . 
D 3 HOH 4   11  56  HOH HOH B . 
D 3 HOH 5   12  58  HOH HOH B . 
D 3 HOH 6   13  84  HOH HOH B . 
D 3 HOH 7   14  93  HOH HOH B . 
D 3 HOH 8   15  120 HOH HOH B . 
# 
_pdbx_struct_assembly.id                   1 
_pdbx_struct_assembly.details              author_defined_assembly 
_pdbx_struct_assembly.method_details       ? 
_pdbx_struct_assembly.oligomeric_details   dimeric 
_pdbx_struct_assembly.oligomeric_count     2 
# 
_pdbx_struct_assembly_gen.assembly_id       1 
_pdbx_struct_assembly_gen.oper_expression   1 
_pdbx_struct_assembly_gen.asym_id_list      A,B,C,D 
# 
_pdbx_struct_oper_list.id                   1 
_pdbx_struct_oper_list.type                 'identity operation' 
_pdbx_struct_oper_list.name                 1_555 
_pdbx_struct_oper_list.symmetry_operation   x,y,z 
_pdbx_struct_oper_list.matrix[1][1]         1.0000000000 
_pdbx_struct_oper_list.matrix[1][2]         0.0000000000 
_pdbx_struct_oper_list.matrix[1][3]         0.0000000000 
_pdbx_struct_oper_list.vector[1]            0.0000000000 
_pdbx_struct_oper_list.matrix[2][1]         0.0000000000 
_pdbx_struct_oper_list.matrix[2][2]         1.0000000000 
_pdbx_struct_oper_list.matrix[2][3]         0.0000000000 
_pdbx_struct_oper_list.vector[2]            0.0000000000 
_pdbx_struct_oper_list.matrix[3][1]         0.0000000000 
_pdbx_struct_oper_list.matrix[3][2]         0.0000000000 
_pdbx_struct_oper_list.matrix[3][3]         1.0000000000 
_pdbx_struct_oper_list.vector[3]            0.0000000000 
# 
loop_
_pdbx_audit_revision_history.ordinal 
_pdbx_audit_revision_history.data_content_type 
_pdbx_audit_revision_history.major_revision 
_pdbx_audit_revision_history.minor_revision 
_pdbx_audit_revision_history.revision_date 
1 'Structure model' 1 0 2007-10-02 
2 'Structure model' 1 1 2011-07-13 
3 'Structure model' 1 2 2017-10-18 
4 'Structure model' 1 3 2023-08-30 
# 
_pdbx_audit_revision_details.ordinal             1 
_pdbx_audit_revision_details.revision_ordinal    1 
_pdbx_audit_revision_details.data_content_type   'Structure model' 
_pdbx_audit_revision_details.provider            repository 
_pdbx_audit_revision_details.type                'Initial release' 
_pdbx_audit_revision_details.description         ? 
_pdbx_audit_revision_details.details             ? 
# 
loop_
_pdbx_audit_revision_group.ordinal 
_pdbx_audit_revision_group.revision_ordinal 
_pdbx_audit_revision_group.data_content_type 
_pdbx_audit_revision_group.group 
1 2 'Structure model' 'Version format compliance' 
2 3 'Structure model' 'Refinement description'    
3 4 'Structure model' 'Data collection'           
4 4 'Structure model' 'Database references'       
5 4 'Structure model' 'Refinement description'    
# 
loop_
_pdbx_audit_revision_category.ordinal 
_pdbx_audit_revision_category.revision_ordinal 
_pdbx_audit_revision_category.data_content_type 
_pdbx_audit_revision_category.category 
1 3 'Structure model' software                      
2 4 'Structure model' chem_comp_atom                
3 4 'Structure model' chem_comp_bond                
4 4 'Structure model' database_2                    
5 4 'Structure model' pdbx_initial_refinement_model 
# 
loop_
_pdbx_audit_revision_item.ordinal 
_pdbx_audit_revision_item.revision_ordinal 
_pdbx_audit_revision_item.data_content_type 
_pdbx_audit_revision_item.item 
1 4 'Structure model' '_database_2.pdbx_DOI'                
2 4 'Structure model' '_database_2.pdbx_database_accession' 
# 
loop_
_software.name 
_software.version 
_software.date 
_software.type 
_software.contact_author 
_software.contact_author_email 
_software.classification 
_software.location 
_software.language 
_software.citation_id 
_software.pdbx_ordinal 
DENZO       .     ?                package 'Zbyszek Otwinowski' zbyszek@mix.swmed.edu    'data reduction'  
http://www.lnls.br/infra/linhasluz/denzo-hkl.htm ?          ? 1 
SCALEPACK   .     ?                package 'Zbyszek Otwinowski' zbyszek@mix.swmed.edu    'data scaling'    
http://www.lnls.br/infra/linhasluz/denzo-hkl.htm ?          ? 2 
CNS         1.1   ?                package 'Axel T. Brunger'    axel.brunger@yale.edu    refinement        
http://cns.csb.yale.edu/v1.1/                    Fortran_77 ? 3 
PDB_EXTRACT 2.000 'April. 3, 2006' package PDB                  sw-help@rcsb.rutgers.edu 'data extraction' 
http://pdb.rutgers.edu/software/                 C++        ? 4 
HKL-2000    .     ?                ?       ?                    ?                        'data reduction'  ? ?          ? 5 
PHASER      .     ?                ?       ?                    ?                        phasing           ? ?          ? 6 
# 
loop_
_chem_comp_atom.comp_id 
_chem_comp_atom.atom_id 
_chem_comp_atom.type_symbol 
_chem_comp_atom.pdbx_aromatic_flag 
_chem_comp_atom.pdbx_stereo_config 
_chem_comp_atom.pdbx_ordinal 
ALA N    N N N 1   
ALA CA   C N S 2   
ALA C    C N N 3   
ALA O    O N N 4   
ALA CB   C N N 5   
ALA OXT  O N N 6   
ALA H    H N N 7   
ALA H2   H N N 8   
ALA HA   H N N 9   
ALA HB1  H N N 10  
ALA HB2  H N N 11  
ALA HB3  H N N 12  
ALA HXT  H N N 13  
ARG N    N N N 14  
ARG CA   C N S 15  
ARG C    C N N 16  
ARG O    O N N 17  
ARG CB   C N N 18  
ARG CG   C N N 19  
ARG CD   C N N 20  
ARG NE   N N N 21  
ARG CZ   C N N 22  
ARG NH1  N N N 23  
ARG NH2  N N N 24  
ARG OXT  O N N 25  
ARG H    H N N 26  
ARG H2   H N N 27  
ARG HA   H N N 28  
ARG HB2  H N N 29  
ARG HB3  H N N 30  
ARG HG2  H N N 31  
ARG HG3  H N N 32  
ARG HD2  H N N 33  
ARG HD3  H N N 34  
ARG HE   H N N 35  
ARG HH11 H N N 36  
ARG HH12 H N N 37  
ARG HH21 H N N 38  
ARG HH22 H N N 39  
ARG HXT  H N N 40  
ASN N    N N N 41  
ASN CA   C N S 42  
ASN C    C N N 43  
ASN O    O N N 44  
ASN CB   C N N 45  
ASN CG   C N N 46  
ASN OD1  O N N 47  
ASN ND2  N N N 48  
ASN OXT  O N N 49  
ASN H    H N N 50  
ASN H2   H N N 51  
ASN HA   H N N 52  
ASN HB2  H N N 53  
ASN HB3  H N N 54  
ASN HD21 H N N 55  
ASN HD22 H N N 56  
ASN HXT  H N N 57  
ASP N    N N N 58  
ASP CA   C N S 59  
ASP C    C N N 60  
ASP O    O N N 61  
ASP CB   C N N 62  
ASP CG   C N N 63  
ASP OD1  O N N 64  
ASP OD2  O N N 65  
ASP OXT  O N N 66  
ASP H    H N N 67  
ASP H2   H N N 68  
ASP HA   H N N 69  
ASP HB2  H N N 70  
ASP HB3  H N N 71  
ASP HD2  H N N 72  
ASP HXT  H N N 73  
GLN N    N N N 74  
GLN CA   C N S 75  
GLN C    C N N 76  
GLN O    O N N 77  
GLN CB   C N N 78  
GLN CG   C N N 79  
GLN CD   C N N 80  
GLN OE1  O N N 81  
GLN NE2  N N N 82  
GLN OXT  O N N 83  
GLN H    H N N 84  
GLN H2   H N N 85  
GLN HA   H N N 86  
GLN HB2  H N N 87  
GLN HB3  H N N 88  
GLN HG2  H N N 89  
GLN HG3  H N N 90  
GLN HE21 H N N 91  
GLN HE22 H N N 92  
GLN HXT  H N N 93  
GLU N    N N N 94  
GLU CA   C N S 95  
GLU C    C N N 96  
GLU O    O N N 97  
GLU CB   C N N 98  
GLU CG   C N N 99  
GLU CD   C N N 100 
GLU OE1  O N N 101 
GLU OE2  O N N 102 
GLU OXT  O N N 103 
GLU H    H N N 104 
GLU H2   H N N 105 
GLU HA   H N N 106 
GLU HB2  H N N 107 
GLU HB3  H N N 108 
GLU HG2  H N N 109 
GLU HG3  H N N 110 
GLU HE2  H N N 111 
GLU HXT  H N N 112 
GLY N    N N N 113 
GLY CA   C N N 114 
GLY C    C N N 115 
GLY O    O N N 116 
GLY OXT  O N N 117 
GLY H    H N N 118 
GLY H2   H N N 119 
GLY HA2  H N N 120 
GLY HA3  H N N 121 
GLY HXT  H N N 122 
HIS N    N N N 123 
HIS CA   C N S 124 
HIS C    C N N 125 
HIS O    O N N 126 
HIS CB   C N N 127 
HIS CG   C Y N 128 
HIS ND1  N Y N 129 
HIS CD2  C Y N 130 
HIS CE1  C Y N 131 
HIS NE2  N Y N 132 
HIS OXT  O N N 133 
HIS H    H N N 134 
HIS H2   H N N 135 
HIS HA   H N N 136 
HIS HB2  H N N 137 
HIS HB3  H N N 138 
HIS HD1  H N N 139 
HIS HD2  H N N 140 
HIS HE1  H N N 141 
HIS HE2  H N N 142 
HIS HXT  H N N 143 
HOH O    O N N 144 
HOH H1   H N N 145 
HOH H2   H N N 146 
ILE N    N N N 147 
ILE CA   C N S 148 
ILE C    C N N 149 
ILE O    O N N 150 
ILE CB   C N S 151 
ILE CG1  C N N 152 
ILE CG2  C N N 153 
ILE CD1  C N N 154 
ILE OXT  O N N 155 
ILE H    H N N 156 
ILE H2   H N N 157 
ILE HA   H N N 158 
ILE HB   H N N 159 
ILE HG12 H N N 160 
ILE HG13 H N N 161 
ILE HG21 H N N 162 
ILE HG22 H N N 163 
ILE HG23 H N N 164 
ILE HD11 H N N 165 
ILE HD12 H N N 166 
ILE HD13 H N N 167 
ILE HXT  H N N 168 
LEU N    N N N 169 
LEU CA   C N S 170 
LEU C    C N N 171 
LEU O    O N N 172 
LEU CB   C N N 173 
LEU CG   C N N 174 
LEU CD1  C N N 175 
LEU CD2  C N N 176 
LEU OXT  O N N 177 
LEU H    H N N 178 
LEU H2   H N N 179 
LEU HA   H N N 180 
LEU HB2  H N N 181 
LEU HB3  H N N 182 
LEU HG   H N N 183 
LEU HD11 H N N 184 
LEU HD12 H N N 185 
LEU HD13 H N N 186 
LEU HD21 H N N 187 
LEU HD22 H N N 188 
LEU HD23 H N N 189 
LEU HXT  H N N 190 
LYS N    N N N 191 
LYS CA   C N S 192 
LYS C    C N N 193 
LYS O    O N N 194 
LYS CB   C N N 195 
LYS CG   C N N 196 
LYS CD   C N N 197 
LYS CE   C N N 198 
LYS NZ   N N N 199 
LYS OXT  O N N 200 
LYS H    H N N 201 
LYS H2   H N N 202 
LYS HA   H N N 203 
LYS HB2  H N N 204 
LYS HB3  H N N 205 
LYS HG2  H N N 206 
LYS HG3  H N N 207 
LYS HD2  H N N 208 
LYS HD3  H N N 209 
LYS HE2  H N N 210 
LYS HE3  H N N 211 
LYS HZ1  H N N 212 
LYS HZ2  H N N 213 
LYS HZ3  H N N 214 
LYS HXT  H N N 215 
MET N    N N N 216 
MET CA   C N S 217 
MET C    C N N 218 
MET O    O N N 219 
MET CB   C N N 220 
MET CG   C N N 221 
MET SD   S N N 222 
MET CE   C N N 223 
MET OXT  O N N 224 
MET H    H N N 225 
MET H2   H N N 226 
MET HA   H N N 227 
MET HB2  H N N 228 
MET HB3  H N N 229 
MET HG2  H N N 230 
MET HG3  H N N 231 
MET HE1  H N N 232 
MET HE2  H N N 233 
MET HE3  H N N 234 
MET HXT  H N N 235 
PHE N    N N N 236 
PHE CA   C N S 237 
PHE C    C N N 238 
PHE O    O N N 239 
PHE CB   C N N 240 
PHE CG   C Y N 241 
PHE CD1  C Y N 242 
PHE CD2  C Y N 243 
PHE CE1  C Y N 244 
PHE CE2  C Y N 245 
PHE CZ   C Y N 246 
PHE OXT  O N N 247 
PHE H    H N N 248 
PHE H2   H N N 249 
PHE HA   H N N 250 
PHE HB2  H N N 251 
PHE HB3  H N N 252 
PHE HD1  H N N 253 
PHE HD2  H N N 254 
PHE HE1  H N N 255 
PHE HE2  H N N 256 
PHE HZ   H N N 257 
PHE HXT  H N N 258 
PRO N    N N N 259 
PRO CA   C N S 260 
PRO C    C N N 261 
PRO O    O N N 262 
PRO CB   C N N 263 
PRO CG   C N N 264 
PRO CD   C N N 265 
PRO OXT  O N N 266 
PRO H    H N N 267 
PRO HA   H N N 268 
PRO HB2  H N N 269 
PRO HB3  H N N 270 
PRO HG2  H N N 271 
PRO HG3  H N N 272 
PRO HD2  H N N 273 
PRO HD3  H N N 274 
PRO HXT  H N N 275 
SER N    N N N 276 
SER CA   C N S 277 
SER C    C N N 278 
SER O    O N N 279 
SER CB   C N N 280 
SER OG   O N N 281 
SER OXT  O N N 282 
SER H    H N N 283 
SER H2   H N N 284 
SER HA   H N N 285 
SER HB2  H N N 286 
SER HB3  H N N 287 
SER HG   H N N 288 
SER HXT  H N N 289 
THR N    N N N 290 
THR CA   C N S 291 
THR C    C N N 292 
THR O    O N N 293 
THR CB   C N R 294 
THR OG1  O N N 295 
THR CG2  C N N 296 
THR OXT  O N N 297 
THR H    H N N 298 
THR H2   H N N 299 
THR HA   H N N 300 
THR HB   H N N 301 
THR HG1  H N N 302 
THR HG21 H N N 303 
THR HG22 H N N 304 
THR HG23 H N N 305 
THR HXT  H N N 306 
TRP N    N N N 307 
TRP CA   C N S 308 
TRP C    C N N 309 
TRP O    O N N 310 
TRP CB   C N N 311 
TRP CG   C Y N 312 
TRP CD1  C Y N 313 
TRP CD2  C Y N 314 
TRP NE1  N Y N 315 
TRP CE2  C Y N 316 
TRP CE3  C Y N 317 
TRP CZ2  C Y N 318 
TRP CZ3  C Y N 319 
TRP CH2  C Y N 320 
TRP OXT  O N N 321 
TRP H    H N N 322 
TRP H2   H N N 323 
TRP HA   H N N 324 
TRP HB2  H N N 325 
TRP HB3  H N N 326 
TRP HD1  H N N 327 
TRP HE1  H N N 328 
TRP HE3  H N N 329 
TRP HZ2  H N N 330 
TRP HZ3  H N N 331 
TRP HH2  H N N 332 
TRP HXT  H N N 333 
TYR N    N N N 334 
TYR CA   C N S 335 
TYR C    C N N 336 
TYR O    O N N 337 
TYR CB   C N N 338 
TYR CG   C Y N 339 
TYR CD1  C Y N 340 
TYR CD2  C Y N 341 
TYR CE1  C Y N 342 
TYR CE2  C Y N 343 
TYR CZ   C Y N 344 
TYR OH   O N N 345 
TYR OXT  O N N 346 
TYR H    H N N 347 
TYR H2   H N N 348 
TYR HA   H N N 349 
TYR HB2  H N N 350 
TYR HB3  H N N 351 
TYR HD1  H N N 352 
TYR HD2  H N N 353 
TYR HE1  H N N 354 
TYR HE2  H N N 355 
TYR HH   H N N 356 
TYR HXT  H N N 357 
VAL N    N N N 358 
VAL CA   C N S 359 
VAL C    C N N 360 
VAL O    O N N 361 
VAL CB   C N N 362 
VAL CG1  C N N 363 
VAL CG2  C N N 364 
VAL OXT  O N N 365 
VAL H    H N N 366 
VAL H2   H N N 367 
VAL HA   H N N 368 
VAL HB   H N N 369 
VAL HG11 H N N 370 
VAL HG12 H N N 371 
VAL HG13 H N N 372 
VAL HG21 H N N 373 
VAL HG22 H N N 374 
VAL HG23 H N N 375 
VAL HXT  H N N 376 
# 
loop_
_chem_comp_bond.comp_id 
_chem_comp_bond.atom_id_1 
_chem_comp_bond.atom_id_2 
_chem_comp_bond.value_order 
_chem_comp_bond.pdbx_aromatic_flag 
_chem_comp_bond.pdbx_stereo_config 
_chem_comp_bond.pdbx_ordinal 
ALA N   CA   sing N N 1   
ALA N   H    sing N N 2   
ALA N   H2   sing N N 3   
ALA CA  C    sing N N 4   
ALA CA  CB   sing N N 5   
ALA CA  HA   sing N N 6   
ALA C   O    doub N N 7   
ALA C   OXT  sing N N 8   
ALA CB  HB1  sing N N 9   
ALA CB  HB2  sing N N 10  
ALA CB  HB3  sing N N 11  
ALA OXT HXT  sing N N 12  
ARG N   CA   sing N N 13  
ARG N   H    sing N N 14  
ARG N   H2   sing N N 15  
ARG CA  C    sing N N 16  
ARG CA  CB   sing N N 17  
ARG CA  HA   sing N N 18  
ARG C   O    doub N N 19  
ARG C   OXT  sing N N 20  
ARG CB  CG   sing N N 21  
ARG CB  HB2  sing N N 22  
ARG CB  HB3  sing N N 23  
ARG CG  CD   sing N N 24  
ARG CG  HG2  sing N N 25  
ARG CG  HG3  sing N N 26  
ARG CD  NE   sing N N 27  
ARG CD  HD2  sing N N 28  
ARG CD  HD3  sing N N 29  
ARG NE  CZ   sing N N 30  
ARG NE  HE   sing N N 31  
ARG CZ  NH1  sing N N 32  
ARG CZ  NH2  doub N N 33  
ARG NH1 HH11 sing N N 34  
ARG NH1 HH12 sing N N 35  
ARG NH2 HH21 sing N N 36  
ARG NH2 HH22 sing N N 37  
ARG OXT HXT  sing N N 38  
ASN N   CA   sing N N 39  
ASN N   H    sing N N 40  
ASN N   H2   sing N N 41  
ASN CA  C    sing N N 42  
ASN CA  CB   sing N N 43  
ASN CA  HA   sing N N 44  
ASN C   O    doub N N 45  
ASN C   OXT  sing N N 46  
ASN CB  CG   sing N N 47  
ASN CB  HB2  sing N N 48  
ASN CB  HB3  sing N N 49  
ASN CG  OD1  doub N N 50  
ASN CG  ND2  sing N N 51  
ASN ND2 HD21 sing N N 52  
ASN ND2 HD22 sing N N 53  
ASN OXT HXT  sing N N 54  
ASP N   CA   sing N N 55  
ASP N   H    sing N N 56  
ASP N   H2   sing N N 57  
ASP CA  C    sing N N 58  
ASP CA  CB   sing N N 59  
ASP CA  HA   sing N N 60  
ASP C   O    doub N N 61  
ASP C   OXT  sing N N 62  
ASP CB  CG   sing N N 63  
ASP CB  HB2  sing N N 64  
ASP CB  HB3  sing N N 65  
ASP CG  OD1  doub N N 66  
ASP CG  OD2  sing N N 67  
ASP OD2 HD2  sing N N 68  
ASP OXT HXT  sing N N 69  
GLN N   CA   sing N N 70  
GLN N   H    sing N N 71  
GLN N   H2   sing N N 72  
GLN CA  C    sing N N 73  
GLN CA  CB   sing N N 74  
GLN CA  HA   sing N N 75  
GLN C   O    doub N N 76  
GLN C   OXT  sing N N 77  
GLN CB  CG   sing N N 78  
GLN CB  HB2  sing N N 79  
GLN CB  HB3  sing N N 80  
GLN CG  CD   sing N N 81  
GLN CG  HG2  sing N N 82  
GLN CG  HG3  sing N N 83  
GLN CD  OE1  doub N N 84  
GLN CD  NE2  sing N N 85  
GLN NE2 HE21 sing N N 86  
GLN NE2 HE22 sing N N 87  
GLN OXT HXT  sing N N 88  
GLU N   CA   sing N N 89  
GLU N   H    sing N N 90  
GLU N   H2   sing N N 91  
GLU CA  C    sing N N 92  
GLU CA  CB   sing N N 93  
GLU CA  HA   sing N N 94  
GLU C   O    doub N N 95  
GLU C   OXT  sing N N 96  
GLU CB  CG   sing N N 97  
GLU CB  HB2  sing N N 98  
GLU CB  HB3  sing N N 99  
GLU CG  CD   sing N N 100 
GLU CG  HG2  sing N N 101 
GLU CG  HG3  sing N N 102 
GLU CD  OE1  doub N N 103 
GLU CD  OE2  sing N N 104 
GLU OE2 HE2  sing N N 105 
GLU OXT HXT  sing N N 106 
GLY N   CA   sing N N 107 
GLY N   H    sing N N 108 
GLY N   H2   sing N N 109 
GLY CA  C    sing N N 110 
GLY CA  HA2  sing N N 111 
GLY CA  HA3  sing N N 112 
GLY C   O    doub N N 113 
GLY C   OXT  sing N N 114 
GLY OXT HXT  sing N N 115 
HIS N   CA   sing N N 116 
HIS N   H    sing N N 117 
HIS N   H2   sing N N 118 
HIS CA  C    sing N N 119 
HIS CA  CB   sing N N 120 
HIS CA  HA   sing N N 121 
HIS C   O    doub N N 122 
HIS C   OXT  sing N N 123 
HIS CB  CG   sing N N 124 
HIS CB  HB2  sing N N 125 
HIS CB  HB3  sing N N 126 
HIS CG  ND1  sing Y N 127 
HIS CG  CD2  doub Y N 128 
HIS ND1 CE1  doub Y N 129 
HIS ND1 HD1  sing N N 130 
HIS CD2 NE2  sing Y N 131 
HIS CD2 HD2  sing N N 132 
HIS CE1 NE2  sing Y N 133 
HIS CE1 HE1  sing N N 134 
HIS NE2 HE2  sing N N 135 
HIS OXT HXT  sing N N 136 
HOH O   H1   sing N N 137 
HOH O   H2   sing N N 138 
ILE N   CA   sing N N 139 
ILE N   H    sing N N 140 
ILE N   H2   sing N N 141 
ILE CA  C    sing N N 142 
ILE CA  CB   sing N N 143 
ILE CA  HA   sing N N 144 
ILE C   O    doub N N 145 
ILE C   OXT  sing N N 146 
ILE CB  CG1  sing N N 147 
ILE CB  CG2  sing N N 148 
ILE CB  HB   sing N N 149 
ILE CG1 CD1  sing N N 150 
ILE CG1 HG12 sing N N 151 
ILE CG1 HG13 sing N N 152 
ILE CG2 HG21 sing N N 153 
ILE CG2 HG22 sing N N 154 
ILE CG2 HG23 sing N N 155 
ILE CD1 HD11 sing N N 156 
ILE CD1 HD12 sing N N 157 
ILE CD1 HD13 sing N N 158 
ILE OXT HXT  sing N N 159 
LEU N   CA   sing N N 160 
LEU N   H    sing N N 161 
LEU N   H2   sing N N 162 
LEU CA  C    sing N N 163 
LEU CA  CB   sing N N 164 
LEU CA  HA   sing N N 165 
LEU C   O    doub N N 166 
LEU C   OXT  sing N N 167 
LEU CB  CG   sing N N 168 
LEU CB  HB2  sing N N 169 
LEU CB  HB3  sing N N 170 
LEU CG  CD1  sing N N 171 
LEU CG  CD2  sing N N 172 
LEU CG  HG   sing N N 173 
LEU CD1 HD11 sing N N 174 
LEU CD1 HD12 sing N N 175 
LEU CD1 HD13 sing N N 176 
LEU CD2 HD21 sing N N 177 
LEU CD2 HD22 sing N N 178 
LEU CD2 HD23 sing N N 179 
LEU OXT HXT  sing N N 180 
LYS N   CA   sing N N 181 
LYS N   H    sing N N 182 
LYS N   H2   sing N N 183 
LYS CA  C    sing N N 184 
LYS CA  CB   sing N N 185 
LYS CA  HA   sing N N 186 
LYS C   O    doub N N 187 
LYS C   OXT  sing N N 188 
LYS CB  CG   sing N N 189 
LYS CB  HB2  sing N N 190 
LYS CB  HB3  sing N N 191 
LYS CG  CD   sing N N 192 
LYS CG  HG2  sing N N 193 
LYS CG  HG3  sing N N 194 
LYS CD  CE   sing N N 195 
LYS CD  HD2  sing N N 196 
LYS CD  HD3  sing N N 197 
LYS CE  NZ   sing N N 198 
LYS CE  HE2  sing N N 199 
LYS CE  HE3  sing N N 200 
LYS NZ  HZ1  sing N N 201 
LYS NZ  HZ2  sing N N 202 
LYS NZ  HZ3  sing N N 203 
LYS OXT HXT  sing N N 204 
MET N   CA   sing N N 205 
MET N   H    sing N N 206 
MET N   H2   sing N N 207 
MET CA  C    sing N N 208 
MET CA  CB   sing N N 209 
MET CA  HA   sing N N 210 
MET C   O    doub N N 211 
MET C   OXT  sing N N 212 
MET CB  CG   sing N N 213 
MET CB  HB2  sing N N 214 
MET CB  HB3  sing N N 215 
MET CG  SD   sing N N 216 
MET CG  HG2  sing N N 217 
MET CG  HG3  sing N N 218 
MET SD  CE   sing N N 219 
MET CE  HE1  sing N N 220 
MET CE  HE2  sing N N 221 
MET CE  HE3  sing N N 222 
MET OXT HXT  sing N N 223 
PHE N   CA   sing N N 224 
PHE N   H    sing N N 225 
PHE N   H2   sing N N 226 
PHE CA  C    sing N N 227 
PHE CA  CB   sing N N 228 
PHE CA  HA   sing N N 229 
PHE C   O    doub N N 230 
PHE C   OXT  sing N N 231 
PHE CB  CG   sing N N 232 
PHE CB  HB2  sing N N 233 
PHE CB  HB3  sing N N 234 
PHE CG  CD1  doub Y N 235 
PHE CG  CD2  sing Y N 236 
PHE CD1 CE1  sing Y N 237 
PHE CD1 HD1  sing N N 238 
PHE CD2 CE2  doub Y N 239 
PHE CD2 HD2  sing N N 240 
PHE CE1 CZ   doub Y N 241 
PHE CE1 HE1  sing N N 242 
PHE CE2 CZ   sing Y N 243 
PHE CE2 HE2  sing N N 244 
PHE CZ  HZ   sing N N 245 
PHE OXT HXT  sing N N 246 
PRO N   CA   sing N N 247 
PRO N   CD   sing N N 248 
PRO N   H    sing N N 249 
PRO CA  C    sing N N 250 
PRO CA  CB   sing N N 251 
PRO CA  HA   sing N N 252 
PRO C   O    doub N N 253 
PRO C   OXT  sing N N 254 
PRO CB  CG   sing N N 255 
PRO CB  HB2  sing N N 256 
PRO CB  HB3  sing N N 257 
PRO CG  CD   sing N N 258 
PRO CG  HG2  sing N N 259 
PRO CG  HG3  sing N N 260 
PRO CD  HD2  sing N N 261 
PRO CD  HD3  sing N N 262 
PRO OXT HXT  sing N N 263 
SER N   CA   sing N N 264 
SER N   H    sing N N 265 
SER N   H2   sing N N 266 
SER CA  C    sing N N 267 
SER CA  CB   sing N N 268 
SER CA  HA   sing N N 269 
SER C   O    doub N N 270 
SER C   OXT  sing N N 271 
SER CB  OG   sing N N 272 
SER CB  HB2  sing N N 273 
SER CB  HB3  sing N N 274 
SER OG  HG   sing N N 275 
SER OXT HXT  sing N N 276 
THR N   CA   sing N N 277 
THR N   H    sing N N 278 
THR N   H2   sing N N 279 
THR CA  C    sing N N 280 
THR CA  CB   sing N N 281 
THR CA  HA   sing N N 282 
THR C   O    doub N N 283 
THR C   OXT  sing N N 284 
THR CB  OG1  sing N N 285 
THR CB  CG2  sing N N 286 
THR CB  HB   sing N N 287 
THR OG1 HG1  sing N N 288 
THR CG2 HG21 sing N N 289 
THR CG2 HG22 sing N N 290 
THR CG2 HG23 sing N N 291 
THR OXT HXT  sing N N 292 
TRP N   CA   sing N N 293 
TRP N   H    sing N N 294 
TRP N   H2   sing N N 295 
TRP CA  C    sing N N 296 
TRP CA  CB   sing N N 297 
TRP CA  HA   sing N N 298 
TRP C   O    doub N N 299 
TRP C   OXT  sing N N 300 
TRP CB  CG   sing N N 301 
TRP CB  HB2  sing N N 302 
TRP CB  HB3  sing N N 303 
TRP CG  CD1  doub Y N 304 
TRP CG  CD2  sing Y N 305 
TRP CD1 NE1  sing Y N 306 
TRP CD1 HD1  sing N N 307 
TRP CD2 CE2  doub Y N 308 
TRP CD2 CE3  sing Y N 309 
TRP NE1 CE2  sing Y N 310 
TRP NE1 HE1  sing N N 311 
TRP CE2 CZ2  sing Y N 312 
TRP CE3 CZ3  doub Y N 313 
TRP CE3 HE3  sing N N 314 
TRP CZ2 CH2  doub Y N 315 
TRP CZ2 HZ2  sing N N 316 
TRP CZ3 CH2  sing Y N 317 
TRP CZ3 HZ3  sing N N 318 
TRP CH2 HH2  sing N N 319 
TRP OXT HXT  sing N N 320 
TYR N   CA   sing N N 321 
TYR N   H    sing N N 322 
TYR N   H2   sing N N 323 
TYR CA  C    sing N N 324 
TYR CA  CB   sing N N 325 
TYR CA  HA   sing N N 326 
TYR C   O    doub N N 327 
TYR C   OXT  sing N N 328 
TYR CB  CG   sing N N 329 
TYR CB  HB2  sing N N 330 
TYR CB  HB3  sing N N 331 
TYR CG  CD1  doub Y N 332 
TYR CG  CD2  sing Y N 333 
TYR CD1 CE1  sing Y N 334 
TYR CD1 HD1  sing N N 335 
TYR CD2 CE2  doub Y N 336 
TYR CD2 HD2  sing N N 337 
TYR CE1 CZ   doub Y N 338 
TYR CE1 HE1  sing N N 339 
TYR CE2 CZ   sing Y N 340 
TYR CE2 HE2  sing N N 341 
TYR CZ  OH   sing N N 342 
TYR OH  HH   sing N N 343 
TYR OXT HXT  sing N N 344 
VAL N   CA   sing N N 345 
VAL N   H    sing N N 346 
VAL N   H2   sing N N 347 
VAL CA  C    sing N N 348 
VAL CA  CB   sing N N 349 
VAL CA  HA   sing N N 350 
VAL C   O    doub N N 351 
VAL C   OXT  sing N N 352 
VAL CB  CG1  sing N N 353 
VAL CB  CG2  sing N N 354 
VAL CB  HB   sing N N 355 
VAL CG1 HG11 sing N N 356 
VAL CG1 HG12 sing N N 357 
VAL CG1 HG13 sing N N 358 
VAL CG2 HG21 sing N N 359 
VAL CG2 HG22 sing N N 360 
VAL CG2 HG23 sing N N 361 
VAL OXT HXT  sing N N 362 
# 
_pdbx_entity_nonpoly.entity_id   3 
_pdbx_entity_nonpoly.name        water 
_pdbx_entity_nonpoly.comp_id     HOH 
# 
_pdbx_initial_refinement_model.id               1 
_pdbx_initial_refinement_model.entity_id_list   ? 
_pdbx_initial_refinement_model.type             'experimental model' 
_pdbx_initial_refinement_model.source_name      PDB 
_pdbx_initial_refinement_model.accession_code   1M5Y 
_pdbx_initial_refinement_model.details          'PDB ENTRY 1M5Y' 
# 
